data_3GUV
# 
_entry.id   3GUV 
# 
_audit_conform.dict_name       mmcif_pdbx.dic 
_audit_conform.dict_version    5.387 
_audit_conform.dict_location   http://mmcif.pdb.org/dictionaries/ascii/mmcif_pdbx.dic 
# 
loop_
_database_2.database_id 
_database_2.database_code 
_database_2.pdbx_database_accession 
_database_2.pdbx_DOI 
PDB   3GUV         pdb_00003guv 10.2210/pdb3guv/pdb 
RCSB  RCSB052335   ?            ?                   
WWPDB D_1000052335 ?            ?                   
# 
loop_
_pdbx_audit_revision_history.ordinal 
_pdbx_audit_revision_history.data_content_type 
_pdbx_audit_revision_history.major_revision 
_pdbx_audit_revision_history.minor_revision 
_pdbx_audit_revision_history.revision_date 
1 'Structure model' 1 0 2009-04-07 
2 'Structure model' 1 1 2011-07-13 
3 'Structure model' 1 2 2017-11-01 
4 'Structure model' 1 3 2018-11-21 
5 'Structure model' 1 4 2021-02-10 
6 'Structure model' 1 5 2024-02-21 
# 
_pdbx_audit_revision_details.ordinal             1 
_pdbx_audit_revision_details.revision_ordinal    1 
_pdbx_audit_revision_details.data_content_type   'Structure model' 
_pdbx_audit_revision_details.provider            repository 
_pdbx_audit_revision_details.type                'Initial release' 
_pdbx_audit_revision_details.description         ? 
_pdbx_audit_revision_details.details             ? 
# 
loop_
_pdbx_audit_revision_group.ordinal 
_pdbx_audit_revision_group.revision_ordinal 
_pdbx_audit_revision_group.data_content_type 
_pdbx_audit_revision_group.group 
1  2 'Structure model' Advisory                    
2  2 'Structure model' 'Source and taxonomy'       
3  2 'Structure model' 'Version format compliance' 
4  3 'Structure model' 'Refinement description'    
5  4 'Structure model' 'Data collection'           
6  4 'Structure model' 'Structure summary'         
7  5 'Structure model' 'Database references'       
8  5 'Structure model' 'Structure summary'         
9  6 'Structure model' 'Data collection'           
10 6 'Structure model' 'Database references'       
# 
loop_
_pdbx_audit_revision_category.ordinal 
_pdbx_audit_revision_category.revision_ordinal 
_pdbx_audit_revision_category.data_content_type 
_pdbx_audit_revision_category.category 
1 3 'Structure model' software        
2 4 'Structure model' audit_author    
3 5 'Structure model' audit_author    
4 5 'Structure model' citation_author 
5 6 'Structure model' chem_comp_atom  
6 6 'Structure model' chem_comp_bond  
7 6 'Structure model' database_2      
# 
loop_
_pdbx_audit_revision_item.ordinal 
_pdbx_audit_revision_item.revision_ordinal 
_pdbx_audit_revision_item.data_content_type 
_pdbx_audit_revision_item.item 
1 4 'Structure model' '_audit_author.identifier_ORCID'      
2 5 'Structure model' '_audit_author.identifier_ORCID'      
3 5 'Structure model' '_citation_author.identifier_ORCID'   
4 6 'Structure model' '_database_2.pdbx_DOI'                
5 6 'Structure model' '_database_2.pdbx_database_accession' 
# 
_pdbx_database_status.entry_id                        3GUV 
_pdbx_database_status.deposit_site                    RCSB 
_pdbx_database_status.process_site                    RCSB 
_pdbx_database_status.recvd_initial_deposition_date   2009-03-30 
_pdbx_database_status.status_code                     REL 
_pdbx_database_status.status_code_sf                  REL 
_pdbx_database_status.status_code_mr                  ? 
_pdbx_database_status.SG_entry                        Y 
_pdbx_database_status.pdb_format_compatible           Y 
_pdbx_database_status.status_code_cs                  ? 
_pdbx_database_status.methods_development_category    ? 
_pdbx_database_status.status_code_nmr_data            ? 
# 
_pdbx_database_related.db_name        TargetDB 
_pdbx_database_related.db_id          NYSGXRC-11223c 
_pdbx_database_related.details        . 
_pdbx_database_related.content_type   unspecified 
# 
loop_
_audit_author.name 
_audit_author.pdbx_ordinal 
_audit_author.identifier_ORCID 
'Bonanno, J.B.'                                                  1  ?                   
'Freeman, J.'                                                    2  ?                   
'Bain, K.T.'                                                     3  ?                   
'Do, J.'                                                         4  ?                   
'Sampathkumar, P.'                                               5  ?                   
'Wasserman, S.'                                                  6  ?                   
'Sauder, J.M.'                                                   7  0000-0002-0254-4955 
'Burley, S.K.'                                                   8  0000-0002-2487-9713 
'Almo, S.C.'                                                     9  ?                   
'New York SGX Research Center for Structural Genomics (NYSGXRC)' 10 ?                   
# 
_citation.id                        primary 
_citation.title                     
'Crystal structure of a resolvase family site-specific recombinase from Streptococcus pneumoniae' 
_citation.journal_abbrev            'To be Published' 
_citation.journal_volume            ? 
_citation.page_first                ? 
_citation.page_last                 ? 
_citation.year                      ? 
_citation.journal_id_ASTM           ? 
_citation.country                   ? 
_citation.journal_id_ISSN           ? 
_citation.journal_id_CSD            0353 
_citation.book_publisher            ? 
_citation.pdbx_database_id_PubMed   ? 
_citation.pdbx_database_id_DOI      ? 
# 
loop_
_citation_author.citation_id 
_citation_author.name 
_citation_author.ordinal 
_citation_author.identifier_ORCID 
primary 'Bonanno, J.B.'    1 ?                   
primary 'Freeman, J.'      2 ?                   
primary 'Bain, K.T.'       3 ?                   
primary 'Do, J.'           4 ?                   
primary 'Sampathkumar, P.' 5 ?                   
primary 'Wasserman, S.'    6 ?                   
primary 'Sauder, J.M.'     7 ?                   
primary 'Burley, S.K.'     8 0000-0002-2487-9713 
primary 'Almo, S.C.'       9 ?                   
# 
loop_
_entity.id 
_entity.type 
_entity.src_method 
_entity.pdbx_description 
_entity.formula_weight 
_entity.pdbx_number_of_molecules 
_entity.pdbx_ec 
_entity.pdbx_mutation 
_entity.pdbx_fragment 
_entity.details 
1 polymer man 'Site-specific recombinase, resolvase family protein' 18878.541 1  ? ? ? ? 
2 water   nat water                                                 18.015    30 ? ? ? ? 
# 
_entity_poly.entity_id                      1 
_entity_poly.type                           'polypeptide(L)' 
_entity_poly.nstd_linkage                   no 
_entity_poly.nstd_monomer                   no 
_entity_poly.pdbx_seq_one_letter_code       
;MSLKIKVYLYTRVSTSIQIEGYSLEAQKSRMKAFAIYNDYEIVGEYEDAGKSGKSIEGRIQFNRMMEDIKSGKDGVSFVL
VFKLSRFARNAADVLSTLQIMQDYGVNLICVEDGIDSSKDAGKLMISVLSAVAEIERENIRIQTMEGCIQKAREGKWNGE
GHHHHHH
;
_entity_poly.pdbx_seq_one_letter_code_can   
;MSLKIKVYLYTRVSTSIQIEGYSLEAQKSRMKAFAIYNDYEIVGEYEDAGKSGKSIEGRIQFNRMMEDIKSGKDGVSFVL
VFKLSRFARNAADVLSTLQIMQDYGVNLICVEDGIDSSKDAGKLMISVLSAVAEIERENIRIQTMEGCIQKAREGKWNGE
GHHHHHH
;
_entity_poly.pdbx_strand_id                 A 
_entity_poly.pdbx_target_identifier         NYSGXRC-11223c 
# 
_pdbx_entity_nonpoly.entity_id   2 
_pdbx_entity_nonpoly.name        water 
_pdbx_entity_nonpoly.comp_id     HOH 
# 
loop_
_entity_poly_seq.entity_id 
_entity_poly_seq.num 
_entity_poly_seq.mon_id 
_entity_poly_seq.hetero 
1 1   MET n 
1 2   SER n 
1 3   LEU n 
1 4   LYS n 
1 5   ILE n 
1 6   LYS n 
1 7   VAL n 
1 8   TYR n 
1 9   LEU n 
1 10  TYR n 
1 11  THR n 
1 12  ARG n 
1 13  VAL n 
1 14  SER n 
1 15  THR n 
1 16  SER n 
1 17  ILE n 
1 18  GLN n 
1 19  ILE n 
1 20  GLU n 
1 21  GLY n 
1 22  TYR n 
1 23  SER n 
1 24  LEU n 
1 25  GLU n 
1 26  ALA n 
1 27  GLN n 
1 28  LYS n 
1 29  SER n 
1 30  ARG n 
1 31  MET n 
1 32  LYS n 
1 33  ALA n 
1 34  PHE n 
1 35  ALA n 
1 36  ILE n 
1 37  TYR n 
1 38  ASN n 
1 39  ASP n 
1 40  TYR n 
1 41  GLU n 
1 42  ILE n 
1 43  VAL n 
1 44  GLY n 
1 45  GLU n 
1 46  TYR n 
1 47  GLU n 
1 48  ASP n 
1 49  ALA n 
1 50  GLY n 
1 51  LYS n 
1 52  SER n 
1 53  GLY n 
1 54  LYS n 
1 55  SER n 
1 56  ILE n 
1 57  GLU n 
1 58  GLY n 
1 59  ARG n 
1 60  ILE n 
1 61  GLN n 
1 62  PHE n 
1 63  ASN n 
1 64  ARG n 
1 65  MET n 
1 66  MET n 
1 67  GLU n 
1 68  ASP n 
1 69  ILE n 
1 70  LYS n 
1 71  SER n 
1 72  GLY n 
1 73  LYS n 
1 74  ASP n 
1 75  GLY n 
1 76  VAL n 
1 77  SER n 
1 78  PHE n 
1 79  VAL n 
1 80  LEU n 
1 81  VAL n 
1 82  PHE n 
1 83  LYS n 
1 84  LEU n 
1 85  SER n 
1 86  ARG n 
1 87  PHE n 
1 88  ALA n 
1 89  ARG n 
1 90  ASN n 
1 91  ALA n 
1 92  ALA n 
1 93  ASP n 
1 94  VAL n 
1 95  LEU n 
1 96  SER n 
1 97  THR n 
1 98  LEU n 
1 99  GLN n 
1 100 ILE n 
1 101 MET n 
1 102 GLN n 
1 103 ASP n 
1 104 TYR n 
1 105 GLY n 
1 106 VAL n 
1 107 ASN n 
1 108 LEU n 
1 109 ILE n 
1 110 CYS n 
1 111 VAL n 
1 112 GLU n 
1 113 ASP n 
1 114 GLY n 
1 115 ILE n 
1 116 ASP n 
1 117 SER n 
1 118 SER n 
1 119 LYS n 
1 120 ASP n 
1 121 ALA n 
1 122 GLY n 
1 123 LYS n 
1 124 LEU n 
1 125 MET n 
1 126 ILE n 
1 127 SER n 
1 128 VAL n 
1 129 LEU n 
1 130 SER n 
1 131 ALA n 
1 132 VAL n 
1 133 ALA n 
1 134 GLU n 
1 135 ILE n 
1 136 GLU n 
1 137 ARG n 
1 138 GLU n 
1 139 ASN n 
1 140 ILE n 
1 141 ARG n 
1 142 ILE n 
1 143 GLN n 
1 144 THR n 
1 145 MET n 
1 146 GLU n 
1 147 GLY n 
1 148 CYS n 
1 149 ILE n 
1 150 GLN n 
1 151 LYS n 
1 152 ALA n 
1 153 ARG n 
1 154 GLU n 
1 155 GLY n 
1 156 LYS n 
1 157 TRP n 
1 158 ASN n 
1 159 GLY n 
1 160 GLU n 
1 161 GLY n 
1 162 HIS n 
1 163 HIS n 
1 164 HIS n 
1 165 HIS n 
1 166 HIS n 
1 167 HIS n 
# 
_entity_src_gen.entity_id                          1 
_entity_src_gen.pdbx_src_id                        1 
_entity_src_gen.pdbx_alt_source_flag               sample 
_entity_src_gen.pdbx_seq_type                      ? 
_entity_src_gen.pdbx_beg_seq_num                   ? 
_entity_src_gen.pdbx_end_seq_num                   ? 
_entity_src_gen.gene_src_common_name               ? 
_entity_src_gen.gene_src_genus                     ? 
_entity_src_gen.pdbx_gene_src_gene                 CGSSp19BS75_09893 
_entity_src_gen.gene_src_species                   ? 
_entity_src_gen.gene_src_strain                    SP19-BS75 
_entity_src_gen.gene_src_tissue                    ? 
_entity_src_gen.gene_src_tissue_fraction           ? 
_entity_src_gen.gene_src_details                   ? 
_entity_src_gen.pdbx_gene_src_fragment             ? 
_entity_src_gen.pdbx_gene_src_scientific_name      'Streptococcus pneumoniae' 
_entity_src_gen.pdbx_gene_src_ncbi_taxonomy_id     406562 
_entity_src_gen.pdbx_gene_src_variant              ? 
_entity_src_gen.pdbx_gene_src_cell_line            ? 
_entity_src_gen.pdbx_gene_src_atcc                 ? 
_entity_src_gen.pdbx_gene_src_organ                ? 
_entity_src_gen.pdbx_gene_src_organelle            ? 
_entity_src_gen.pdbx_gene_src_cell                 ? 
_entity_src_gen.pdbx_gene_src_cellular_location    ? 
_entity_src_gen.host_org_common_name               ? 
_entity_src_gen.pdbx_host_org_scientific_name      'Escherichia coli' 
_entity_src_gen.pdbx_host_org_ncbi_taxonomy_id     562 
_entity_src_gen.host_org_genus                     ? 
_entity_src_gen.pdbx_host_org_gene                 ? 
_entity_src_gen.pdbx_host_org_organ                ? 
_entity_src_gen.host_org_species                   ? 
_entity_src_gen.pdbx_host_org_tissue               ? 
_entity_src_gen.pdbx_host_org_tissue_fraction      ? 
_entity_src_gen.pdbx_host_org_strain               'BL21(DE3)' 
_entity_src_gen.pdbx_host_org_variant              ? 
_entity_src_gen.pdbx_host_org_cell_line            ? 
_entity_src_gen.pdbx_host_org_atcc                 ? 
_entity_src_gen.pdbx_host_org_culture_collection   ? 
_entity_src_gen.pdbx_host_org_cell                 ? 
_entity_src_gen.pdbx_host_org_organelle            ? 
_entity_src_gen.pdbx_host_org_cellular_location    ? 
_entity_src_gen.pdbx_host_org_vector_type          plasmid 
_entity_src_gen.pdbx_host_org_vector               ? 
_entity_src_gen.host_org_details                   ? 
_entity_src_gen.expression_system_id               ? 
_entity_src_gen.plasmid_name                       'modified pET26' 
_entity_src_gen.plasmid_details                    ? 
_entity_src_gen.pdbx_description                   ? 
# 
loop_
_chem_comp.id 
_chem_comp.type 
_chem_comp.mon_nstd_flag 
_chem_comp.name 
_chem_comp.pdbx_synonyms 
_chem_comp.formula 
_chem_comp.formula_weight 
ALA 'L-peptide linking' y ALANINE         ? 'C3 H7 N O2'     89.093  
ARG 'L-peptide linking' y ARGININE        ? 'C6 H15 N4 O2 1' 175.209 
ASN 'L-peptide linking' y ASPARAGINE      ? 'C4 H8 N2 O3'    132.118 
ASP 'L-peptide linking' y 'ASPARTIC ACID' ? 'C4 H7 N O4'     133.103 
CYS 'L-peptide linking' y CYSTEINE        ? 'C3 H7 N O2 S'   121.158 
GLN 'L-peptide linking' y GLUTAMINE       ? 'C5 H10 N2 O3'   146.144 
GLU 'L-peptide linking' y 'GLUTAMIC ACID' ? 'C5 H9 N O4'     147.129 
GLY 'peptide linking'   y GLYCINE         ? 'C2 H5 N O2'     75.067  
HIS 'L-peptide linking' y HISTIDINE       ? 'C6 H10 N3 O2 1' 156.162 
HOH non-polymer         . WATER           ? 'H2 O'           18.015  
ILE 'L-peptide linking' y ISOLEUCINE      ? 'C6 H13 N O2'    131.173 
LEU 'L-peptide linking' y LEUCINE         ? 'C6 H13 N O2'    131.173 
LYS 'L-peptide linking' y LYSINE          ? 'C6 H15 N2 O2 1' 147.195 
MET 'L-peptide linking' y METHIONINE      ? 'C5 H11 N O2 S'  149.211 
PHE 'L-peptide linking' y PHENYLALANINE   ? 'C9 H11 N O2'    165.189 
SER 'L-peptide linking' y SERINE          ? 'C3 H7 N O3'     105.093 
THR 'L-peptide linking' y THREONINE       ? 'C4 H9 N O3'     119.119 
TRP 'L-peptide linking' y TRYPTOPHAN      ? 'C11 H12 N2 O2'  204.225 
TYR 'L-peptide linking' y TYROSINE        ? 'C9 H11 N O3'    181.189 
VAL 'L-peptide linking' y VALINE          ? 'C5 H11 N O2'    117.146 
# 
loop_
_pdbx_poly_seq_scheme.asym_id 
_pdbx_poly_seq_scheme.entity_id 
_pdbx_poly_seq_scheme.seq_id 
_pdbx_poly_seq_scheme.mon_id 
_pdbx_poly_seq_scheme.ndb_seq_num 
_pdbx_poly_seq_scheme.pdb_seq_num 
_pdbx_poly_seq_scheme.auth_seq_num 
_pdbx_poly_seq_scheme.pdb_mon_id 
_pdbx_poly_seq_scheme.auth_mon_id 
_pdbx_poly_seq_scheme.pdb_strand_id 
_pdbx_poly_seq_scheme.pdb_ins_code 
_pdbx_poly_seq_scheme.hetero 
A 1 1   MET 1   2   ?   ?   ?   A . n 
A 1 2   SER 2   3   ?   ?   ?   A . n 
A 1 3   LEU 3   4   ?   ?   ?   A . n 
A 1 4   LYS 4   5   5   LYS LYS A . n 
A 1 5   ILE 5   6   6   ILE ILE A . n 
A 1 6   LYS 6   7   7   LYS LYS A . n 
A 1 7   VAL 7   8   8   VAL VAL A . n 
A 1 8   TYR 8   9   9   TYR TYR A . n 
A 1 9   LEU 9   10  10  LEU LEU A . n 
A 1 10  TYR 10  11  11  TYR TYR A . n 
A 1 11  THR 11  12  12  THR THR A . n 
A 1 12  ARG 12  13  13  ARG ARG A . n 
A 1 13  VAL 13  14  14  VAL VAL A . n 
A 1 14  SER 14  15  15  SER SER A . n 
A 1 15  THR 15  16  16  THR THR A . n 
A 1 16  SER 16  17  17  SER SER A . n 
A 1 17  ILE 17  18  18  ILE ILE A . n 
A 1 18  GLN 18  19  19  GLN GLN A . n 
A 1 19  ILE 19  20  20  ILE ILE A . n 
A 1 20  GLU 20  21  21  GLU GLU A . n 
A 1 21  GLY 21  22  22  GLY GLY A . n 
A 1 22  TYR 22  23  23  TYR TYR A . n 
A 1 23  SER 23  24  24  SER SER A . n 
A 1 24  LEU 24  25  25  LEU LEU A . n 
A 1 25  GLU 25  26  26  GLU GLU A . n 
A 1 26  ALA 26  27  27  ALA ALA A . n 
A 1 27  GLN 27  28  28  GLN GLN A . n 
A 1 28  LYS 28  29  29  LYS LYS A . n 
A 1 29  SER 29  30  30  SER SER A . n 
A 1 30  ARG 30  31  31  ARG ARG A . n 
A 1 31  MET 31  32  32  MET MET A . n 
A 1 32  LYS 32  33  33  LYS LYS A . n 
A 1 33  ALA 33  34  34  ALA ALA A . n 
A 1 34  PHE 34  35  35  PHE PHE A . n 
A 1 35  ALA 35  36  36  ALA ALA A . n 
A 1 36  ILE 36  37  37  ILE ILE A . n 
A 1 37  TYR 37  38  38  TYR TYR A . n 
A 1 38  ASN 38  39  39  ASN ASN A . n 
A 1 39  ASP 39  40  40  ASP ASP A . n 
A 1 40  TYR 40  41  41  TYR TYR A . n 
A 1 41  GLU 41  42  42  GLU GLU A . n 
A 1 42  ILE 42  43  43  ILE ILE A . n 
A 1 43  VAL 43  44  44  VAL VAL A . n 
A 1 44  GLY 44  45  45  GLY GLY A . n 
A 1 45  GLU 45  46  46  GLU GLU A . n 
A 1 46  TYR 46  47  47  TYR TYR A . n 
A 1 47  GLU 47  48  48  GLU GLU A . n 
A 1 48  ASP 48  49  49  ASP ASP A . n 
A 1 49  ALA 49  50  50  ALA ALA A . n 
A 1 50  GLY 50  51  51  GLY GLY A . n 
A 1 51  LYS 51  52  52  LYS LYS A . n 
A 1 52  SER 52  53  53  SER SER A . n 
A 1 53  GLY 53  54  54  GLY GLY A . n 
A 1 54  LYS 54  55  55  LYS LYS A . n 
A 1 55  SER 55  56  56  SER SER A . n 
A 1 56  ILE 56  57  57  ILE ILE A . n 
A 1 57  GLU 57  58  58  GLU GLU A . n 
A 1 58  GLY 58  59  59  GLY GLY A . n 
A 1 59  ARG 59  60  60  ARG ARG A . n 
A 1 60  ILE 60  61  61  ILE ILE A . n 
A 1 61  GLN 61  62  62  GLN GLN A . n 
A 1 62  PHE 62  63  63  PHE PHE A . n 
A 1 63  ASN 63  64  64  ASN ASN A . n 
A 1 64  ARG 64  65  65  ARG ARG A . n 
A 1 65  MET 65  66  66  MET MET A . n 
A 1 66  MET 66  67  67  MET MET A . n 
A 1 67  GLU 67  68  68  GLU GLU A . n 
A 1 68  ASP 68  69  69  ASP ASP A . n 
A 1 69  ILE 69  70  70  ILE ILE A . n 
A 1 70  LYS 70  71  71  LYS LYS A . n 
A 1 71  SER 71  72  72  SER SER A . n 
A 1 72  GLY 72  73  73  GLY GLY A . n 
A 1 73  LYS 73  74  74  LYS LYS A . n 
A 1 74  ASP 74  75  75  ASP ASP A . n 
A 1 75  GLY 75  76  76  GLY GLY A . n 
A 1 76  VAL 76  77  77  VAL VAL A . n 
A 1 77  SER 77  78  78  SER SER A . n 
A 1 78  PHE 78  79  79  PHE PHE A . n 
A 1 79  VAL 79  80  80  VAL VAL A . n 
A 1 80  LEU 80  81  81  LEU LEU A . n 
A 1 81  VAL 81  82  82  VAL VAL A . n 
A 1 82  PHE 82  83  83  PHE PHE A . n 
A 1 83  LYS 83  84  84  LYS LYS A . n 
A 1 84  LEU 84  85  85  LEU LEU A . n 
A 1 85  SER 85  86  86  SER SER A . n 
A 1 86  ARG 86  87  87  ARG ARG A . n 
A 1 87  PHE 87  88  88  PHE PHE A . n 
A 1 88  ALA 88  89  89  ALA ALA A . n 
A 1 89  ARG 89  90  90  ARG ARG A . n 
A 1 90  ASN 90  91  91  ASN ASN A . n 
A 1 91  ALA 91  92  92  ALA ALA A . n 
A 1 92  ALA 92  93  93  ALA ALA A . n 
A 1 93  ASP 93  94  94  ASP ASP A . n 
A 1 94  VAL 94  95  95  VAL VAL A . n 
A 1 95  LEU 95  96  96  LEU LEU A . n 
A 1 96  SER 96  97  97  SER SER A . n 
A 1 97  THR 97  98  98  THR THR A . n 
A 1 98  LEU 98  99  99  LEU LEU A . n 
A 1 99  GLN 99  100 100 GLN GLN A . n 
A 1 100 ILE 100 101 101 ILE ILE A . n 
A 1 101 MET 101 102 102 MET MET A . n 
A 1 102 GLN 102 103 103 GLN GLN A . n 
A 1 103 ASP 103 104 104 ASP ASP A . n 
A 1 104 TYR 104 105 105 TYR TYR A . n 
A 1 105 GLY 105 106 106 GLY GLY A . n 
A 1 106 VAL 106 107 107 VAL VAL A . n 
A 1 107 ASN 107 108 108 ASN ASN A . n 
A 1 108 LEU 108 109 109 LEU LEU A . n 
A 1 109 ILE 109 110 110 ILE ILE A . n 
A 1 110 CYS 110 111 111 CYS CYS A . n 
A 1 111 VAL 111 112 112 VAL VAL A . n 
A 1 112 GLU 112 113 113 GLU GLU A . n 
A 1 113 ASP 113 114 114 ASP ASP A . n 
A 1 114 GLY 114 115 115 GLY GLY A . n 
A 1 115 ILE 115 116 116 ILE ILE A . n 
A 1 116 ASP 116 117 117 ASP ASP A . n 
A 1 117 SER 117 118 118 SER SER A . n 
A 1 118 SER 118 119 119 SER SER A . n 
A 1 119 LYS 119 120 120 LYS LYS A . n 
A 1 120 ASP 120 121 121 ASP ASP A . n 
A 1 121 ALA 121 122 ?   ?   ?   A . n 
A 1 122 GLY 122 123 ?   ?   ?   A . n 
A 1 123 LYS 123 124 124 LYS LYS A . n 
A 1 124 LEU 124 125 125 LEU LEU A . n 
A 1 125 MET 125 126 126 MET MET A . n 
A 1 126 ILE 126 127 127 ILE ILE A . n 
A 1 127 SER 127 128 128 SER SER A . n 
A 1 128 VAL 128 129 129 VAL VAL A . n 
A 1 129 LEU 129 130 130 LEU LEU A . n 
A 1 130 SER 130 131 131 SER SER A . n 
A 1 131 ALA 131 132 132 ALA ALA A . n 
A 1 132 VAL 132 133 133 VAL VAL A . n 
A 1 133 ALA 133 134 134 ALA ALA A . n 
A 1 134 GLU 134 135 135 GLU GLU A . n 
A 1 135 ILE 135 136 136 ILE ILE A . n 
A 1 136 GLU 136 137 137 GLU GLU A . n 
A 1 137 ARG 137 138 138 ARG ARG A . n 
A 1 138 GLU 138 139 139 GLU GLU A . n 
A 1 139 ASN 139 140 140 ASN ASN A . n 
A 1 140 ILE 140 141 141 ILE ILE A . n 
A 1 141 ARG 141 142 142 ARG ARG A . n 
A 1 142 ILE 142 143 143 ILE ILE A . n 
A 1 143 GLN 143 144 144 GLN GLN A . n 
A 1 144 THR 144 145 145 THR THR A . n 
A 1 145 MET 145 146 146 MET MET A . n 
A 1 146 GLU 146 147 147 GLU GLU A . n 
A 1 147 GLY 147 148 148 GLY GLY A . n 
A 1 148 CYS 148 149 149 CYS CYS A . n 
A 1 149 ILE 149 150 150 ILE ILE A . n 
A 1 150 GLN 150 151 151 GLN GLN A . n 
A 1 151 LYS 151 152 152 LYS LYS A . n 
A 1 152 ALA 152 153 153 ALA ALA A . n 
A 1 153 ARG 153 154 154 ARG ARG A . n 
A 1 154 GLU 154 155 155 GLU GLU A . n 
A 1 155 GLY 155 156 ?   ?   ?   A . n 
A 1 156 LYS 156 157 ?   ?   ?   A . n 
A 1 157 TRP 157 158 ?   ?   ?   A . n 
A 1 158 ASN 158 159 ?   ?   ?   A . n 
A 1 159 GLY 159 160 ?   ?   ?   A . n 
A 1 160 GLU 160 161 ?   ?   ?   A . n 
A 1 161 GLY 161 162 ?   ?   ?   A . n 
A 1 162 HIS 162 163 ?   ?   ?   A . n 
A 1 163 HIS 163 164 ?   ?   ?   A . n 
A 1 164 HIS 164 165 ?   ?   ?   A . n 
A 1 165 HIS 165 166 ?   ?   ?   A . n 
A 1 166 HIS 166 167 ?   ?   ?   A . n 
A 1 167 HIS 167 168 ?   ?   ?   A . n 
# 
loop_
_pdbx_nonpoly_scheme.asym_id 
_pdbx_nonpoly_scheme.entity_id 
_pdbx_nonpoly_scheme.mon_id 
_pdbx_nonpoly_scheme.ndb_seq_num 
_pdbx_nonpoly_scheme.pdb_seq_num 
_pdbx_nonpoly_scheme.auth_seq_num 
_pdbx_nonpoly_scheme.pdb_mon_id 
_pdbx_nonpoly_scheme.auth_mon_id 
_pdbx_nonpoly_scheme.pdb_strand_id 
_pdbx_nonpoly_scheme.pdb_ins_code 
B 2 HOH 1  1   1  HOH HOH A . 
B 2 HOH 2  169 2  HOH HOH A . 
B 2 HOH 3  170 3  HOH HOH A . 
B 2 HOH 4  171 5  HOH HOH A . 
B 2 HOH 5  172 6  HOH HOH A . 
B 2 HOH 6  173 7  HOH HOH A . 
B 2 HOH 7  174 9  HOH HOH A . 
B 2 HOH 8  175 10 HOH HOH A . 
B 2 HOH 9  176 12 HOH HOH A . 
B 2 HOH 10 177 13 HOH HOH A . 
B 2 HOH 11 178 15 HOH HOH A . 
B 2 HOH 12 179 17 HOH HOH A . 
B 2 HOH 13 180 18 HOH HOH A . 
B 2 HOH 14 181 19 HOH HOH A . 
B 2 HOH 15 182 22 HOH HOH A . 
B 2 HOH 16 183 24 HOH HOH A . 
B 2 HOH 17 184 25 HOH HOH A . 
B 2 HOH 18 185 27 HOH HOH A . 
B 2 HOH 19 186 32 HOH HOH A . 
B 2 HOH 20 187 37 HOH HOH A . 
B 2 HOH 21 188 38 HOH HOH A . 
B 2 HOH 22 189 40 HOH HOH A . 
B 2 HOH 23 190 41 HOH HOH A . 
B 2 HOH 24 191 42 HOH HOH A . 
B 2 HOH 25 192 48 HOH HOH A . 
B 2 HOH 26 193 50 HOH HOH A . 
B 2 HOH 27 194 63 HOH HOH A . 
B 2 HOH 28 195 76 HOH HOH A . 
B 2 HOH 29 196 78 HOH HOH A . 
B 2 HOH 30 197 83 HOH HOH A . 
# 
loop_
_pdbx_unobs_or_zero_occ_atoms.id 
_pdbx_unobs_or_zero_occ_atoms.PDB_model_num 
_pdbx_unobs_or_zero_occ_atoms.polymer_flag 
_pdbx_unobs_or_zero_occ_atoms.occupancy_flag 
_pdbx_unobs_or_zero_occ_atoms.auth_asym_id 
_pdbx_unobs_or_zero_occ_atoms.auth_comp_id 
_pdbx_unobs_or_zero_occ_atoms.auth_seq_id 
_pdbx_unobs_or_zero_occ_atoms.PDB_ins_code 
_pdbx_unobs_or_zero_occ_atoms.auth_atom_id 
_pdbx_unobs_or_zero_occ_atoms.label_alt_id 
_pdbx_unobs_or_zero_occ_atoms.label_asym_id 
_pdbx_unobs_or_zero_occ_atoms.label_comp_id 
_pdbx_unobs_or_zero_occ_atoms.label_seq_id 
_pdbx_unobs_or_zero_occ_atoms.label_atom_id 
1  1 Y 1 A TYR 38  ? CG  ? A TYR 37  CG  
2  1 Y 1 A TYR 38  ? CD1 ? A TYR 37  CD1 
3  1 Y 1 A TYR 38  ? CD2 ? A TYR 37  CD2 
4  1 Y 1 A TYR 38  ? CE1 ? A TYR 37  CE1 
5  1 Y 1 A TYR 38  ? CE2 ? A TYR 37  CE2 
6  1 Y 1 A TYR 38  ? CZ  ? A TYR 37  CZ  
7  1 Y 1 A TYR 38  ? OH  ? A TYR 37  OH  
8  1 Y 1 A SER 56  ? OG  ? A SER 55  OG  
9  1 Y 1 A ARG 90  ? CG  ? A ARG 89  CG  
10 1 Y 1 A ARG 90  ? CD  ? A ARG 89  CD  
11 1 Y 1 A ARG 90  ? NE  ? A ARG 89  NE  
12 1 Y 1 A ARG 90  ? CZ  ? A ARG 89  CZ  
13 1 Y 1 A ARG 90  ? NH1 ? A ARG 89  NH1 
14 1 Y 1 A ARG 90  ? NH2 ? A ARG 89  NH2 
15 1 Y 1 A LYS 124 ? CG  ? A LYS 123 CG  
16 1 Y 1 A LYS 124 ? CD  ? A LYS 123 CD  
17 1 Y 1 A LYS 124 ? CE  ? A LYS 123 CE  
18 1 Y 1 A LYS 124 ? NZ  ? A LYS 123 NZ  
19 1 Y 1 A GLU 135 ? CG  ? A GLU 134 CG  
20 1 Y 1 A GLU 135 ? CD  ? A GLU 134 CD  
21 1 Y 1 A GLU 135 ? OE1 ? A GLU 134 OE1 
22 1 Y 1 A GLU 135 ? OE2 ? A GLU 134 OE2 
23 1 Y 1 A GLN 151 ? CG  ? A GLN 150 CG  
24 1 Y 1 A GLN 151 ? CD  ? A GLN 150 CD  
25 1 Y 1 A GLN 151 ? OE1 ? A GLN 150 OE1 
26 1 Y 1 A GLN 151 ? NE2 ? A GLN 150 NE2 
27 1 Y 1 A LYS 152 ? CG  ? A LYS 151 CG  
28 1 Y 1 A LYS 152 ? CD  ? A LYS 151 CD  
29 1 Y 1 A LYS 152 ? CE  ? A LYS 151 CE  
30 1 Y 1 A LYS 152 ? NZ  ? A LYS 151 NZ  
31 1 Y 1 A GLU 155 ? CG  ? A GLU 154 CG  
32 1 Y 1 A GLU 155 ? CD  ? A GLU 154 CD  
33 1 Y 1 A GLU 155 ? OE1 ? A GLU 154 OE1 
34 1 Y 1 A GLU 155 ? OE2 ? A GLU 154 OE2 
# 
loop_
_software.name 
_software.version 
_software.date 
_software.type 
_software.contact_author 
_software.contact_author_email 
_software.classification 
_software.location 
_software.language 
_software.citation_id 
_software.pdbx_ordinal 
SCALA       3.2.19 22/12/2005      other   'Phil R. Evans'      pre@mrc-lmb.cam.ac.uk 'data scaling'    
http://www.ccp4.ac.uk/dist/html/scala.html   Fortran_77 ? 1 
REFMAC      .      ?               program 'Garib N. Murshudov' garib@ysbl.york.ac.uk refinement        
http://www.ccp4.ac.uk/dist/html/refmac5.html Fortran_77 ? 2 
PDB_EXTRACT 3.006  'June 11, 2008' package PDB                  help@deposit.rcsb.org 'data extraction' 
http://sw-tools.pdb.org/apps/PDB_EXTRACT/    C++        ? 3 
MAR345      CCD    ?               ?       ?                    ?                     'data collection' ? ?          ? 4 
MOSFLM      .      ?               ?       ?                    ?                     'data reduction'  ? ?          ? 5 
SHELXCD     .      ?               ?       ?                    ?                     phasing           ? ?          ? 6 
SHELXE      .      ?               ?       ?                    ?                     'model building'  ? ?          ? 7 
# 
_cell.length_a           46.991 
_cell.length_b           46.991 
_cell.length_c           119.259 
_cell.angle_alpha        90.000 
_cell.angle_beta         90.000 
_cell.angle_gamma        120.000 
_cell.entry_id           3GUV 
_cell.pdbx_unique_axis   ? 
_cell.Z_PDB              6 
_cell.length_a_esd       ? 
_cell.length_b_esd       ? 
_cell.length_c_esd       ? 
_cell.angle_alpha_esd    ? 
_cell.angle_beta_esd     ? 
_cell.angle_gamma_esd    ? 
# 
_symmetry.space_group_name_H-M             'P 31 2 1' 
_symmetry.entry_id                         3GUV 
_symmetry.Int_Tables_number                152 
_symmetry.pdbx_full_space_group_name_H-M   ? 
_symmetry.cell_setting                     ? 
_symmetry.space_group_name_Hall            ? 
# 
_exptl.crystals_number   1 
_exptl.entry_id          3GUV 
_exptl.method            'X-RAY DIFFRACTION' 
# 
_exptl_crystal.id                    1 
_exptl_crystal.density_Matthews      2.01 
_exptl_crystal.density_meas          ? 
_exptl_crystal.density_percent_sol   38.91 
_exptl_crystal.description           ? 
_exptl_crystal.F_000                 ? 
_exptl_crystal.preparation           ? 
# 
_exptl_crystal_grow.crystal_id      1 
_exptl_crystal_grow.method          'VAPOR DIFFUSION' 
_exptl_crystal_grow.pH              7.0 
_exptl_crystal_grow.temp            294 
_exptl_crystal_grow.pdbx_details    '20% PEG 3350, 200mM zinc acetate, pH 7.0, vapor diffusion, temperature 294K' 
_exptl_crystal_grow.temp_details    ? 
_exptl_crystal_grow.pdbx_pH_range   ? 
# 
_diffrn.id                     1 
_diffrn.ambient_temp           100 
_diffrn.ambient_temp_details   ? 
_diffrn.crystal_id             1 
# 
_diffrn_detector.diffrn_id              1 
_diffrn_detector.detector               CCD 
_diffrn_detector.type                   'MAR CCD 165 mm' 
_diffrn_detector.pdbx_collection_date   2009-03-12 
_diffrn_detector.details                ? 
# 
_diffrn_radiation.diffrn_id                        1 
_diffrn_radiation.pdbx_diffrn_protocol             'SINGLE WAVELENGTH' 
_diffrn_radiation.monochromator                    diamond 
_diffrn_radiation.wavelength_id                    1 
_diffrn_radiation.pdbx_monochromatic_or_laue_m_l   M 
_diffrn_radiation.pdbx_scattering_type             x-ray 
# 
_diffrn_radiation_wavelength.id           1 
_diffrn_radiation_wavelength.wavelength   0.97958 
_diffrn_radiation_wavelength.wt           1.0 
# 
_diffrn_source.diffrn_id                   1 
_diffrn_source.source                      SYNCHROTRON 
_diffrn_source.type                        'APS BEAMLINE 31-ID' 
_diffrn_source.pdbx_wavelength_list        0.97958 
_diffrn_source.pdbx_wavelength             ? 
_diffrn_source.pdbx_synchrotron_site       APS 
_diffrn_source.pdbx_synchrotron_beamline   31-ID 
# 
_reflns.entry_id                     3GUV 
_reflns.d_resolution_high            2.200 
_reflns.d_resolution_low             38.519 
_reflns.number_all                   8257 
_reflns.number_obs                   8232 
_reflns.pdbx_Rmerge_I_obs            0.087 
_reflns.pdbx_netI_over_sigmaI        14.1 
_reflns.pdbx_Rsym_value              0.087 
_reflns.pdbx_redundancy              5.900 
_reflns.percent_possible_obs         99.700 
_reflns.observed_criterion_sigma_F   0 
_reflns.observed_criterion_sigma_I   0 
_reflns.B_iso_Wilson_estimate        34.8 
_reflns.R_free_details               ? 
_reflns.limit_h_max                  ? 
_reflns.limit_h_min                  ? 
_reflns.limit_k_max                  ? 
_reflns.limit_k_min                  ? 
_reflns.limit_l_max                  ? 
_reflns.limit_l_min                  ? 
_reflns.observed_criterion_F_max     ? 
_reflns.observed_criterion_F_min     ? 
_reflns.pdbx_chi_squared             ? 
_reflns.pdbx_scaling_rejects         ? 
_reflns.pdbx_ordinal                 1 
_reflns.pdbx_diffrn_id               1 
# 
_reflns_shell.d_res_high             2.20 
_reflns_shell.d_res_low              2.32 
_reflns_shell.number_measured_obs    ? 
_reflns_shell.number_measured_all    7007 
_reflns_shell.number_unique_obs      ? 
_reflns_shell.Rmerge_I_obs           0.225 
_reflns_shell.meanI_over_sigI_obs    5.4 
_reflns_shell.pdbx_Rsym_value        0.225 
_reflns_shell.pdbx_chi_squared       ? 
_reflns_shell.pdbx_redundancy        6.10 
_reflns_shell.percent_possible_obs   ? 
_reflns_shell.number_unique_all      1156 
_reflns_shell.percent_possible_all   100.00 
_reflns_shell.pdbx_ordinal           1 
_reflns_shell.pdbx_diffrn_id         1 
# 
_refine.entry_id                                 3GUV 
_refine.ls_d_res_high                            2.200 
_refine.ls_d_res_low                             20.000 
_refine.pdbx_ls_sigma_F                          0.00 
_refine.ls_percent_reflns_obs                    99.500 
_refine.ls_number_reflns_obs                     8180 
_refine.pdbx_ls_cross_valid_method               THROUGHOUT 
_refine.pdbx_R_Free_selection_details            RANDOM 
_refine.details                                  'HYDROGENS HAVE BEEN ADDED IN THE RIDING POSITIONS' 
_refine.ls_R_factor_obs                          0.229 
_refine.ls_R_factor_R_work                       0.226 
_refine.ls_wR_factor_R_work                      0.973 
_refine.ls_R_factor_R_free                       0.291 
_refine.ls_wR_factor_R_free                      0.336 
_refine.ls_percent_reflns_R_free                 4.700 
_refine.ls_number_reflns_R_free                  386 
_refine.B_iso_mean                               34.290 
_refine.aniso_B[1][1]                            1.600 
_refine.aniso_B[2][2]                            1.600 
_refine.aniso_B[3][3]                            -2.400 
_refine.aniso_B[1][2]                            0.800 
_refine.aniso_B[1][3]                            0.000 
_refine.aniso_B[2][3]                            0.000 
_refine.correlation_coeff_Fo_to_Fc               0.939 
_refine.correlation_coeff_Fo_to_Fc_free          0.907 
_refine.overall_SU_R_Cruickshank_DPI             0.311 
_refine.overall_SU_R_free                        0.253 
_refine.pdbx_overall_ESU_R                       0.311 
_refine.pdbx_overall_ESU_R_Free                  0.253 
_refine.overall_SU_ML                            0.180 
_refine.overall_SU_B                             15.816 
_refine.solvent_model_details                    'BABINET MODEL WITH MASK' 
_refine.pdbx_solvent_vdw_probe_radii             1.400 
_refine.pdbx_solvent_ion_probe_radii             0.800 
_refine.pdbx_solvent_shrinkage_radii             0.800 
_refine.pdbx_method_to_determine_struct          SAD 
_refine.pdbx_stereochemistry_target_values       'MAXIMUM LIKELIHOOD' 
_refine.overall_FOM_work_R_set                   0.754 
_refine.B_iso_max                                62.08 
_refine.B_iso_min                                13.36 
_refine.occupancy_max                            1.00 
_refine.occupancy_min                            0.50 
_refine.pdbx_ls_sigma_I                          0 
_refine.ls_number_reflns_all                     8221 
_refine.ls_R_factor_all                          ? 
_refine.ls_redundancy_reflns_obs                 ? 
_refine.pdbx_data_cutoff_high_absF               ? 
_refine.pdbx_data_cutoff_low_absF                ? 
_refine.ls_number_parameters                     ? 
_refine.ls_number_restraints                     ? 
_refine.ls_R_factor_R_free_error                 ? 
_refine.ls_R_factor_R_free_error_details         ? 
_refine.pdbx_starting_model                      ? 
_refine.pdbx_stereochem_target_val_spec_case     ? 
_refine.solvent_model_param_bsol                 ? 
_refine.solvent_model_param_ksol                 ? 
_refine.pdbx_isotropic_thermal_model             ? 
_refine.pdbx_data_cutoff_high_rms_absF           ? 
_refine.overall_FOM_free_R_set                   ? 
_refine.pdbx_overall_phase_error                 ? 
_refine.pdbx_refine_id                           'X-RAY DIFFRACTION' 
_refine.pdbx_TLS_residual_ADP_flag               'LIKELY RESIDUAL' 
_refine.pdbx_diffrn_id                           1 
_refine.pdbx_overall_SU_R_free_Cruickshank_DPI   ? 
_refine.pdbx_overall_SU_R_Blow_DPI               ? 
_refine.pdbx_overall_SU_R_free_Blow_DPI          ? 
# 
_refine_hist.pdbx_refine_id                   'X-RAY DIFFRACTION' 
_refine_hist.cycle_id                         LAST 
_refine_hist.pdbx_number_atoms_protein        1143 
_refine_hist.pdbx_number_atoms_nucleic_acid   0 
_refine_hist.pdbx_number_atoms_ligand         0 
_refine_hist.number_atoms_solvent             30 
_refine_hist.number_atoms_total               1173 
_refine_hist.d_res_high                       2.200 
_refine_hist.d_res_low                        20.000 
# 
loop_
_refine_ls_restr.type 
_refine_ls_restr.number 
_refine_ls_restr.dev_ideal 
_refine_ls_restr.dev_ideal_target 
_refine_ls_restr.weight 
_refine_ls_restr.pdbx_refine_id 
_refine_ls_restr.pdbx_restraint_function 
r_bond_refined_d       1152 0.017  0.022  ? 'X-RAY DIFFRACTION' ? 
r_bond_other_d         786  0.001  0.020  ? 'X-RAY DIFFRACTION' ? 
r_angle_refined_deg    1543 1.542  1.969  ? 'X-RAY DIFFRACTION' ? 
r_angle_other_deg      1919 0.942  3.000  ? 'X-RAY DIFFRACTION' ? 
r_dihedral_angle_1_deg 147  6.499  5.000  ? 'X-RAY DIFFRACTION' ? 
r_dihedral_angle_2_deg 50   40.555 24.600 ? 'X-RAY DIFFRACTION' ? 
r_dihedral_angle_3_deg 221  17.810 15.000 ? 'X-RAY DIFFRACTION' ? 
r_dihedral_angle_4_deg 8    20.729 15.000 ? 'X-RAY DIFFRACTION' ? 
r_chiral_restr         179  0.080  0.200  ? 'X-RAY DIFFRACTION' ? 
r_gen_planes_refined   1276 0.005  0.020  ? 'X-RAY DIFFRACTION' ? 
r_gen_planes_other     228  0.001  0.020  ? 'X-RAY DIFFRACTION' ? 
r_mcbond_it            733  0.866  1.500  ? 'X-RAY DIFFRACTION' ? 
r_mcbond_other         307  0.177  1.500  ? 'X-RAY DIFFRACTION' ? 
r_mcangle_it           1169 1.616  2.000  ? 'X-RAY DIFFRACTION' ? 
r_scbond_it            419  2.615  3.000  ? 'X-RAY DIFFRACTION' ? 
r_scangle_it           374  4.503  4.500  ? 'X-RAY DIFFRACTION' ? 
# 
_refine_ls_shell.d_res_high                       2.200 
_refine_ls_shell.d_res_low                        2.257 
_refine_ls_shell.pdbx_total_number_of_bins_used   20 
_refine_ls_shell.percent_reflns_obs               100.000 
_refine_ls_shell.number_reflns_R_work             563 
_refine_ls_shell.R_factor_all                     ? 
_refine_ls_shell.R_factor_R_work                  0.305 
_refine_ls_shell.R_factor_R_free                  0.452 
_refine_ls_shell.percent_reflns_R_free            ? 
_refine_ls_shell.number_reflns_R_free             28 
_refine_ls_shell.R_factor_R_free_error            ? 
_refine_ls_shell.number_reflns_all                591 
_refine_ls_shell.number_reflns_obs                563 
_refine_ls_shell.redundancy_reflns_obs            ? 
_refine_ls_shell.pdbx_refine_id                   'X-RAY DIFFRACTION' 
# 
_struct.entry_id                  3GUV 
_struct.title                     'Crystal structure of a resolvase family site-specific recombinase from Streptococcus pneumoniae' 
_struct.pdbx_model_details        ? 
_struct.pdbx_CASP_flag            ? 
_struct.pdbx_model_type_details   ? 
# 
_struct_keywords.entry_id        3GUV 
_struct_keywords.text            
;STRUCTURAL GENOMICS, RECOMBINASE, PSI-2, Protein Structure Initiative, New York SGX Research Center for Structural Genomics, NYSGXRC, DNA BINDING PROTEIN, RECOMBINATION
;
_struct_keywords.pdbx_keywords   RECOMBINATION 
# 
loop_
_struct_asym.id 
_struct_asym.pdbx_blank_PDB_chainid_flag 
_struct_asym.pdbx_modified 
_struct_asym.entity_id 
_struct_asym.details 
A N N 1 ? 
B N N 2 ? 
# 
_struct_ref.id                         1 
_struct_ref.db_name                    UNP 
_struct_ref.db_code                    A5MQM5_STRPN 
_struct_ref.pdbx_db_accession          A5MQM5 
_struct_ref.entity_id                  1 
_struct_ref.pdbx_seq_one_letter_code   
;KIKVYLYTRVSTSIQIEGYSLEAQKSRMKAFAIYNDYEIVGEYEDAGKSGKSIEGRIQFNRMMEDIKSGKDGVSFVLVFK
LSRFARNAADVLSTLQIMQDYGVNLICVEDGIDSSKDAGKLMISVLSAVAEIERENIRIQTMEGCIQKAREGKWNG
;
_struct_ref.pdbx_align_begin           5 
_struct_ref.pdbx_db_isoform            ? 
# 
_struct_ref_seq.align_id                      1 
_struct_ref_seq.ref_id                        1 
_struct_ref_seq.pdbx_PDB_id_code              3GUV 
_struct_ref_seq.pdbx_strand_id                A 
_struct_ref_seq.seq_align_beg                 4 
_struct_ref_seq.pdbx_seq_align_beg_ins_code   ? 
_struct_ref_seq.seq_align_end                 159 
_struct_ref_seq.pdbx_seq_align_end_ins_code   ? 
_struct_ref_seq.pdbx_db_accession             A5MQM5 
_struct_ref_seq.db_align_beg                  5 
_struct_ref_seq.pdbx_db_align_beg_ins_code    ? 
_struct_ref_seq.db_align_end                  160 
_struct_ref_seq.pdbx_db_align_end_ins_code    ? 
_struct_ref_seq.pdbx_auth_seq_align_beg       5 
_struct_ref_seq.pdbx_auth_seq_align_end       160 
# 
loop_
_struct_ref_seq_dif.align_id 
_struct_ref_seq_dif.pdbx_pdb_id_code 
_struct_ref_seq_dif.mon_id 
_struct_ref_seq_dif.pdbx_pdb_strand_id 
_struct_ref_seq_dif.seq_num 
_struct_ref_seq_dif.pdbx_pdb_ins_code 
_struct_ref_seq_dif.pdbx_seq_db_name 
_struct_ref_seq_dif.pdbx_seq_db_accession_code 
_struct_ref_seq_dif.db_mon_id 
_struct_ref_seq_dif.pdbx_seq_db_seq_num 
_struct_ref_seq_dif.details 
_struct_ref_seq_dif.pdbx_auth_seq_num 
_struct_ref_seq_dif.pdbx_ordinal 
1 3GUV MET A 1   ? UNP A5MQM5 ? ? 'expression tag' 2   1  
1 3GUV SER A 2   ? UNP A5MQM5 ? ? 'expression tag' 3   2  
1 3GUV LEU A 3   ? UNP A5MQM5 ? ? 'expression tag' 4   3  
1 3GUV GLU A 160 ? UNP A5MQM5 ? ? 'expression tag' 161 4  
1 3GUV GLY A 161 ? UNP A5MQM5 ? ? 'expression tag' 162 5  
1 3GUV HIS A 162 ? UNP A5MQM5 ? ? 'expression tag' 163 6  
1 3GUV HIS A 163 ? UNP A5MQM5 ? ? 'expression tag' 164 7  
1 3GUV HIS A 164 ? UNP A5MQM5 ? ? 'expression tag' 165 8  
1 3GUV HIS A 165 ? UNP A5MQM5 ? ? 'expression tag' 166 9  
1 3GUV HIS A 166 ? UNP A5MQM5 ? ? 'expression tag' 167 10 
1 3GUV HIS A 167 ? UNP A5MQM5 ? ? 'expression tag' 168 11 
# 
_pdbx_struct_assembly.id                   1 
_pdbx_struct_assembly.details              author_and_software_defined_assembly 
_pdbx_struct_assembly.method_details       PISA 
_pdbx_struct_assembly.oligomeric_details   dimeric 
_pdbx_struct_assembly.oligomeric_count     2 
# 
loop_
_pdbx_struct_assembly_prop.biol_id 
_pdbx_struct_assembly_prop.type 
_pdbx_struct_assembly_prop.value 
_pdbx_struct_assembly_prop.details 
1 'ABSA (A^2)' 2270  ? 
1 MORE         -24   ? 
1 'SSA (A^2)'  14880 ? 
# 
_pdbx_struct_assembly_gen.assembly_id       1 
_pdbx_struct_assembly_gen.oper_expression   1,2 
_pdbx_struct_assembly_gen.asym_id_list      A,B 
# 
loop_
_pdbx_struct_oper_list.id 
_pdbx_struct_oper_list.type 
_pdbx_struct_oper_list.name 
_pdbx_struct_oper_list.symmetry_operation 
_pdbx_struct_oper_list.matrix[1][1] 
_pdbx_struct_oper_list.matrix[1][2] 
_pdbx_struct_oper_list.matrix[1][3] 
_pdbx_struct_oper_list.vector[1] 
_pdbx_struct_oper_list.matrix[2][1] 
_pdbx_struct_oper_list.matrix[2][2] 
_pdbx_struct_oper_list.matrix[2][3] 
_pdbx_struct_oper_list.vector[2] 
_pdbx_struct_oper_list.matrix[3][1] 
_pdbx_struct_oper_list.matrix[3][2] 
_pdbx_struct_oper_list.matrix[3][3] 
_pdbx_struct_oper_list.vector[3] 
1 'identity operation'         1_555 x,y,z  1.0000000000 0.0000000000  0.0000000000 0.0000000000   0.0000000000  1.0000000000  0.0000000000  0.0000000000   0.0000000000 0.0000000000  1.0000000000  0.0000000000 
2 'crystal symmetry operation' 4_555 y,x,-z 0.6004917753 -0.5068778921 0.6184532564 -10.5698199802 -0.5068778921 -0.8394710917 -0.1958649759 -21.9271104936 0.6184532564 -0.1958649759 -0.7610206836 9.3823459391 
# 
_struct_biol.id        1 
_struct_biol.details   'probable dimer' 
# 
loop_
_struct_conf.conf_type_id 
_struct_conf.id 
_struct_conf.pdbx_PDB_helix_id 
_struct_conf.beg_label_comp_id 
_struct_conf.beg_label_asym_id 
_struct_conf.beg_label_seq_id 
_struct_conf.pdbx_beg_PDB_ins_code 
_struct_conf.end_label_comp_id 
_struct_conf.end_label_asym_id 
_struct_conf.end_label_seq_id 
_struct_conf.pdbx_end_PDB_ins_code 
_struct_conf.beg_auth_comp_id 
_struct_conf.beg_auth_asym_id 
_struct_conf.beg_auth_seq_id 
_struct_conf.end_auth_comp_id 
_struct_conf.end_auth_asym_id 
_struct_conf.end_auth_seq_id 
_struct_conf.pdbx_PDB_helix_class 
_struct_conf.details 
_struct_conf.pdbx_PDB_helix_length 
HELX_P HELX_P1 1 SER A 16  ? GLY A 21  ? SER A 17  GLY A 22  1 ? 6  
HELX_P HELX_P2 2 SER A 23  ? ASN A 38  ? SER A 24  ASN A 39  1 ? 16 
HELX_P HELX_P3 3 ARG A 59  ? SER A 71  ? ARG A 60  SER A 72  1 ? 13 
HELX_P HELX_P4 4 LYS A 83  ? PHE A 87  ? LYS A 84  PHE A 88  5 ? 5  
HELX_P HELX_P5 5 ASN A 90  ? TYR A 104 ? ASN A 91  TYR A 105 1 ? 15 
HELX_P HELX_P6 6 SER A 118 ? ASP A 120 ? SER A 119 ASP A 121 5 ? 3  
HELX_P HELX_P7 7 LYS A 123 ? ALA A 152 ? LYS A 124 ALA A 153 1 ? 30 
# 
_struct_conf_type.id          HELX_P 
_struct_conf_type.criteria    ? 
_struct_conf_type.reference   ? 
# 
_struct_sheet.id               A 
_struct_sheet.type             ? 
_struct_sheet.number_strands   5 
_struct_sheet.details          ? 
# 
loop_
_struct_sheet_order.sheet_id 
_struct_sheet_order.range_id_1 
_struct_sheet_order.range_id_2 
_struct_sheet_order.offset 
_struct_sheet_order.sense 
A 1 2 ? parallel      
A 2 3 ? parallel      
A 3 4 ? parallel      
A 4 5 ? anti-parallel 
# 
loop_
_struct_sheet_range.sheet_id 
_struct_sheet_range.id 
_struct_sheet_range.beg_label_comp_id 
_struct_sheet_range.beg_label_asym_id 
_struct_sheet_range.beg_label_seq_id 
_struct_sheet_range.pdbx_beg_PDB_ins_code 
_struct_sheet_range.end_label_comp_id 
_struct_sheet_range.end_label_asym_id 
_struct_sheet_range.end_label_seq_id 
_struct_sheet_range.pdbx_end_PDB_ins_code 
_struct_sheet_range.beg_auth_comp_id 
_struct_sheet_range.beg_auth_asym_id 
_struct_sheet_range.beg_auth_seq_id 
_struct_sheet_range.end_auth_comp_id 
_struct_sheet_range.end_auth_asym_id 
_struct_sheet_range.end_auth_seq_id 
A 1 GLU A 41  ? ASP A 48  ? GLU A 42  ASP A 49  
A 2 LYS A 6   ? ARG A 12  ? LYS A 7   ARG A 13  
A 3 PHE A 78  ? VAL A 81  ? PHE A 79  VAL A 82  
A 4 ASN A 107 ? CYS A 110 ? ASN A 108 CYS A 111 
A 5 ILE A 115 ? ASP A 116 ? ILE A 116 ASP A 117 
# 
loop_
_pdbx_struct_sheet_hbond.sheet_id 
_pdbx_struct_sheet_hbond.range_id_1 
_pdbx_struct_sheet_hbond.range_id_2 
_pdbx_struct_sheet_hbond.range_1_label_atom_id 
_pdbx_struct_sheet_hbond.range_1_label_comp_id 
_pdbx_struct_sheet_hbond.range_1_label_asym_id 
_pdbx_struct_sheet_hbond.range_1_label_seq_id 
_pdbx_struct_sheet_hbond.range_1_PDB_ins_code 
_pdbx_struct_sheet_hbond.range_1_auth_atom_id 
_pdbx_struct_sheet_hbond.range_1_auth_comp_id 
_pdbx_struct_sheet_hbond.range_1_auth_asym_id 
_pdbx_struct_sheet_hbond.range_1_auth_seq_id 
_pdbx_struct_sheet_hbond.range_2_label_atom_id 
_pdbx_struct_sheet_hbond.range_2_label_comp_id 
_pdbx_struct_sheet_hbond.range_2_label_asym_id 
_pdbx_struct_sheet_hbond.range_2_label_seq_id 
_pdbx_struct_sheet_hbond.range_2_PDB_ins_code 
_pdbx_struct_sheet_hbond.range_2_auth_atom_id 
_pdbx_struct_sheet_hbond.range_2_auth_comp_id 
_pdbx_struct_sheet_hbond.range_2_auth_asym_id 
_pdbx_struct_sheet_hbond.range_2_auth_seq_id 
A 1 2 O VAL A 43  ? O VAL A 44  N VAL A 7   ? N VAL A 8   
A 2 3 N TYR A 10  ? N TYR A 11  O LEU A 80  ? O LEU A 81  
A 3 4 N VAL A 81  ? N VAL A 82  O ILE A 109 ? O ILE A 110 
A 4 5 N CYS A 110 ? N CYS A 111 O ILE A 115 ? O ILE A 116 
# 
_pdbx_validate_close_contact.id               1 
_pdbx_validate_close_contact.PDB_model_num    1 
_pdbx_validate_close_contact.auth_atom_id_1   O 
_pdbx_validate_close_contact.auth_asym_id_1   A 
_pdbx_validate_close_contact.auth_comp_id_1   LYS 
_pdbx_validate_close_contact.auth_seq_id_1    52 
_pdbx_validate_close_contact.PDB_ins_code_1   ? 
_pdbx_validate_close_contact.label_alt_id_1   ? 
_pdbx_validate_close_contact.auth_atom_id_2   O 
_pdbx_validate_close_contact.auth_asym_id_2   A 
_pdbx_validate_close_contact.auth_comp_id_2   HOH 
_pdbx_validate_close_contact.auth_seq_id_2    183 
_pdbx_validate_close_contact.PDB_ins_code_2   ? 
_pdbx_validate_close_contact.label_alt_id_2   ? 
_pdbx_validate_close_contact.dist             2.19 
# 
loop_
_pdbx_validate_torsion.id 
_pdbx_validate_torsion.PDB_model_num 
_pdbx_validate_torsion.auth_comp_id 
_pdbx_validate_torsion.auth_asym_id 
_pdbx_validate_torsion.auth_seq_id 
_pdbx_validate_torsion.PDB_ins_code 
_pdbx_validate_torsion.label_alt_id 
_pdbx_validate_torsion.phi 
_pdbx_validate_torsion.psi 
1 1 THR A 16 ? ? -103.64 -100.00 
2 1 ARG A 60 ? ? -145.86 17.94   
3 1 LYS A 74 ? ? -13.88  -62.15  
4 1 PHE A 88 ? ? -165.99 -51.74  
# 
_pdbx_SG_project.id                    1 
_pdbx_SG_project.project_name          'PSI, Protein Structure Initiative' 
_pdbx_SG_project.full_name_of_center   'New York SGX Research Center for Structural Genomics' 
_pdbx_SG_project.initial_of_center     NYSGXRC 
# 
loop_
_pdbx_refine_tls.id 
_pdbx_refine_tls.details 
_pdbx_refine_tls.method 
_pdbx_refine_tls.origin_x 
_pdbx_refine_tls.origin_y 
_pdbx_refine_tls.origin_z 
_pdbx_refine_tls.T[1][1] 
_pdbx_refine_tls.T[2][2] 
_pdbx_refine_tls.T[3][3] 
_pdbx_refine_tls.T[1][2] 
_pdbx_refine_tls.T[1][3] 
_pdbx_refine_tls.T[2][3] 
_pdbx_refine_tls.L[1][1] 
_pdbx_refine_tls.L[2][2] 
_pdbx_refine_tls.L[3][3] 
_pdbx_refine_tls.L[1][2] 
_pdbx_refine_tls.L[1][3] 
_pdbx_refine_tls.L[2][3] 
_pdbx_refine_tls.S[1][1] 
_pdbx_refine_tls.S[2][2] 
_pdbx_refine_tls.S[3][3] 
_pdbx_refine_tls.S[1][2] 
_pdbx_refine_tls.S[1][3] 
_pdbx_refine_tls.S[2][3] 
_pdbx_refine_tls.S[2][1] 
_pdbx_refine_tls.S[3][1] 
_pdbx_refine_tls.S[3][2] 
_pdbx_refine_tls.pdbx_refine_id 
1 ? refined 0.1572  3.8779   -4.6293 0.0748 0.0301 0.0564 0.0111 0.0555  -0.0035 0.9579 2.2797 1.2675 0.8056  0.0825 -0.3505 0.0452 0.0981 -0.1433 0.1009  -0.0161 0.1317  0.3031  -0.1028 0.1435 'X-RAY DIFFRACTION' 
2 ? refined -1.4981 -12.8086 14.8729 0.0698 0.0217 0.0703 0.0194 -0.0015 0.0026  5.2327 1.6280 6.0219 -2.8947 5.3018 -3.0518 0.0834 0.0005 -0.0838 -0.0232 0.0844  -0.0105 -0.0610 0.2172  0.0195 'X-RAY DIFFRACTION' 
# 
loop_
_pdbx_refine_tls_group.id 
_pdbx_refine_tls_group.refine_tls_id 
_pdbx_refine_tls_group.beg_auth_asym_id 
_pdbx_refine_tls_group.beg_auth_seq_id 
_pdbx_refine_tls_group.end_auth_asym_id 
_pdbx_refine_tls_group.end_auth_seq_id 
_pdbx_refine_tls_group.selection 
_pdbx_refine_tls_group.beg_label_asym_id 
_pdbx_refine_tls_group.beg_label_seq_id 
_pdbx_refine_tls_group.end_label_asym_id 
_pdbx_refine_tls_group.end_label_seq_id 
_pdbx_refine_tls_group.pdbx_refine_id 
_pdbx_refine_tls_group.selection_details 
1 1 A 5   A 120 ? . . . . 'X-RAY DIFFRACTION' ? 
2 2 A 125 A 151 ? . . . . 'X-RAY DIFFRACTION' ? 
# 
loop_
_pdbx_unobs_or_zero_occ_residues.id 
_pdbx_unobs_or_zero_occ_residues.PDB_model_num 
_pdbx_unobs_or_zero_occ_residues.polymer_flag 
_pdbx_unobs_or_zero_occ_residues.occupancy_flag 
_pdbx_unobs_or_zero_occ_residues.auth_asym_id 
_pdbx_unobs_or_zero_occ_residues.auth_comp_id 
_pdbx_unobs_or_zero_occ_residues.auth_seq_id 
_pdbx_unobs_or_zero_occ_residues.PDB_ins_code 
_pdbx_unobs_or_zero_occ_residues.label_asym_id 
_pdbx_unobs_or_zero_occ_residues.label_comp_id 
_pdbx_unobs_or_zero_occ_residues.label_seq_id 
1  1 Y 1 A MET 2   ? A MET 1   
2  1 Y 1 A SER 3   ? A SER 2   
3  1 Y 1 A LEU 4   ? A LEU 3   
4  1 Y 1 A ALA 122 ? A ALA 121 
5  1 Y 1 A GLY 123 ? A GLY 122 
6  1 Y 1 A GLY 156 ? A GLY 155 
7  1 Y 1 A LYS 157 ? A LYS 156 
8  1 Y 1 A TRP 158 ? A TRP 157 
9  1 Y 1 A ASN 159 ? A ASN 158 
10 1 Y 1 A GLY 160 ? A GLY 159 
11 1 Y 1 A GLU 161 ? A GLU 160 
12 1 Y 1 A GLY 162 ? A GLY 161 
13 1 Y 1 A HIS 163 ? A HIS 162 
14 1 Y 1 A HIS 164 ? A HIS 163 
15 1 Y 1 A HIS 165 ? A HIS 164 
16 1 Y 1 A HIS 166 ? A HIS 165 
17 1 Y 1 A HIS 167 ? A HIS 166 
18 1 Y 1 A HIS 168 ? A HIS 167 
# 
loop_
_chem_comp_atom.comp_id 
_chem_comp_atom.atom_id 
_chem_comp_atom.type_symbol 
_chem_comp_atom.pdbx_aromatic_flag 
_chem_comp_atom.pdbx_stereo_config 
_chem_comp_atom.pdbx_ordinal 
ALA N    N N N 1   
ALA CA   C N S 2   
ALA C    C N N 3   
ALA O    O N N 4   
ALA CB   C N N 5   
ALA OXT  O N N 6   
ALA H    H N N 7   
ALA H2   H N N 8   
ALA HA   H N N 9   
ALA HB1  H N N 10  
ALA HB2  H N N 11  
ALA HB3  H N N 12  
ALA HXT  H N N 13  
ARG N    N N N 14  
ARG CA   C N S 15  
ARG C    C N N 16  
ARG O    O N N 17  
ARG CB   C N N 18  
ARG CG   C N N 19  
ARG CD   C N N 20  
ARG NE   N N N 21  
ARG CZ   C N N 22  
ARG NH1  N N N 23  
ARG NH2  N N N 24  
ARG OXT  O N N 25  
ARG H    H N N 26  
ARG H2   H N N 27  
ARG HA   H N N 28  
ARG HB2  H N N 29  
ARG HB3  H N N 30  
ARG HG2  H N N 31  
ARG HG3  H N N 32  
ARG HD2  H N N 33  
ARG HD3  H N N 34  
ARG HE   H N N 35  
ARG HH11 H N N 36  
ARG HH12 H N N 37  
ARG HH21 H N N 38  
ARG HH22 H N N 39  
ARG HXT  H N N 40  
ASN N    N N N 41  
ASN CA   C N S 42  
ASN C    C N N 43  
ASN O    O N N 44  
ASN CB   C N N 45  
ASN CG   C N N 46  
ASN OD1  O N N 47  
ASN ND2  N N N 48  
ASN OXT  O N N 49  
ASN H    H N N 50  
ASN H2   H N N 51  
ASN HA   H N N 52  
ASN HB2  H N N 53  
ASN HB3  H N N 54  
ASN HD21 H N N 55  
ASN HD22 H N N 56  
ASN HXT  H N N 57  
ASP N    N N N 58  
ASP CA   C N S 59  
ASP C    C N N 60  
ASP O    O N N 61  
ASP CB   C N N 62  
ASP CG   C N N 63  
ASP OD1  O N N 64  
ASP OD2  O N N 65  
ASP OXT  O N N 66  
ASP H    H N N 67  
ASP H2   H N N 68  
ASP HA   H N N 69  
ASP HB2  H N N 70  
ASP HB3  H N N 71  
ASP HD2  H N N 72  
ASP HXT  H N N 73  
CYS N    N N N 74  
CYS CA   C N R 75  
CYS C    C N N 76  
CYS O    O N N 77  
CYS CB   C N N 78  
CYS SG   S N N 79  
CYS OXT  O N N 80  
CYS H    H N N 81  
CYS H2   H N N 82  
CYS HA   H N N 83  
CYS HB2  H N N 84  
CYS HB3  H N N 85  
CYS HG   H N N 86  
CYS HXT  H N N 87  
GLN N    N N N 88  
GLN CA   C N S 89  
GLN C    C N N 90  
GLN O    O N N 91  
GLN CB   C N N 92  
GLN CG   C N N 93  
GLN CD   C N N 94  
GLN OE1  O N N 95  
GLN NE2  N N N 96  
GLN OXT  O N N 97  
GLN H    H N N 98  
GLN H2   H N N 99  
GLN HA   H N N 100 
GLN HB2  H N N 101 
GLN HB3  H N N 102 
GLN HG2  H N N 103 
GLN HG3  H N N 104 
GLN HE21 H N N 105 
GLN HE22 H N N 106 
GLN HXT  H N N 107 
GLU N    N N N 108 
GLU CA   C N S 109 
GLU C    C N N 110 
GLU O    O N N 111 
GLU CB   C N N 112 
GLU CG   C N N 113 
GLU CD   C N N 114 
GLU OE1  O N N 115 
GLU OE2  O N N 116 
GLU OXT  O N N 117 
GLU H    H N N 118 
GLU H2   H N N 119 
GLU HA   H N N 120 
GLU HB2  H N N 121 
GLU HB3  H N N 122 
GLU HG2  H N N 123 
GLU HG3  H N N 124 
GLU HE2  H N N 125 
GLU HXT  H N N 126 
GLY N    N N N 127 
GLY CA   C N N 128 
GLY C    C N N 129 
GLY O    O N N 130 
GLY OXT  O N N 131 
GLY H    H N N 132 
GLY H2   H N N 133 
GLY HA2  H N N 134 
GLY HA3  H N N 135 
GLY HXT  H N N 136 
HIS N    N N N 137 
HIS CA   C N S 138 
HIS C    C N N 139 
HIS O    O N N 140 
HIS CB   C N N 141 
HIS CG   C Y N 142 
HIS ND1  N Y N 143 
HIS CD2  C Y N 144 
HIS CE1  C Y N 145 
HIS NE2  N Y N 146 
HIS OXT  O N N 147 
HIS H    H N N 148 
HIS H2   H N N 149 
HIS HA   H N N 150 
HIS HB2  H N N 151 
HIS HB3  H N N 152 
HIS HD1  H N N 153 
HIS HD2  H N N 154 
HIS HE1  H N N 155 
HIS HE2  H N N 156 
HIS HXT  H N N 157 
HOH O    O N N 158 
HOH H1   H N N 159 
HOH H2   H N N 160 
ILE N    N N N 161 
ILE CA   C N S 162 
ILE C    C N N 163 
ILE O    O N N 164 
ILE CB   C N S 165 
ILE CG1  C N N 166 
ILE CG2  C N N 167 
ILE CD1  C N N 168 
ILE OXT  O N N 169 
ILE H    H N N 170 
ILE H2   H N N 171 
ILE HA   H N N 172 
ILE HB   H N N 173 
ILE HG12 H N N 174 
ILE HG13 H N N 175 
ILE HG21 H N N 176 
ILE HG22 H N N 177 
ILE HG23 H N N 178 
ILE HD11 H N N 179 
ILE HD12 H N N 180 
ILE HD13 H N N 181 
ILE HXT  H N N 182 
LEU N    N N N 183 
LEU CA   C N S 184 
LEU C    C N N 185 
LEU O    O N N 186 
LEU CB   C N N 187 
LEU CG   C N N 188 
LEU CD1  C N N 189 
LEU CD2  C N N 190 
LEU OXT  O N N 191 
LEU H    H N N 192 
LEU H2   H N N 193 
LEU HA   H N N 194 
LEU HB2  H N N 195 
LEU HB3  H N N 196 
LEU HG   H N N 197 
LEU HD11 H N N 198 
LEU HD12 H N N 199 
LEU HD13 H N N 200 
LEU HD21 H N N 201 
LEU HD22 H N N 202 
LEU HD23 H N N 203 
LEU HXT  H N N 204 
LYS N    N N N 205 
LYS CA   C N S 206 
LYS C    C N N 207 
LYS O    O N N 208 
LYS CB   C N N 209 
LYS CG   C N N 210 
LYS CD   C N N 211 
LYS CE   C N N 212 
LYS NZ   N N N 213 
LYS OXT  O N N 214 
LYS H    H N N 215 
LYS H2   H N N 216 
LYS HA   H N N 217 
LYS HB2  H N N 218 
LYS HB3  H N N 219 
LYS HG2  H N N 220 
LYS HG3  H N N 221 
LYS HD2  H N N 222 
LYS HD3  H N N 223 
LYS HE2  H N N 224 
LYS HE3  H N N 225 
LYS HZ1  H N N 226 
LYS HZ2  H N N 227 
LYS HZ3  H N N 228 
LYS HXT  H N N 229 
MET N    N N N 230 
MET CA   C N S 231 
MET C    C N N 232 
MET O    O N N 233 
MET CB   C N N 234 
MET CG   C N N 235 
MET SD   S N N 236 
MET CE   C N N 237 
MET OXT  O N N 238 
MET H    H N N 239 
MET H2   H N N 240 
MET HA   H N N 241 
MET HB2  H N N 242 
MET HB3  H N N 243 
MET HG2  H N N 244 
MET HG3  H N N 245 
MET HE1  H N N 246 
MET HE2  H N N 247 
MET HE3  H N N 248 
MET HXT  H N N 249 
PHE N    N N N 250 
PHE CA   C N S 251 
PHE C    C N N 252 
PHE O    O N N 253 
PHE CB   C N N 254 
PHE CG   C Y N 255 
PHE CD1  C Y N 256 
PHE CD2  C Y N 257 
PHE CE1  C Y N 258 
PHE CE2  C Y N 259 
PHE CZ   C Y N 260 
PHE OXT  O N N 261 
PHE H    H N N 262 
PHE H2   H N N 263 
PHE HA   H N N 264 
PHE HB2  H N N 265 
PHE HB3  H N N 266 
PHE HD1  H N N 267 
PHE HD2  H N N 268 
PHE HE1  H N N 269 
PHE HE2  H N N 270 
PHE HZ   H N N 271 
PHE HXT  H N N 272 
SER N    N N N 273 
SER CA   C N S 274 
SER C    C N N 275 
SER O    O N N 276 
SER CB   C N N 277 
SER OG   O N N 278 
SER OXT  O N N 279 
SER H    H N N 280 
SER H2   H N N 281 
SER HA   H N N 282 
SER HB2  H N N 283 
SER HB3  H N N 284 
SER HG   H N N 285 
SER HXT  H N N 286 
THR N    N N N 287 
THR CA   C N S 288 
THR C    C N N 289 
THR O    O N N 290 
THR CB   C N R 291 
THR OG1  O N N 292 
THR CG2  C N N 293 
THR OXT  O N N 294 
THR H    H N N 295 
THR H2   H N N 296 
THR HA   H N N 297 
THR HB   H N N 298 
THR HG1  H N N 299 
THR HG21 H N N 300 
THR HG22 H N N 301 
THR HG23 H N N 302 
THR HXT  H N N 303 
TRP N    N N N 304 
TRP CA   C N S 305 
TRP C    C N N 306 
TRP O    O N N 307 
TRP CB   C N N 308 
TRP CG   C Y N 309 
TRP CD1  C Y N 310 
TRP CD2  C Y N 311 
TRP NE1  N Y N 312 
TRP CE2  C Y N 313 
TRP CE3  C Y N 314 
TRP CZ2  C Y N 315 
TRP CZ3  C Y N 316 
TRP CH2  C Y N 317 
TRP OXT  O N N 318 
TRP H    H N N 319 
TRP H2   H N N 320 
TRP HA   H N N 321 
TRP HB2  H N N 322 
TRP HB3  H N N 323 
TRP HD1  H N N 324 
TRP HE1  H N N 325 
TRP HE3  H N N 326 
TRP HZ2  H N N 327 
TRP HZ3  H N N 328 
TRP HH2  H N N 329 
TRP HXT  H N N 330 
TYR N    N N N 331 
TYR CA   C N S 332 
TYR C    C N N 333 
TYR O    O N N 334 
TYR CB   C N N 335 
TYR CG   C Y N 336 
TYR CD1  C Y N 337 
TYR CD2  C Y N 338 
TYR CE1  C Y N 339 
TYR CE2  C Y N 340 
TYR CZ   C Y N 341 
TYR OH   O N N 342 
TYR OXT  O N N 343 
TYR H    H N N 344 
TYR H2   H N N 345 
TYR HA   H N N 346 
TYR HB2  H N N 347 
TYR HB3  H N N 348 
TYR HD1  H N N 349 
TYR HD2  H N N 350 
TYR HE1  H N N 351 
TYR HE2  H N N 352 
TYR HH   H N N 353 
TYR HXT  H N N 354 
VAL N    N N N 355 
VAL CA   C N S 356 
VAL C    C N N 357 
VAL O    O N N 358 
VAL CB   C N N 359 
VAL CG1  C N N 360 
VAL CG2  C N N 361 
VAL OXT  O N N 362 
VAL H    H N N 363 
VAL H2   H N N 364 
VAL HA   H N N 365 
VAL HB   H N N 366 
VAL HG11 H N N 367 
VAL HG12 H N N 368 
VAL HG13 H N N 369 
VAL HG21 H N N 370 
VAL HG22 H N N 371 
VAL HG23 H N N 372 
VAL HXT  H N N 373 
# 
loop_
_chem_comp_bond.comp_id 
_chem_comp_bond.atom_id_1 
_chem_comp_bond.atom_id_2 
_chem_comp_bond.value_order 
_chem_comp_bond.pdbx_aromatic_flag 
_chem_comp_bond.pdbx_stereo_config 
_chem_comp_bond.pdbx_ordinal 
ALA N   CA   sing N N 1   
ALA N   H    sing N N 2   
ALA N   H2   sing N N 3   
ALA CA  C    sing N N 4   
ALA CA  CB   sing N N 5   
ALA CA  HA   sing N N 6   
ALA C   O    doub N N 7   
ALA C   OXT  sing N N 8   
ALA CB  HB1  sing N N 9   
ALA CB  HB2  sing N N 10  
ALA CB  HB3  sing N N 11  
ALA OXT HXT  sing N N 12  
ARG N   CA   sing N N 13  
ARG N   H    sing N N 14  
ARG N   H2   sing N N 15  
ARG CA  C    sing N N 16  
ARG CA  CB   sing N N 17  
ARG CA  HA   sing N N 18  
ARG C   O    doub N N 19  
ARG C   OXT  sing N N 20  
ARG CB  CG   sing N N 21  
ARG CB  HB2  sing N N 22  
ARG CB  HB3  sing N N 23  
ARG CG  CD   sing N N 24  
ARG CG  HG2  sing N N 25  
ARG CG  HG3  sing N N 26  
ARG CD  NE   sing N N 27  
ARG CD  HD2  sing N N 28  
ARG CD  HD3  sing N N 29  
ARG NE  CZ   sing N N 30  
ARG NE  HE   sing N N 31  
ARG CZ  NH1  sing N N 32  
ARG CZ  NH2  doub N N 33  
ARG NH1 HH11 sing N N 34  
ARG NH1 HH12 sing N N 35  
ARG NH2 HH21 sing N N 36  
ARG NH2 HH22 sing N N 37  
ARG OXT HXT  sing N N 38  
ASN N   CA   sing N N 39  
ASN N   H    sing N N 40  
ASN N   H2   sing N N 41  
ASN CA  C    sing N N 42  
ASN CA  CB   sing N N 43  
ASN CA  HA   sing N N 44  
ASN C   O    doub N N 45  
ASN C   OXT  sing N N 46  
ASN CB  CG   sing N N 47  
ASN CB  HB2  sing N N 48  
ASN CB  HB3  sing N N 49  
ASN CG  OD1  doub N N 50  
ASN CG  ND2  sing N N 51  
ASN ND2 HD21 sing N N 52  
ASN ND2 HD22 sing N N 53  
ASN OXT HXT  sing N N 54  
ASP N   CA   sing N N 55  
ASP N   H    sing N N 56  
ASP N   H2   sing N N 57  
ASP CA  C    sing N N 58  
ASP CA  CB   sing N N 59  
ASP CA  HA   sing N N 60  
ASP C   O    doub N N 61  
ASP C   OXT  sing N N 62  
ASP CB  CG   sing N N 63  
ASP CB  HB2  sing N N 64  
ASP CB  HB3  sing N N 65  
ASP CG  OD1  doub N N 66  
ASP CG  OD2  sing N N 67  
ASP OD2 HD2  sing N N 68  
ASP OXT HXT  sing N N 69  
CYS N   CA   sing N N 70  
CYS N   H    sing N N 71  
CYS N   H2   sing N N 72  
CYS CA  C    sing N N 73  
CYS CA  CB   sing N N 74  
CYS CA  HA   sing N N 75  
CYS C   O    doub N N 76  
CYS C   OXT  sing N N 77  
CYS CB  SG   sing N N 78  
CYS CB  HB2  sing N N 79  
CYS CB  HB3  sing N N 80  
CYS SG  HG   sing N N 81  
CYS OXT HXT  sing N N 82  
GLN N   CA   sing N N 83  
GLN N   H    sing N N 84  
GLN N   H2   sing N N 85  
GLN CA  C    sing N N 86  
GLN CA  CB   sing N N 87  
GLN CA  HA   sing N N 88  
GLN C   O    doub N N 89  
GLN C   OXT  sing N N 90  
GLN CB  CG   sing N N 91  
GLN CB  HB2  sing N N 92  
GLN CB  HB3  sing N N 93  
GLN CG  CD   sing N N 94  
GLN CG  HG2  sing N N 95  
GLN CG  HG3  sing N N 96  
GLN CD  OE1  doub N N 97  
GLN CD  NE2  sing N N 98  
GLN NE2 HE21 sing N N 99  
GLN NE2 HE22 sing N N 100 
GLN OXT HXT  sing N N 101 
GLU N   CA   sing N N 102 
GLU N   H    sing N N 103 
GLU N   H2   sing N N 104 
GLU CA  C    sing N N 105 
GLU CA  CB   sing N N 106 
GLU CA  HA   sing N N 107 
GLU C   O    doub N N 108 
GLU C   OXT  sing N N 109 
GLU CB  CG   sing N N 110 
GLU CB  HB2  sing N N 111 
GLU CB  HB3  sing N N 112 
GLU CG  CD   sing N N 113 
GLU CG  HG2  sing N N 114 
GLU CG  HG3  sing N N 115 
GLU CD  OE1  doub N N 116 
GLU CD  OE2  sing N N 117 
GLU OE2 HE2  sing N N 118 
GLU OXT HXT  sing N N 119 
GLY N   CA   sing N N 120 
GLY N   H    sing N N 121 
GLY N   H2   sing N N 122 
GLY CA  C    sing N N 123 
GLY CA  HA2  sing N N 124 
GLY CA  HA3  sing N N 125 
GLY C   O    doub N N 126 
GLY C   OXT  sing N N 127 
GLY OXT HXT  sing N N 128 
HIS N   CA   sing N N 129 
HIS N   H    sing N N 130 
HIS N   H2   sing N N 131 
HIS CA  C    sing N N 132 
HIS CA  CB   sing N N 133 
HIS CA  HA   sing N N 134 
HIS C   O    doub N N 135 
HIS C   OXT  sing N N 136 
HIS CB  CG   sing N N 137 
HIS CB  HB2  sing N N 138 
HIS CB  HB3  sing N N 139 
HIS CG  ND1  sing Y N 140 
HIS CG  CD2  doub Y N 141 
HIS ND1 CE1  doub Y N 142 
HIS ND1 HD1  sing N N 143 
HIS CD2 NE2  sing Y N 144 
HIS CD2 HD2  sing N N 145 
HIS CE1 NE2  sing Y N 146 
HIS CE1 HE1  sing N N 147 
HIS NE2 HE2  sing N N 148 
HIS OXT HXT  sing N N 149 
HOH O   H1   sing N N 150 
HOH O   H2   sing N N 151 
ILE N   CA   sing N N 152 
ILE N   H    sing N N 153 
ILE N   H2   sing N N 154 
ILE CA  C    sing N N 155 
ILE CA  CB   sing N N 156 
ILE CA  HA   sing N N 157 
ILE C   O    doub N N 158 
ILE C   OXT  sing N N 159 
ILE CB  CG1  sing N N 160 
ILE CB  CG2  sing N N 161 
ILE CB  HB   sing N N 162 
ILE CG1 CD1  sing N N 163 
ILE CG1 HG12 sing N N 164 
ILE CG1 HG13 sing N N 165 
ILE CG2 HG21 sing N N 166 
ILE CG2 HG22 sing N N 167 
ILE CG2 HG23 sing N N 168 
ILE CD1 HD11 sing N N 169 
ILE CD1 HD12 sing N N 170 
ILE CD1 HD13 sing N N 171 
ILE OXT HXT  sing N N 172 
LEU N   CA   sing N N 173 
LEU N   H    sing N N 174 
LEU N   H2   sing N N 175 
LEU CA  C    sing N N 176 
LEU CA  CB   sing N N 177 
LEU CA  HA   sing N N 178 
LEU C   O    doub N N 179 
LEU C   OXT  sing N N 180 
LEU CB  CG   sing N N 181 
LEU CB  HB2  sing N N 182 
LEU CB  HB3  sing N N 183 
LEU CG  CD1  sing N N 184 
LEU CG  CD2  sing N N 185 
LEU CG  HG   sing N N 186 
LEU CD1 HD11 sing N N 187 
LEU CD1 HD12 sing N N 188 
LEU CD1 HD13 sing N N 189 
LEU CD2 HD21 sing N N 190 
LEU CD2 HD22 sing N N 191 
LEU CD2 HD23 sing N N 192 
LEU OXT HXT  sing N N 193 
LYS N   CA   sing N N 194 
LYS N   H    sing N N 195 
LYS N   H2   sing N N 196 
LYS CA  C    sing N N 197 
LYS CA  CB   sing N N 198 
LYS CA  HA   sing N N 199 
LYS C   O    doub N N 200 
LYS C   OXT  sing N N 201 
LYS CB  CG   sing N N 202 
LYS CB  HB2  sing N N 203 
LYS CB  HB3  sing N N 204 
LYS CG  CD   sing N N 205 
LYS CG  HG2  sing N N 206 
LYS CG  HG3  sing N N 207 
LYS CD  CE   sing N N 208 
LYS CD  HD2  sing N N 209 
LYS CD  HD3  sing N N 210 
LYS CE  NZ   sing N N 211 
LYS CE  HE2  sing N N 212 
LYS CE  HE3  sing N N 213 
LYS NZ  HZ1  sing N N 214 
LYS NZ  HZ2  sing N N 215 
LYS NZ  HZ3  sing N N 216 
LYS OXT HXT  sing N N 217 
MET N   CA   sing N N 218 
MET N   H    sing N N 219 
MET N   H2   sing N N 220 
MET CA  C    sing N N 221 
MET CA  CB   sing N N 222 
MET CA  HA   sing N N 223 
MET C   O    doub N N 224 
MET C   OXT  sing N N 225 
MET CB  CG   sing N N 226 
MET CB  HB2  sing N N 227 
MET CB  HB3  sing N N 228 
MET CG  SD   sing N N 229 
MET CG  HG2  sing N N 230 
MET CG  HG3  sing N N 231 
MET SD  CE   sing N N 232 
MET CE  HE1  sing N N 233 
MET CE  HE2  sing N N 234 
MET CE  HE3  sing N N 235 
MET OXT HXT  sing N N 236 
PHE N   CA   sing N N 237 
PHE N   H    sing N N 238 
PHE N   H2   sing N N 239 
PHE CA  C    sing N N 240 
PHE CA  CB   sing N N 241 
PHE CA  HA   sing N N 242 
PHE C   O    doub N N 243 
PHE C   OXT  sing N N 244 
PHE CB  CG   sing N N 245 
PHE CB  HB2  sing N N 246 
PHE CB  HB3  sing N N 247 
PHE CG  CD1  doub Y N 248 
PHE CG  CD2  sing Y N 249 
PHE CD1 CE1  sing Y N 250 
PHE CD1 HD1  sing N N 251 
PHE CD2 CE2  doub Y N 252 
PHE CD2 HD2  sing N N 253 
PHE CE1 CZ   doub Y N 254 
PHE CE1 HE1  sing N N 255 
PHE CE2 CZ   sing Y N 256 
PHE CE2 HE2  sing N N 257 
PHE CZ  HZ   sing N N 258 
PHE OXT HXT  sing N N 259 
SER N   CA   sing N N 260 
SER N   H    sing N N 261 
SER N   H2   sing N N 262 
SER CA  C    sing N N 263 
SER CA  CB   sing N N 264 
SER CA  HA   sing N N 265 
SER C   O    doub N N 266 
SER C   OXT  sing N N 267 
SER CB  OG   sing N N 268 
SER CB  HB2  sing N N 269 
SER CB  HB3  sing N N 270 
SER OG  HG   sing N N 271 
SER OXT HXT  sing N N 272 
THR N   CA   sing N N 273 
THR N   H    sing N N 274 
THR N   H2   sing N N 275 
THR CA  C    sing N N 276 
THR CA  CB   sing N N 277 
THR CA  HA   sing N N 278 
THR C   O    doub N N 279 
THR C   OXT  sing N N 280 
THR CB  OG1  sing N N 281 
THR CB  CG2  sing N N 282 
THR CB  HB   sing N N 283 
THR OG1 HG1  sing N N 284 
THR CG2 HG21 sing N N 285 
THR CG2 HG22 sing N N 286 
THR CG2 HG23 sing N N 287 
THR OXT HXT  sing N N 288 
TRP N   CA   sing N N 289 
TRP N   H    sing N N 290 
TRP N   H2   sing N N 291 
TRP CA  C    sing N N 292 
TRP CA  CB   sing N N 293 
TRP CA  HA   sing N N 294 
TRP C   O    doub N N 295 
TRP C   OXT  sing N N 296 
TRP CB  CG   sing N N 297 
TRP CB  HB2  sing N N 298 
TRP CB  HB3  sing N N 299 
TRP CG  CD1  doub Y N 300 
TRP CG  CD2  sing Y N 301 
TRP CD1 NE1  sing Y N 302 
TRP CD1 HD1  sing N N 303 
TRP CD2 CE2  doub Y N 304 
TRP CD2 CE3  sing Y N 305 
TRP NE1 CE2  sing Y N 306 
TRP NE1 HE1  sing N N 307 
TRP CE2 CZ2  sing Y N 308 
TRP CE3 CZ3  doub Y N 309 
TRP CE3 HE3  sing N N 310 
TRP CZ2 CH2  doub Y N 311 
TRP CZ2 HZ2  sing N N 312 
TRP CZ3 CH2  sing Y N 313 
TRP CZ3 HZ3  sing N N 314 
TRP CH2 HH2  sing N N 315 
TRP OXT HXT  sing N N 316 
TYR N   CA   sing N N 317 
TYR N   H    sing N N 318 
TYR N   H2   sing N N 319 
TYR CA  C    sing N N 320 
TYR CA  CB   sing N N 321 
TYR CA  HA   sing N N 322 
TYR C   O    doub N N 323 
TYR C   OXT  sing N N 324 
TYR CB  CG   sing N N 325 
TYR CB  HB2  sing N N 326 
TYR CB  HB3  sing N N 327 
TYR CG  CD1  doub Y N 328 
TYR CG  CD2  sing Y N 329 
TYR CD1 CE1  sing Y N 330 
TYR CD1 HD1  sing N N 331 
TYR CD2 CE2  doub Y N 332 
TYR CD2 HD2  sing N N 333 
TYR CE1 CZ   doub Y N 334 
TYR CE1 HE1  sing N N 335 
TYR CE2 CZ   sing Y N 336 
TYR CE2 HE2  sing N N 337 
TYR CZ  OH   sing N N 338 
TYR OH  HH   sing N N 339 
TYR OXT HXT  sing N N 340 
VAL N   CA   sing N N 341 
VAL N   H    sing N N 342 
VAL N   H2   sing N N 343 
VAL CA  C    sing N N 344 
VAL CA  CB   sing N N 345 
VAL CA  HA   sing N N 346 
VAL C   O    doub N N 347 
VAL C   OXT  sing N N 348 
VAL CB  CG1  sing N N 349 
VAL CB  CG2  sing N N 350 
VAL CB  HB   sing N N 351 
VAL CG1 HG11 sing N N 352 
VAL CG1 HG12 sing N N 353 
VAL CG1 HG13 sing N N 354 
VAL CG2 HG21 sing N N 355 
VAL CG2 HG22 sing N N 356 
VAL CG2 HG23 sing N N 357 
VAL OXT HXT  sing N N 358 
# 
_atom_sites.entry_id                    3GUV 
_atom_sites.fract_transf_matrix[1][1]   0.02259568 
_atom_sites.fract_transf_matrix[1][2]   0.00572362 
_atom_sites.fract_transf_matrix[1][3]   0.00777830 
_atom_sites.fract_transf_matrix[2][1]   0.01547829 
_atom_sites.fract_transf_matrix[2][2]   -0.01778130 
_atom_sites.fract_transf_matrix[2][3]   0.00693400 
_atom_sites.fract_transf_matrix[3][1]   0.00285406 
_atom_sites.fract_transf_matrix[3][2]   -0.00058179 
_atom_sites.fract_transf_matrix[3][3]   -0.00786283 
_atom_sites.fract_transf_vector[1]      0.438127 
_atom_sites.fract_transf_vector[2]      0.146780 
_atom_sites.fract_transf_vector[3]      0.045591 
# 
loop_
_atom_type.symbol 
C 
N 
O 
S 
# 
loop_
_atom_site.group_PDB 
_atom_site.id 
_atom_site.type_symbol 
_atom_site.label_atom_id 
_atom_site.label_alt_id 
_atom_site.label_comp_id 
_atom_site.label_asym_id 
_atom_site.label_entity_id 
_atom_site.label_seq_id 
_atom_site.pdbx_PDB_ins_code 
_atom_site.Cartn_x 
_atom_site.Cartn_y 
_atom_site.Cartn_z 
_atom_site.occupancy 
_atom_site.B_iso_or_equiv 
_atom_site.pdbx_formal_charge 
_atom_site.auth_seq_id 
_atom_site.auth_comp_id 
_atom_site.auth_asym_id 
_atom_site.auth_atom_id 
_atom_site.pdbx_PDB_model_num 
ATOM   1    N N   . LYS A 1 4   ? -13.861 16.317  -12.391 1.00 33.02 ? 5   LYS A N   1 
ATOM   2    C CA  . LYS A 1 4   ? -13.350 14.892  -12.367 1.00 33.18 ? 5   LYS A CA  1 
ATOM   3    C C   . LYS A 1 4   ? -12.826 14.403  -11.016 1.00 31.92 ? 5   LYS A C   1 
ATOM   4    O O   . LYS A 1 4   ? -12.281 15.157  -10.207 1.00 32.26 ? 5   LYS A O   1 
ATOM   5    C CB  . LYS A 1 4   ? -12.269 14.686  -13.428 1.00 33.41 ? 5   LYS A CB  1 
ATOM   6    C CG  . LYS A 1 4   ? -12.716 15.194  -14.766 1.00 36.11 ? 5   LYS A CG  1 
ATOM   7    C CD  . LYS A 1 4   ? -11.911 14.650  -15.907 1.00 37.65 ? 5   LYS A CD  1 
ATOM   8    C CE  . LYS A 1 4   ? -12.615 15.009  -17.211 1.00 39.05 ? 5   LYS A CE  1 
ATOM   9    N NZ  . LYS A 1 4   ? -11.681 14.956  -18.348 1.00 41.36 ? 5   LYS A NZ  1 
ATOM   10   N N   . ILE A 1 5   ? -12.989 13.110  -10.787 1.00 30.67 ? 6   ILE A N   1 
ATOM   11   C CA  . ILE A 1 5   ? -12.441 12.494  -9.584  1.00 29.81 ? 6   ILE A CA  1 
ATOM   12   C C   . ILE A 1 5   ? -10.916 12.617  -9.658  1.00 28.09 ? 6   ILE A C   1 
ATOM   13   O O   . ILE A 1 5   ? -10.329 12.284  -10.682 1.00 27.13 ? 6   ILE A O   1 
ATOM   14   C CB  . ILE A 1 5   ? -12.889 11.021  -9.488  1.00 29.86 ? 6   ILE A CB  1 
ATOM   15   C CG1 . ILE A 1 5   ? -14.415 10.962  -9.263  1.00 32.17 ? 6   ILE A CG1 1 
ATOM   16   C CG2 . ILE A 1 5   ? -12.109 10.267  -8.422  1.00 29.95 ? 6   ILE A CG2 1 
ATOM   17   C CD1 . ILE A 1 5   ? -14.921 11.872  -8.157  1.00 33.27 ? 6   ILE A CD1 1 
ATOM   18   N N   . LYS A 1 6   ? -10.308 13.122  -8.582  1.00 26.66 ? 7   LYS A N   1 
ATOM   19   C CA  . LYS A 1 6   ? -8.850  13.278  -8.476  1.00 25.31 ? 7   LYS A CA  1 
ATOM   20   C C   . LYS A 1 6   ? -8.171  12.095  -7.746  1.00 24.10 ? 7   LYS A C   1 
ATOM   21   O O   . LYS A 1 6   ? -8.640  11.643  -6.668  1.00 22.89 ? 7   LYS A O   1 
ATOM   22   C CB  . LYS A 1 6   ? -8.499  14.580  -7.766  1.00 25.16 ? 7   LYS A CB  1 
ATOM   23   C CG  . LYS A 1 6   ? -8.775  15.799  -8.670  1.00 28.70 ? 7   LYS A CG  1 
ATOM   24   C CD  . LYS A 1 6   ? -8.682  17.119  -7.912  1.00 32.30 ? 7   LYS A CD  1 
ATOM   25   C CE  . LYS A 1 6   ? -9.854  18.000  -8.244  1.00 34.11 ? 7   LYS A CE  1 
ATOM   26   N NZ  . LYS A 1 6   ? -10.013 18.202  -9.713  1.00 35.90 ? 7   LYS A NZ  1 
ATOM   27   N N   . VAL A 1 7   ? -7.043  11.660  -8.302  1.00 21.19 ? 8   VAL A N   1 
ATOM   28   C CA  . VAL A 1 7   ? -6.302  10.550  -7.751  1.00 20.75 ? 8   VAL A CA  1 
ATOM   29   C C   . VAL A 1 7   ? -4.770  10.823  -7.719  1.00 21.05 ? 8   VAL A C   1 
ATOM   30   O O   . VAL A 1 7   ? -4.210  11.689  -8.473  1.00 19.00 ? 8   VAL A O   1 
ATOM   31   C CB  . VAL A 1 7   ? -6.634  9.238   -8.567  1.00 20.99 ? 8   VAL A CB  1 
ATOM   32   C CG1 . VAL A 1 7   ? -8.178  9.077   -8.844  1.00 18.47 ? 8   VAL A CG1 1 
ATOM   33   C CG2 . VAL A 1 7   ? -5.910  9.209   -9.887  1.00 20.16 ? 8   VAL A CG2 1 
ATOM   34   N N   . TYR A 1 8   ? -4.117  10.119  -6.800  1.00 20.91 ? 9   TYR A N   1 
ATOM   35   C CA  . TYR A 1 8   ? -2.660  9.970   -6.757  1.00 21.32 ? 9   TYR A CA  1 
ATOM   36   C C   . TYR A 1 8   ? -2.321  8.585   -7.277  1.00 22.15 ? 9   TYR A C   1 
ATOM   37   O O   . TYR A 1 8   ? -3.094  7.629   -7.026  1.00 22.88 ? 9   TYR A O   1 
ATOM   38   C CB  . TYR A 1 8   ? -2.152  10.037  -5.307  1.00 21.50 ? 9   TYR A CB  1 
ATOM   39   C CG  . TYR A 1 8   ? -2.142  11.394  -4.607  1.00 22.37 ? 9   TYR A CG  1 
ATOM   40   C CD1 . TYR A 1 8   ? -1.951  12.597  -5.315  1.00 23.20 ? 9   TYR A CD1 1 
ATOM   41   C CD2 . TYR A 1 8   ? -2.226  11.462  -3.225  1.00 24.78 ? 9   TYR A CD2 1 
ATOM   42   C CE1 . TYR A 1 8   ? -1.916  13.800  -4.655  1.00 24.80 ? 9   TYR A CE1 1 
ATOM   43   C CE2 . TYR A 1 8   ? -2.177  12.658  -2.545  1.00 25.79 ? 9   TYR A CE2 1 
ATOM   44   C CZ  . TYR A 1 8   ? -2.020  13.836  -3.264  1.00 27.38 ? 9   TYR A CZ  1 
ATOM   45   O OH  . TYR A 1 8   ? -1.973  15.033  -2.587  1.00 28.68 ? 9   TYR A OH  1 
ATOM   46   N N   . LEU A 1 9   ? -1.190  8.451   -7.971  1.00 21.85 ? 10  LEU A N   1 
ATOM   47   C CA  . LEU A 1 9   ? -0.614  7.148   -8.325  1.00 22.14 ? 10  LEU A CA  1 
ATOM   48   C C   . LEU A 1 9   ? 0.492   6.818   -7.343  1.00 22.14 ? 10  LEU A C   1 
ATOM   49   O O   . LEU A 1 9   ? 1.289   7.685   -7.047  1.00 22.72 ? 10  LEU A O   1 
ATOM   50   C CB  . LEU A 1 9   ? -0.020  7.184   -9.731  1.00 21.47 ? 10  LEU A CB  1 
ATOM   51   C CG  . LEU A 1 9   ? -0.884  6.631   -10.844 1.00 23.30 ? 10  LEU A CG  1 
ATOM   52   C CD1 . LEU A 1 9   ? -2.275  7.171   -10.791 1.00 20.31 ? 10  LEU A CD1 1 
ATOM   53   C CD2 . LEU A 1 9   ? -0.167  6.817   -12.215 1.00 19.50 ? 10  LEU A CD2 1 
ATOM   54   N N   . TYR A 1 10  ? 0.550   5.587   -6.839  1.00 21.48 ? 11  TYR A N   1 
ATOM   55   C CA  . TYR A 1 10  ? 1.673   5.145   -5.993  1.00 21.92 ? 11  TYR A CA  1 
ATOM   56   C C   . TYR A 1 10  ? 2.293   3.876   -6.535  1.00 21.96 ? 11  TYR A C   1 
ATOM   57   O O   . TYR A 1 10  ? 1.595   2.899   -6.762  1.00 22.88 ? 11  TYR A O   1 
ATOM   58   C CB  . TYR A 1 10  ? 1.237   4.863   -4.559  1.00 22.23 ? 11  TYR A CB  1 
ATOM   59   C CG  . TYR A 1 10  ? 2.419   4.399   -3.748  1.00 23.31 ? 11  TYR A CG  1 
ATOM   60   C CD1 . TYR A 1 10  ? 3.419   5.302   -3.370  1.00 22.20 ? 11  TYR A CD1 1 
ATOM   61   C CD2 . TYR A 1 10  ? 2.589   3.030   -3.410  1.00 22.66 ? 11  TYR A CD2 1 
ATOM   62   C CE1 . TYR A 1 10  ? 4.526   4.879   -2.643  1.00 23.87 ? 11  TYR A CE1 1 
ATOM   63   C CE2 . TYR A 1 10  ? 3.705   2.595   -2.713  1.00 22.89 ? 11  TYR A CE2 1 
ATOM   64   C CZ  . TYR A 1 10  ? 4.659   3.503   -2.325  1.00 24.12 ? 11  TYR A CZ  1 
ATOM   65   O OH  . TYR A 1 10  ? 5.773   3.084   -1.649  1.00 25.85 ? 11  TYR A OH  1 
ATOM   66   N N   . THR A 1 11  ? 3.604   3.878   -6.727  1.00 22.75 ? 12  THR A N   1 
ATOM   67   C CA  . THR A 1 11  ? 4.307   2.690   -7.208  1.00 22.86 ? 12  THR A CA  1 
ATOM   68   C C   . THR A 1 11  ? 5.556   2.450   -6.353  1.00 22.24 ? 12  THR A C   1 
ATOM   69   O O   . THR A 1 11  ? 6.073   3.366   -5.737  1.00 21.88 ? 12  THR A O   1 
ATOM   70   C CB  . THR A 1 11  ? 4.707   2.802   -8.726  1.00 22.75 ? 12  THR A CB  1 
ATOM   71   O OG1 . THR A 1 11  ? 5.527   3.955   -8.939  1.00 25.27 ? 12  THR A OG1 1 
ATOM   72   C CG2 . THR A 1 11  ? 3.482   2.883   -9.640  1.00 23.66 ? 12  THR A CG2 1 
ATOM   73   N N   . ARG A 1 12  ? 6.043   1.212   -6.354  1.00 22.15 ? 13  ARG A N   1 
ATOM   74   C CA  . ARG A 1 12  ? 7.272   0.836   -5.598  1.00 22.06 ? 13  ARG A CA  1 
ATOM   75   C C   . ARG A 1 12  ? 7.833   -0.497  -6.083  1.00 22.33 ? 13  ARG A C   1 
ATOM   76   O O   . ARG A 1 12  ? 7.187   -1.204  -6.836  1.00 23.92 ? 13  ARG A O   1 
ATOM   77   C CB  . ARG A 1 12  ? 7.007   0.772   -4.081  1.00 21.80 ? 13  ARG A CB  1 
ATOM   78   C CG  . ARG A 1 12  ? 5.895   -0.277  -3.719  1.00 22.22 ? 13  ARG A CG  1 
ATOM   79   C CD  . ARG A 1 12  ? 5.735   -0.521  -2.237  1.00 24.39 ? 13  ARG A CD  1 
ATOM   80   N NE  . ARG A 1 12  ? 6.969   -1.061  -1.685  1.00 27.02 ? 13  ARG A NE  1 
ATOM   81   C CZ  . ARG A 1 12  ? 7.827   -0.417  -0.894  1.00 32.35 ? 13  ARG A CZ  1 
ATOM   82   N NH1 . ARG A 1 12  ? 8.933   -1.046  -0.482  1.00 32.95 ? 13  ARG A NH1 1 
ATOM   83   N NH2 . ARG A 1 12  ? 7.622   0.844   -0.508  1.00 34.57 ? 13  ARG A NH2 1 
ATOM   84   N N   . VAL A 1 13  ? 9.044   -0.818  -5.669  1.00 23.69 ? 14  VAL A N   1 
ATOM   85   C CA  . VAL A 1 13  ? 9.604   -2.170  -5.760  1.00 25.25 ? 14  VAL A CA  1 
ATOM   86   C C   . VAL A 1 13  ? 9.643   -2.686  -4.316  1.00 26.77 ? 14  VAL A C   1 
ATOM   87   O O   . VAL A 1 13  ? 9.585   -1.896  -3.385  1.00 27.23 ? 14  VAL A O   1 
ATOM   88   C CB  . VAL A 1 13  ? 11.029  -2.186  -6.322  1.00 25.26 ? 14  VAL A CB  1 
ATOM   89   C CG1 . VAL A 1 13  ? 11.064  -1.521  -7.719  1.00 25.78 ? 14  VAL A CG1 1 
ATOM   90   C CG2 . VAL A 1 13  ? 11.983  -1.468  -5.378  1.00 23.51 ? 14  VAL A CG2 1 
ATOM   91   N N   . SER A 1 14  ? 9.713   -4.005  -4.156  1.00 27.68 ? 15  SER A N   1 
ATOM   92   C CA  . SER A 1 14  ? 9.886   -4.657  -2.864  1.00 28.48 ? 15  SER A CA  1 
ATOM   93   C C   . SER A 1 14  ? 11.339  -4.720  -2.471  1.00 28.30 ? 15  SER A C   1 
ATOM   94   O O   . SER A 1 14  ? 11.655  -4.549  -1.301  1.00 28.19 ? 15  SER A O   1 
ATOM   95   C CB  . SER A 1 14  ? 9.397   -6.107  -2.914  1.00 28.92 ? 15  SER A CB  1 
ATOM   96   O OG  . SER A 1 14  ? 8.081   -6.179  -3.413  1.00 32.64 ? 15  SER A OG  1 
ATOM   97   N N   . THR A 1 15  ? 12.202  -5.050  -3.432  1.00 28.57 ? 16  THR A N   1 
ATOM   98   C CA  . THR A 1 15  ? 13.648  -5.214  -3.164  1.00 29.04 ? 16  THR A CA  1 
ATOM   99   C C   . THR A 1 15  ? 14.371  -3.997  -3.680  1.00 28.68 ? 16  THR A C   1 
ATOM   100  O O   . THR A 1 15  ? 14.336  -2.986  -3.006  1.00 29.14 ? 16  THR A O   1 
ATOM   101  C CB  . THR A 1 15  ? 14.283  -6.525  -3.761  1.00 28.80 ? 16  THR A CB  1 
ATOM   102  O OG1 . THR A 1 15  ? 14.011  -6.623  -5.164  1.00 29.13 ? 16  THR A OG1 1 
ATOM   103  C CG2 . THR A 1 15  ? 13.752  -7.726  -3.053  1.00 30.09 ? 16  THR A CG2 1 
ATOM   104  N N   . SER A 1 16  ? 14.984  -4.089  -4.868  1.00 28.38 ? 17  SER A N   1 
ATOM   105  C CA  . SER A 1 16  ? 15.690  -2.961  -5.517  1.00 28.03 ? 17  SER A CA  1 
ATOM   106  C C   . SER A 1 16  ? 15.291  -2.751  -6.987  1.00 27.40 ? 17  SER A C   1 
ATOM   107  O O   . SER A 1 16  ? 14.734  -3.656  -7.626  1.00 27.37 ? 17  SER A O   1 
ATOM   108  C CB  . SER A 1 16  ? 17.227  -3.115  -5.388  1.00 28.28 ? 17  SER A CB  1 
ATOM   109  O OG  . SER A 1 16  ? 17.669  -4.403  -5.776  1.00 28.66 ? 17  SER A OG  1 
ATOM   110  N N   . ILE A 1 17  ? 15.587  -1.555  -7.513  1.00 26.87 ? 18  ILE A N   1 
ATOM   111  C CA  . ILE A 1 17  ? 15.354  -1.200  -8.930  1.00 26.94 ? 18  ILE A CA  1 
ATOM   112  C C   . ILE A 1 17  ? 16.140  -2.065  -9.932  1.00 26.84 ? 18  ILE A C   1 
ATOM   113  O O   . ILE A 1 17  ? 15.658  -2.335  -11.055 1.00 24.67 ? 18  ILE A O   1 
ATOM   114  C CB  . ILE A 1 17  ? 15.664  0.313   -9.228  1.00 26.97 ? 18  ILE A CB  1 
ATOM   115  C CG1 . ILE A 1 17  ? 14.985  0.748   -10.547 1.00 28.52 ? 18  ILE A CG1 1 
ATOM   116  C CG2 . ILE A 1 17  ? 17.135  0.547   -9.257  1.00 26.27 ? 18  ILE A CG2 1 
ATOM   117  C CD1 . ILE A 1 17  ? 14.817  2.294   -10.755 1.00 29.16 ? 18  ILE A CD1 1 
ATOM   118  N N   . GLN A 1 18  ? 17.324  -2.502  -9.497  1.00 26.70 ? 19  GLN A N   1 
ATOM   119  C CA  . GLN A 1 18  ? 18.142  -3.502  -10.203 1.00 28.09 ? 19  GLN A CA  1 
ATOM   120  C C   . GLN A 1 18  ? 17.392  -4.778  -10.554 1.00 27.69 ? 19  GLN A C   1 
ATOM   121  O O   . GLN A 1 18  ? 17.551  -5.313  -11.642 1.00 28.51 ? 19  GLN A O   1 
ATOM   122  C CB  . GLN A 1 18  ? 19.346  -3.930  -9.331  1.00 27.60 ? 19  GLN A CB  1 
ATOM   123  C CG  . GLN A 1 18  ? 20.625  -3.438  -9.787  1.00 30.17 ? 19  GLN A CG  1 
ATOM   124  C CD  . GLN A 1 18  ? 21.738  -3.893  -8.860  1.00 32.62 ? 19  GLN A CD  1 
ATOM   125  O OE1 . GLN A 1 18  ? 21.851  -3.391  -7.731  1.00 33.38 ? 19  GLN A OE1 1 
ATOM   126  N NE2 . GLN A 1 18  ? 22.536  -4.875  -9.306  1.00 30.28 ? 19  GLN A NE2 1 
ATOM   127  N N   . ILE A 1 19  ? 16.630  -5.280  -9.593  1.00 27.57 ? 20  ILE A N   1 
ATOM   128  C CA  . ILE A 1 19  ? 15.944  -6.564  -9.711  1.00 27.86 ? 20  ILE A CA  1 
ATOM   129  C C   . ILE A 1 19  ? 14.543  -6.405  -10.297 1.00 27.79 ? 20  ILE A C   1 
ATOM   130  O O   . ILE A 1 19  ? 14.089  -7.230  -11.083 1.00 27.63 ? 20  ILE A O   1 
ATOM   131  C CB  . ILE A 1 19  ? 15.881  -7.249  -8.304  1.00 28.29 ? 20  ILE A CB  1 
ATOM   132  C CG1 . ILE A 1 19  ? 17.301  -7.419  -7.734  1.00 28.91 ? 20  ILE A CG1 1 
ATOM   133  C CG2 . ILE A 1 19  ? 15.114  -8.557  -8.337  1.00 27.88 ? 20  ILE A CG2 1 
ATOM   134  C CD1 . ILE A 1 19  ? 18.365  -7.943  -8.759  1.00 29.89 ? 20  ILE A CD1 1 
ATOM   135  N N   . GLU A 1 20  ? 13.871  -5.326  -9.912  1.00 28.01 ? 21  GLU A N   1 
ATOM   136  C CA  . GLU A 1 20  ? 12.453  -5.153  -10.165 1.00 27.70 ? 21  GLU A CA  1 
ATOM   137  C C   . GLU A 1 20  ? 12.076  -3.935  -11.020 1.00 27.62 ? 21  GLU A C   1 
ATOM   138  O O   . GLU A 1 20  ? 10.944  -3.829  -11.471 1.00 26.26 ? 21  GLU A O   1 
ATOM   139  C CB  . GLU A 1 20  ? 11.758  -5.001  -8.833  1.00 28.53 ? 21  GLU A CB  1 
ATOM   140  C CG  . GLU A 1 20  ? 11.499  -6.263  -8.090  1.00 30.44 ? 21  GLU A CG  1 
ATOM   141  C CD  . GLU A 1 20  ? 10.748  -5.970  -6.818  1.00 35.35 ? 21  GLU A CD  1 
ATOM   142  O OE1 . GLU A 1 20  ? 9.674   -5.300  -6.885  1.00 37.24 ? 21  GLU A OE1 1 
ATOM   143  O OE2 . GLU A 1 20  ? 11.239  -6.382  -5.751  1.00 38.34 ? 21  GLU A OE2 1 
ATOM   144  N N   . GLY A 1 21  ? 13.016  -3.015  -11.223 1.00 28.20 ? 22  GLY A N   1 
ATOM   145  C CA  . GLY A 1 21  ? 12.790  -1.754  -11.932 1.00 27.99 ? 22  GLY A CA  1 
ATOM   146  C C   . GLY A 1 21  ? 12.126  -1.938  -13.258 1.00 28.49 ? 22  GLY A C   1 
ATOM   147  O O   . GLY A 1 21  ? 11.168  -1.207  -13.619 1.00 28.04 ? 22  GLY A O   1 
ATOM   148  N N   . TYR A 1 22  ? 12.569  -2.971  -13.959 1.00 29.17 ? 23  TYR A N   1 
ATOM   149  C CA  . TYR A 1 22  ? 12.131  -3.203  -15.325 1.00 29.60 ? 23  TYR A CA  1 
ATOM   150  C C   . TYR A 1 22  ? 10.645  -3.329  -15.483 1.00 30.59 ? 23  TYR A C   1 
ATOM   151  O O   . TYR A 1 22  ? 10.145  -3.074  -16.548 1.00 33.30 ? 23  TYR A O   1 
ATOM   152  C CB  . TYR A 1 22  ? 12.810  -4.452  -15.901 1.00 29.88 ? 23  TYR A CB  1 
ATOM   153  C CG  . TYR A 1 22  ? 12.194  -5.792  -15.513 1.00 27.35 ? 23  TYR A CG  1 
ATOM   154  C CD1 . TYR A 1 22  ? 11.213  -6.396  -16.299 1.00 26.62 ? 23  TYR A CD1 1 
ATOM   155  C CD2 . TYR A 1 22  ? 12.606  -6.447  -14.365 1.00 25.36 ? 23  TYR A CD2 1 
ATOM   156  C CE1 . TYR A 1 22  ? 10.689  -7.657  -15.961 1.00 25.55 ? 23  TYR A CE1 1 
ATOM   157  C CE2 . TYR A 1 22  ? 12.085  -7.681  -14.006 1.00 23.91 ? 23  TYR A CE2 1 
ATOM   158  C CZ  . TYR A 1 22  ? 11.149  -8.277  -14.788 1.00 25.38 ? 23  TYR A CZ  1 
ATOM   159  O OH  . TYR A 1 22  ? 10.678  -9.488  -14.376 1.00 26.64 ? 23  TYR A OH  1 
ATOM   160  N N   . SER A 1 23  ? 9.915   -3.746  -14.457 1.00 30.72 ? 24  SER A N   1 
ATOM   161  C CA  . SER A 1 23  ? 8.496   -3.905  -14.619 1.00 31.07 ? 24  SER A CA  1 
ATOM   162  C C   . SER A 1 23  ? 7.691   -2.745  -14.001 1.00 31.32 ? 24  SER A C   1 
ATOM   163  O O   . SER A 1 23  ? 6.464   -2.819  -13.976 1.00 31.05 ? 24  SER A O   1 
ATOM   164  C CB  . SER A 1 23  ? 8.064   -5.221  -13.990 1.00 31.48 ? 24  SER A CB  1 
ATOM   165  O OG  . SER A 1 23  ? 7.769   -5.061  -12.627 1.00 32.86 ? 24  SER A OG  1 
ATOM   166  N N   . LEU A 1 24  ? 8.384   -1.710  -13.508 1.00 30.86 ? 25  LEU A N   1 
ATOM   167  C CA  . LEU A 1 24  ? 7.756   -0.557  -12.895 1.00 31.36 ? 25  LEU A CA  1 
ATOM   168  C C   . LEU A 1 24  ? 7.051   0.221   -13.940 1.00 31.69 ? 25  LEU A C   1 
ATOM   169  O O   . LEU A 1 24  ? 5.938   0.681   -13.709 1.00 31.16 ? 25  LEU A O   1 
ATOM   170  C CB  . LEU A 1 24  ? 8.768   0.388   -12.221 1.00 31.51 ? 25  LEU A CB  1 
ATOM   171  C CG  . LEU A 1 24  ? 9.002   0.183   -10.735 1.00 32.17 ? 25  LEU A CG  1 
ATOM   172  C CD1 . LEU A 1 24  ? 10.127  1.137   -10.221 1.00 31.04 ? 25  LEU A CD1 1 
ATOM   173  C CD2 . LEU A 1 24  ? 7.661   0.383   -9.975  1.00 32.30 ? 25  LEU A CD2 1 
ATOM   174  N N   . GLU A 1 25  ? 7.698   0.375   -15.098 1.00 32.45 ? 26  GLU A N   1 
ATOM   175  C CA  . GLU A 1 25  ? 7.120   1.210   -16.154 1.00 33.27 ? 26  GLU A CA  1 
ATOM   176  C C   . GLU A 1 25  ? 5.919   0.539   -16.801 1.00 31.84 ? 26  GLU A C   1 
ATOM   177  O O   . GLU A 1 25  ? 4.988   1.224   -17.152 1.00 31.14 ? 26  GLU A O   1 
ATOM   178  C CB  . GLU A 1 25  ? 8.137   1.664   -17.222 1.00 34.81 ? 26  GLU A CB  1 
ATOM   179  C CG  . GLU A 1 25  ? 9.336   0.792   -17.371 1.00 38.42 ? 26  GLU A CG  1 
ATOM   180  C CD  . GLU A 1 25  ? 10.282  0.894   -16.184 1.00 45.29 ? 26  GLU A CD  1 
ATOM   181  O OE1 . GLU A 1 25  ? 10.917  -0.133  -15.858 1.00 47.92 ? 26  GLU A OE1 1 
ATOM   182  O OE2 . GLU A 1 25  ? 10.379  1.988   -15.561 1.00 51.48 ? 26  GLU A OE2 1 
ATOM   183  N N   . ALA A 1 26  ? 5.938   -0.789  -16.954 1.00 31.37 ? 27  ALA A N   1 
ATOM   184  C CA  . ALA A 1 26  ? 4.716   -1.542  -17.352 1.00 30.78 ? 27  ALA A CA  1 
ATOM   185  C C   . ALA A 1 26  ? 3.602   -1.353  -16.330 1.00 30.23 ? 27  ALA A C   1 
ATOM   186  O O   . ALA A 1 26  ? 2.461   -1.170  -16.705 1.00 31.13 ? 27  ALA A O   1 
ATOM   187  C CB  . ALA A 1 26  ? 5.016   -3.021  -17.528 1.00 31.46 ? 27  ALA A CB  1 
ATOM   188  N N   . GLN A 1 27  ? 3.927   -1.344  -15.040 1.00 29.47 ? 28  GLN A N   1 
ATOM   189  C CA  . GLN A 1 27  ? 2.917   -1.028  -14.007 1.00 29.21 ? 28  GLN A CA  1 
ATOM   190  C C   . GLN A 1 27  ? 2.344   0.367   -14.155 1.00 28.08 ? 28  GLN A C   1 
ATOM   191  O O   . GLN A 1 27  ? 1.129   0.518   -14.211 1.00 26.73 ? 28  GLN A O   1 
ATOM   192  C CB  . GLN A 1 27  ? 3.464   -1.188  -12.583 1.00 28.86 ? 28  GLN A CB  1 
ATOM   193  C CG  . GLN A 1 27  ? 3.576   -2.621  -12.211 1.00 31.56 ? 28  GLN A CG  1 
ATOM   194  C CD  . GLN A 1 27  ? 4.359   -2.874  -10.936 1.00 31.47 ? 28  GLN A CD  1 
ATOM   195  O OE1 . GLN A 1 27  ? 4.207   -2.192  -9.946  1.00 29.44 ? 28  GLN A OE1 1 
ATOM   196  N NE2 . GLN A 1 27  ? 5.158   -3.915  -10.961 1.00 34.57 ? 28  GLN A NE2 1 
ATOM   197  N N   . LYS A 1 28  ? 3.230   1.364   -14.230 1.00 27.49 ? 29  LYS A N   1 
ATOM   198  C CA  . LYS A 1 28  ? 2.819   2.759   -14.348 1.00 27.78 ? 29  LYS A CA  1 
ATOM   199  C C   . LYS A 1 28  ? 1.934   3.004   -15.557 1.00 26.41 ? 29  LYS A C   1 
ATOM   200  O O   . LYS A 1 28  ? 0.940   3.677   -15.422 1.00 25.25 ? 29  LYS A O   1 
ATOM   201  C CB  . LYS A 1 28  ? 4.015   3.730   -14.352 1.00 27.41 ? 29  LYS A CB  1 
ATOM   202  C CG  . LYS A 1 28  ? 4.518   4.002   -12.958 1.00 31.18 ? 29  LYS A CG  1 
ATOM   203  C CD  . LYS A 1 28  ? 5.671   5.033   -12.918 1.00 33.80 ? 29  LYS A CD  1 
ATOM   204  C CE  . LYS A 1 28  ? 6.911   4.490   -13.568 1.00 36.52 ? 29  LYS A CE  1 
ATOM   205  N NZ  . LYS A 1 28  ? 8.135   5.211   -13.069 1.00 39.11 ? 29  LYS A NZ  1 
ATOM   206  N N   . SER A 1 29  ? 2.334   2.496   -16.724 1.00 26.61 ? 30  SER A N   1 
ATOM   207  C CA  . SER A 1 29  ? 1.537   2.597   -17.984 1.00 26.90 ? 30  SER A CA  1 
ATOM   208  C C   . SER A 1 29  ? 0.142   2.041   -17.857 1.00 26.60 ? 30  SER A C   1 
ATOM   209  O O   . SER A 1 29  ? -0.831  2.665   -18.306 1.00 26.48 ? 30  SER A O   1 
ATOM   210  C CB  . SER A 1 29  ? 2.229   1.885   -19.146 1.00 26.98 ? 30  SER A CB  1 
ATOM   211  O OG  . SER A 1 29  ? 3.544   2.380   -19.263 1.00 28.17 ? 30  SER A OG  1 
ATOM   212  N N   . ARG A 1 30  ? 0.066   0.875   -17.219 1.00 26.03 ? 31  ARG A N   1 
ATOM   213  C CA  . ARG A 1 30  ? -1.172  0.262   -16.888 1.00 26.27 ? 31  ARG A CA  1 
ATOM   214  C C   . ARG A 1 30  ? -2.035  1.140   -15.995 1.00 24.31 ? 31  ARG A C   1 
ATOM   215  O O   . ARG A 1 30  ? -3.245  1.294   -16.220 1.00 23.30 ? 31  ARG A O   1 
ATOM   216  C CB  . ARG A 1 30  ? -0.924  -1.058  -16.163 1.00 27.44 ? 31  ARG A CB  1 
ATOM   217  C CG  . ARG A 1 30  ? -2.216  -1.865  -16.047 1.00 33.98 ? 31  ARG A CG  1 
ATOM   218  C CD  . ARG A 1 30  ? -2.310  -2.894  -17.120 1.00 40.38 ? 31  ARG A CD  1 
ATOM   219  N NE  . ARG A 1 30  ? -1.644  -4.134  -16.710 1.00 45.69 ? 31  ARG A NE  1 
ATOM   220  C CZ  . ARG A 1 30  ? -2.203  -5.094  -15.959 1.00 50.62 ? 31  ARG A CZ  1 
ATOM   221  N NH1 . ARG A 1 30  ? -3.458  -4.989  -15.484 1.00 52.49 ? 31  ARG A NH1 1 
ATOM   222  N NH2 . ARG A 1 30  ? -1.485  -6.175  -15.662 1.00 51.21 ? 31  ARG A NH2 1 
ATOM   223  N N   . MET A 1 31  ? -1.430  1.676   -14.951 1.00 22.32 ? 32  MET A N   1 
ATOM   224  C CA  . MET A 1 31  ? -2.155  2.526   -14.050 1.00 22.06 ? 32  MET A CA  1 
ATOM   225  C C   . MET A 1 31  ? -2.624  3.820   -14.750 1.00 22.24 ? 32  MET A C   1 
ATOM   226  O O   . MET A 1 31  ? -3.775  4.237   -14.569 1.00 21.02 ? 32  MET A O   1 
ATOM   227  C CB  . MET A 1 31  ? -1.324  2.798   -12.803 1.00 22.18 ? 32  MET A CB  1 
ATOM   228  C CG  . MET A 1 31  ? -0.977  1.485   -12.005 1.00 21.66 ? 32  MET A CG  1 
ATOM   229  S SD  . MET A 1 31  ? 0.441   1.648   -10.920 1.00 15.49 ? 32  MET A SD  1 
ATOM   230  C CE  . MET A 1 31  ? -0.417  2.728   -9.768  1.00 14.82 ? 32  MET A CE  1 
ATOM   231  N N   . LYS A 1 32  ? -1.784  4.408   -15.606 1.00 22.60 ? 33  LYS A N   1 
ATOM   232  C CA  . LYS A 1 32  ? -2.203  5.604   -16.342 1.00 23.23 ? 33  LYS A CA  1 
ATOM   233  C C   . LYS A 1 32  ? -3.352  5.280   -17.297 1.00 24.80 ? 33  LYS A C   1 
ATOM   234  O O   . LYS A 1 32  ? -4.321  6.057   -17.356 1.00 24.83 ? 33  LYS A O   1 
ATOM   235  C CB  . LYS A 1 32  ? -1.020  6.289   -17.061 1.00 23.40 ? 33  LYS A CB  1 
ATOM   236  C CG  . LYS A 1 32  ? -0.155  7.075   -16.086 1.00 24.90 ? 33  LYS A CG  1 
ATOM   237  C CD  . LYS A 1 32  ? 1.235   7.419   -16.653 1.00 29.35 ? 33  LYS A CD  1 
ATOM   238  C CE  . LYS A 1 32  ? 2.165   7.849   -15.542 1.00 32.08 ? 33  LYS A CE  1 
ATOM   239  N NZ  . LYS A 1 32  ? 3.044   8.942   -16.030 1.00 36.63 ? 33  LYS A NZ  1 
ATOM   240  N N   . ALA A 1 33  ? -3.279  4.130   -18.001 1.00 26.09 ? 34  ALA A N   1 
ATOM   241  C CA  . ALA A 1 33  ? -4.382  3.690   -18.898 1.00 27.00 ? 34  ALA A CA  1 
ATOM   242  C C   . ALA A 1 33  ? -5.695  3.597   -18.135 1.00 27.37 ? 34  ALA A C   1 
ATOM   243  O O   . ALA A 1 33  ? -6.708  4.147   -18.585 1.00 28.30 ? 34  ALA A O   1 
ATOM   244  C CB  . ALA A 1 33  ? -4.072  2.357   -19.615 1.00 26.96 ? 34  ALA A CB  1 
ATOM   245  N N   . PHE A 1 34  ? -5.653  2.952   -16.970 1.00 27.16 ? 35  PHE A N   1 
ATOM   246  C CA  . PHE A 1 34  ? -6.802  2.812   -16.069 1.00 27.07 ? 35  PHE A CA  1 
ATOM   247  C C   . PHE A 1 34  ? -7.360  4.158   -15.652 1.00 27.53 ? 35  PHE A C   1 
ATOM   248  O O   . PHE A 1 34  ? -8.558  4.354   -15.644 1.00 27.38 ? 35  PHE A O   1 
ATOM   249  C CB  . PHE A 1 34  ? -6.388  2.024   -14.825 1.00 26.51 ? 35  PHE A CB  1 
ATOM   250  C CG  . PHE A 1 34  ? -7.482  1.802   -13.786 1.00 25.96 ? 35  PHE A CG  1 
ATOM   251  C CD1 . PHE A 1 34  ? -8.246  0.632   -13.789 1.00 27.98 ? 35  PHE A CD1 1 
ATOM   252  C CD2 . PHE A 1 34  ? -7.685  2.718   -12.757 1.00 25.50 ? 35  PHE A CD2 1 
ATOM   253  C CE1 . PHE A 1 34  ? -9.218  0.403   -12.792 1.00 26.43 ? 35  PHE A CE1 1 
ATOM   254  C CE2 . PHE A 1 34  ? -8.642  2.507   -11.769 1.00 25.17 ? 35  PHE A CE2 1 
ATOM   255  C CZ  . PHE A 1 34  ? -9.405  1.330   -11.782 1.00 27.04 ? 35  PHE A CZ  1 
ATOM   256  N N   . ALA A 1 35  ? -6.476  5.074   -15.279 1.00 28.51 ? 36  ALA A N   1 
ATOM   257  C CA  . ALA A 1 35  ? -6.880  6.441   -14.975 1.00 29.12 ? 36  ALA A CA  1 
ATOM   258  C C   . ALA A 1 35  ? -7.674  7.038   -16.163 1.00 29.15 ? 36  ALA A C   1 
ATOM   259  O O   . ALA A 1 35  ? -8.779  7.560   -16.013 1.00 29.00 ? 36  ALA A O   1 
ATOM   260  C CB  . ALA A 1 35  ? -5.662  7.291   -14.639 1.00 27.86 ? 36  ALA A CB  1 
ATOM   261  N N   . ILE A 1 36  ? -7.092  6.927   -17.339 1.00 30.67 ? 37  ILE A N   1 
ATOM   262  C CA  . ILE A 1 36  ? -7.732  7.408   -18.578 1.00 32.32 ? 37  ILE A CA  1 
ATOM   263  C C   . ILE A 1 36  ? -9.116  6.776   -18.802 1.00 32.07 ? 37  ILE A C   1 
ATOM   264  O O   . ILE A 1 36  ? -10.107 7.487   -18.744 1.00 32.68 ? 37  ILE A O   1 
ATOM   265  C CB  . ILE A 1 36  ? -6.821  7.185   -19.805 1.00 31.85 ? 37  ILE A CB  1 
ATOM   266  C CG1 . ILE A 1 36  ? -5.783  8.309   -19.872 1.00 34.08 ? 37  ILE A CG1 1 
ATOM   267  C CG2 . ILE A 1 36  ? -7.675  7.091   -21.079 1.00 33.18 ? 37  ILE A CG2 1 
ATOM   268  C CD1 . ILE A 1 36  ? -4.505  7.936   -20.627 1.00 35.00 ? 37  ILE A CD1 1 
ATOM   269  N N   . TYR A 1 37  ? -9.180  5.452   -18.998 1.00 32.50 ? 38  TYR A N   1 
ATOM   270  C CA  . TYR A 1 37  ? -10.463 4.739   -19.178 1.00 31.97 ? 38  TYR A CA  1 
ATOM   271  C C   . TYR A 1 37  ? -11.541 5.087   -18.122 1.00 32.06 ? 38  TYR A C   1 
ATOM   272  O O   . TYR A 1 37  ? -12.729 5.124   -18.440 1.00 31.76 ? 38  TYR A O   1 
ATOM   273  C CB  . TYR A 1 37  ? -10.215 3.225   -19.227 1.00 32.70 ? 38  TYR A CB  1 
ATOM   274  N N   . ASN A 1 38  ? -11.150 5.375   -16.877 1.00 31.89 ? 39  ASN A N   1 
ATOM   275  C CA  . ASN A 1 38  ? -12.109 5.707   -15.799 1.00 31.94 ? 39  ASN A CA  1 
ATOM   276  C C   . ASN A 1 38  ? -12.361 7.200   -15.612 1.00 32.47 ? 39  ASN A C   1 
ATOM   277  O O   . ASN A 1 38  ? -13.029 7.620   -14.660 1.00 31.73 ? 39  ASN A O   1 
ATOM   278  C CB  . ASN A 1 38  ? -11.597 5.146   -14.471 1.00 32.16 ? 39  ASN A CB  1 
ATOM   279  C CG  . ASN A 1 38  ? -11.790 3.668   -14.360 1.00 34.07 ? 39  ASN A CG  1 
ATOM   280  O OD1 . ASN A 1 38  ? -12.590 3.218   -13.537 1.00 38.51 ? 39  ASN A OD1 1 
ATOM   281  N ND2 . ASN A 1 38  ? -11.085 2.899   -15.182 1.00 34.21 ? 39  ASN A ND2 1 
ATOM   282  N N   . ASP A 1 39  ? -11.754 8.001   -16.481 1.00 33.04 ? 40  ASP A N   1 
ATOM   283  C CA  . ASP A 1 39  ? -11.917 9.447   -16.461 1.00 33.67 ? 40  ASP A CA  1 
ATOM   284  C C   . ASP A 1 39  ? -11.468 10.100  -15.136 1.00 32.84 ? 40  ASP A C   1 
ATOM   285  O O   . ASP A 1 39  ? -12.058 11.090  -14.674 1.00 32.81 ? 40  ASP A O   1 
ATOM   286  C CB  . ASP A 1 39  ? -13.370 9.823   -16.815 1.00 34.62 ? 40  ASP A CB  1 
ATOM   287  C CG  . ASP A 1 39  ? -13.452 11.053  -17.695 1.00 37.10 ? 40  ASP A CG  1 
ATOM   288  O OD1 . ASP A 1 39  ? -14.324 11.906  -17.445 1.00 41.33 ? 40  ASP A OD1 1 
ATOM   289  O OD2 . ASP A 1 39  ? -12.639 11.169  -18.636 1.00 40.31 ? 40  ASP A OD2 1 
ATOM   290  N N   . TYR A 1 40  ? -10.408 9.548   -14.545 1.00 31.39 ? 41  TYR A N   1 
ATOM   291  C CA  . TYR A 1 40  ? -9.793  10.136  -13.367 1.00 30.26 ? 41  TYR A CA  1 
ATOM   292  C C   . TYR A 1 40  ? -8.821  11.243  -13.789 1.00 29.07 ? 41  TYR A C   1 
ATOM   293  O O   . TYR A 1 40  ? -8.304  11.257  -14.928 1.00 28.56 ? 41  TYR A O   1 
ATOM   294  C CB  . TYR A 1 40  ? -9.024  9.093   -12.546 1.00 30.36 ? 41  TYR A CB  1 
ATOM   295  C CG  . TYR A 1 40  ? -9.891  8.031   -11.896 1.00 33.42 ? 41  TYR A CG  1 
ATOM   296  C CD1 . TYR A 1 40  ? -11.044 8.378   -11.193 1.00 38.18 ? 41  TYR A CD1 1 
ATOM   297  C CD2 . TYR A 1 40  ? -9.554  6.709   -11.972 1.00 34.72 ? 41  TYR A CD2 1 
ATOM   298  C CE1 . TYR A 1 40  ? -11.850 7.420   -10.599 1.00 39.09 ? 41  TYR A CE1 1 
ATOM   299  C CE2 . TYR A 1 40  ? -10.338 5.744   -11.383 1.00 39.47 ? 41  TYR A CE2 1 
ATOM   300  C CZ  . TYR A 1 40  ? -11.485 6.106   -10.702 1.00 40.27 ? 41  TYR A CZ  1 
ATOM   301  O OH  . TYR A 1 40  ? -12.256 5.151   -10.132 1.00 41.32 ? 41  TYR A OH  1 
ATOM   302  N N   . GLU A 1 41  ? -8.577  12.147  -12.850 1.00 27.75 ? 42  GLU A N   1 
ATOM   303  C CA  . GLU A 1 41  ? -7.593  13.200  -13.008 1.00 28.03 ? 42  GLU A CA  1 
ATOM   304  C C   . GLU A 1 41  ? -6.457  12.957  -12.020 1.00 26.21 ? 42  GLU A C   1 
ATOM   305  O O   . GLU A 1 41  ? -6.654  12.950  -10.798 1.00 25.76 ? 42  GLU A O   1 
ATOM   306  C CB  . GLU A 1 41  ? -8.233  14.584  -12.796 1.00 28.28 ? 42  GLU A CB  1 
ATOM   307  C CG  . GLU A 1 41  ? -7.365  15.739  -13.284 1.00 31.49 ? 42  GLU A CG  1 
ATOM   308  C CD  . GLU A 1 41  ? -7.826  17.134  -12.843 1.00 35.45 ? 42  GLU A CD  1 
ATOM   309  O OE1 . GLU A 1 41  ? -7.344  18.121  -13.437 1.00 38.99 ? 42  GLU A OE1 1 
ATOM   310  O OE2 . GLU A 1 41  ? -8.643  17.271  -11.913 1.00 39.34 ? 42  GLU A OE2 1 
ATOM   311  N N   . ILE A 1 42  ? -5.261  12.747  -12.561 1.00 25.00 ? 43  ILE A N   1 
ATOM   312  C CA  . ILE A 1 42  ? -4.092  12.439  -11.760 1.00 23.45 ? 43  ILE A CA  1 
ATOM   313  C C   . ILE A 1 42  ? -3.547  13.786  -11.332 1.00 23.98 ? 43  ILE A C   1 
ATOM   314  O O   . ILE A 1 42  ? -3.333  14.665  -12.178 1.00 23.73 ? 43  ILE A O   1 
ATOM   315  C CB  . ILE A 1 42  ? -3.016  11.648  -12.552 1.00 23.05 ? 43  ILE A CB  1 
ATOM   316  C CG1 . ILE A 1 42  ? -3.606  10.332  -13.082 1.00 22.87 ? 43  ILE A CG1 1 
ATOM   317  C CG2 . ILE A 1 42  ? -1.784  11.399  -11.699 1.00 20.97 ? 43  ILE A CG2 1 
ATOM   318  C CD1 . ILE A 1 42  ? -2.630  9.462   -13.987 1.00 20.08 ? 43  ILE A CD1 1 
ATOM   319  N N   . VAL A 1 43  ? -3.338  13.937  -10.024 1.00 23.88 ? 44  VAL A N   1 
ATOM   320  C CA  . VAL A 1 43  ? -2.832  15.163  -9.434  1.00 23.84 ? 44  VAL A CA  1 
ATOM   321  C C   . VAL A 1 43  ? -1.550  14.933  -8.611  1.00 24.83 ? 44  VAL A C   1 
ATOM   322  O O   . VAL A 1 43  ? -1.056  15.861  -7.958  1.00 25.79 ? 44  VAL A O   1 
ATOM   323  C CB  . VAL A 1 43  ? -3.919  15.906  -8.604  1.00 24.11 ? 44  VAL A CB  1 
ATOM   324  C CG1 . VAL A 1 43  ? -5.015  16.368  -9.522  1.00 23.03 ? 44  VAL A CG1 1 
ATOM   325  C CG2 . VAL A 1 43  ? -4.452  15.033  -7.423  1.00 21.78 ? 44  VAL A CG2 1 
ATOM   326  N N   . GLY A 1 44  ? -0.982  13.726  -8.695  1.00 24.02 ? 45  GLY A N   1 
ATOM   327  C CA  . GLY A 1 44  ? 0.270   13.410  -8.008  1.00 24.04 ? 45  GLY A CA  1 
ATOM   328  C C   . GLY A 1 44  ? 0.738   11.986  -8.263  1.00 23.73 ? 45  GLY A C   1 
ATOM   329  O O   . GLY A 1 44  ? -0.064  11.088  -8.356  1.00 23.33 ? 45  GLY A O   1 
ATOM   330  N N   . GLU A 1 45  ? 2.031   11.801  -8.399  1.00 23.67 ? 46  GLU A N   1 
ATOM   331  C CA  . GLU A 1 45  ? 2.607   10.493  -8.607  1.00 25.32 ? 46  GLU A CA  1 
ATOM   332  C C   . GLU A 1 45  ? 3.748   10.361  -7.632  1.00 25.52 ? 46  GLU A C   1 
ATOM   333  O O   . GLU A 1 45  ? 4.594   11.264  -7.559  1.00 25.03 ? 46  GLU A O   1 
ATOM   334  C CB  . GLU A 1 45  ? 3.113   10.334  -10.035 1.00 25.65 ? 46  GLU A CB  1 
ATOM   335  C CG  . GLU A 1 45  ? 2.002   10.527  -11.088 1.00 29.34 ? 46  GLU A CG  1 
ATOM   336  C CD  . GLU A 1 45  ? 2.523   10.515  -12.504 1.00 33.57 ? 46  GLU A CD  1 
ATOM   337  O OE1 . GLU A 1 45  ? 3.092   9.478   -12.912 1.00 37.75 ? 46  GLU A OE1 1 
ATOM   338  O OE2 . GLU A 1 45  ? 2.357   11.538  -13.226 1.00 38.06 ? 46  GLU A OE2 1 
ATOM   339  N N   . TYR A 1 46  ? 3.740   9.272   -6.858  1.00 24.41 ? 47  TYR A N   1 
ATOM   340  C CA  . TYR A 1 46  ? 4.738   9.005   -5.835  1.00 24.82 ? 47  TYR A CA  1 
ATOM   341  C C   . TYR A 1 46  ? 5.334   7.590   -6.052  1.00 25.41 ? 47  TYR A C   1 
ATOM   342  O O   . TYR A 1 46  ? 4.633   6.668   -6.419  1.00 24.42 ? 47  TYR A O   1 
ATOM   343  C CB  . TYR A 1 46  ? 4.106   9.060   -4.459  1.00 25.11 ? 47  TYR A CB  1 
ATOM   344  C CG  . TYR A 1 46  ? 3.481   10.382  -4.059  1.00 24.42 ? 47  TYR A CG  1 
ATOM   345  C CD1 . TYR A 1 46  ? 4.158   11.287  -3.260  1.00 25.28 ? 47  TYR A CD1 1 
ATOM   346  C CD2 . TYR A 1 46  ? 2.183   10.686  -4.443  1.00 24.60 ? 47  TYR A CD2 1 
ATOM   347  C CE1 . TYR A 1 46  ? 3.540   12.513  -2.873  1.00 28.60 ? 47  TYR A CE1 1 
ATOM   348  C CE2 . TYR A 1 46  ? 1.578   11.876  -4.099  1.00 27.50 ? 47  TYR A CE2 1 
ATOM   349  C CZ  . TYR A 1 46  ? 2.249   12.781  -3.298  1.00 27.81 ? 47  TYR A CZ  1 
ATOM   350  O OH  . TYR A 1 46  ? 1.609   13.921  -2.942  1.00 32.44 ? 47  TYR A OH  1 
ATOM   351  N N   . GLU A 1 47  ? 6.631   7.452   -5.848  1.00 26.34 ? 48  GLU A N   1 
ATOM   352  C CA  . GLU A 1 47  ? 7.354   6.235   -6.222  1.00 27.09 ? 48  GLU A CA  1 
ATOM   353  C C   . GLU A 1 47  ? 8.507   5.964   -5.271  1.00 26.74 ? 48  GLU A C   1 
ATOM   354  O O   . GLU A 1 47  ? 9.366   6.810   -5.104  1.00 25.28 ? 48  GLU A O   1 
ATOM   355  C CB  . GLU A 1 47  ? 7.908   6.359   -7.638  1.00 27.73 ? 48  GLU A CB  1 
ATOM   356  C CG  . GLU A 1 47  ? 8.439   5.056   -8.186  1.00 30.56 ? 48  GLU A CG  1 
ATOM   357  C CD  . GLU A 1 47  ? 8.627   5.060   -9.703  1.00 35.95 ? 48  GLU A CD  1 
ATOM   358  O OE1 . GLU A 1 47  ? 9.701   5.530   -10.146 1.00 40.70 ? 48  GLU A OE1 1 
ATOM   359  O OE2 . GLU A 1 47  ? 7.730   4.567   -10.453 1.00 41.77 ? 48  GLU A OE2 1 
ATOM   360  N N   . ASP A 1 48  ? 8.502   4.784   -4.638  1.00 27.02 ? 49  ASP A N   1 
ATOM   361  C CA  . ASP A 1 48  ? 9.673   4.287   -3.891  1.00 27.41 ? 49  ASP A CA  1 
ATOM   362  C C   . ASP A 1 48  ? 10.411  3.263   -4.794  1.00 28.74 ? 49  ASP A C   1 
ATOM   363  O O   . ASP A 1 48  ? 10.089  2.069   -4.774  1.00 27.82 ? 49  ASP A O   1 
ATOM   364  C CB  . ASP A 1 48  ? 9.195   3.633   -2.605  1.00 26.58 ? 49  ASP A CB  1 
ATOM   365  C CG  . ASP A 1 48  ? 8.687   4.643   -1.590  1.00 27.90 ? 49  ASP A CG  1 
ATOM   366  O OD1 . ASP A 1 48  ? 9.497   5.517   -1.223  1.00 27.27 ? 49  ASP A OD1 1 
ATOM   367  O OD2 . ASP A 1 48  ? 7.503   4.555   -1.159  1.00 26.57 ? 49  ASP A OD2 1 
ATOM   368  N N   . ALA A 1 49  ? 11.339  3.725   -5.623  1.00 31.10 ? 50  ALA A N   1 
ATOM   369  C CA  . ALA A 1 49  ? 11.765  2.924   -6.801  1.00 33.80 ? 50  ALA A CA  1 
ATOM   370  C C   . ALA A 1 49  ? 12.947  2.019   -6.525  1.00 36.22 ? 50  ALA A C   1 
ATOM   371  O O   . ALA A 1 49  ? 13.320  1.213   -7.386  1.00 37.61 ? 50  ALA A O   1 
ATOM   372  C CB  . ALA A 1 49  ? 12.029  3.800   -8.032  1.00 33.57 ? 50  ALA A CB  1 
ATOM   373  N N   . GLY A 1 50  ? 13.513  2.111   -5.320  1.00 38.79 ? 51  GLY A N   1 
ATOM   374  C CA  . GLY A 1 50  ? 14.539  1.174   -4.886  1.00 40.11 ? 51  GLY A CA  1 
ATOM   375  C C   . GLY A 1 50  ? 15.840  1.570   -5.520  1.00 41.76 ? 51  GLY A C   1 
ATOM   376  O O   . GLY A 1 50  ? 16.600  0.697   -5.952  1.00 41.94 ? 51  GLY A O   1 
ATOM   377  N N   . LYS A 1 51  ? 16.090  2.891   -5.556  1.00 43.73 ? 52  LYS A N   1 
ATOM   378  C CA  . LYS A 1 51  ? 17.282  3.484   -6.182  1.00 44.84 ? 52  LYS A CA  1 
ATOM   379  C C   . LYS A 1 51  ? 18.451  3.707   -5.211  1.00 46.03 ? 52  LYS A C   1 
ATOM   380  O O   . LYS A 1 51  ? 19.565  4.031   -5.634  1.00 45.72 ? 52  LYS A O   1 
ATOM   381  C CB  . LYS A 1 51  ? 16.921  4.812   -6.839  1.00 45.05 ? 52  LYS A CB  1 
ATOM   382  C CG  . LYS A 1 51  ? 15.773  4.710   -7.793  1.00 46.61 ? 52  LYS A CG  1 
ATOM   383  C CD  . LYS A 1 51  ? 15.787  5.819   -8.840  1.00 48.59 ? 52  LYS A CD  1 
ATOM   384  C CE  . LYS A 1 51  ? 14.658  5.578   -9.847  1.00 49.37 ? 52  LYS A CE  1 
ATOM   385  N NZ  . LYS A 1 51  ? 13.770  6.751   -9.954  1.00 50.05 ? 52  LYS A NZ  1 
ATOM   386  N N   . SER A 1 52  ? 18.180  3.563   -3.910  1.00 47.55 ? 53  SER A N   1 
ATOM   387  C CA  . SER A 1 52  ? 19.241  3.577   -2.886  1.00 48.25 ? 53  SER A CA  1 
ATOM   388  C C   . SER A 1 52  ? 19.968  2.217   -2.867  1.00 48.89 ? 53  SER A C   1 
ATOM   389  O O   . SER A 1 52  ? 19.514  1.238   -3.479  1.00 49.56 ? 53  SER A O   1 
ATOM   390  C CB  . SER A 1 52  ? 18.670  3.930   -1.494  1.00 48.20 ? 53  SER A CB  1 
ATOM   391  O OG  . SER A 1 52  ? 18.273  2.786   -0.747  1.00 47.70 ? 53  SER A OG  1 
ATOM   392  N N   . GLY A 1 53  ? 21.081  2.163   -2.144  1.00 49.47 ? 54  GLY A N   1 
ATOM   393  C CA  . GLY A 1 53  ? 21.995  1.030   -2.216  1.00 49.90 ? 54  GLY A CA  1 
ATOM   394  C C   . GLY A 1 53  ? 21.724  -0.103  -1.246  1.00 50.12 ? 54  GLY A C   1 
ATOM   395  O O   . GLY A 1 53  ? 22.597  -0.957  -1.035  1.00 50.50 ? 54  GLY A O   1 
ATOM   396  N N   . LYS A 1 54  ? 20.529  -0.121  -0.652  1.00 50.19 ? 55  LYS A N   1 
ATOM   397  C CA  . LYS A 1 54  ? 20.131  -1.201  0.266   1.00 50.07 ? 55  LYS A CA  1 
ATOM   398  C C   . LYS A 1 54  ? 19.283  -2.337  -0.396  1.00 49.61 ? 55  LYS A C   1 
ATOM   399  O O   . LYS A 1 54  ? 18.715  -2.186  -1.507  1.00 48.68 ? 55  LYS A O   1 
ATOM   400  C CB  . LYS A 1 54  ? 19.429  -0.609  1.513   1.00 50.40 ? 55  LYS A CB  1 
ATOM   401  C CG  . LYS A 1 54  ? 18.061  0.087   1.277   1.00 50.38 ? 55  LYS A CG  1 
ATOM   402  C CD  . LYS A 1 54  ? 17.757  1.099   2.401   1.00 50.94 ? 55  LYS A CD  1 
ATOM   403  C CE  . LYS A 1 54  ? 16.277  1.147   2.842   1.00 50.46 ? 55  LYS A CE  1 
ATOM   404  N NZ  . LYS A 1 54  ? 15.482  2.254   2.211   1.00 50.89 ? 55  LYS A NZ  1 
ATOM   405  N N   . SER A 1 55  ? 19.226  -3.471  0.319   1.00 48.99 ? 56  SER A N   1 
ATOM   406  C CA  . SER A 1 55  ? 18.617  -4.718  -0.173  1.00 48.42 ? 56  SER A CA  1 
ATOM   407  C C   . SER A 1 55  ? 17.105  -4.586  -0.398  1.00 47.73 ? 56  SER A C   1 
ATOM   408  O O   . SER A 1 55  ? 16.620  -4.940  -1.469  1.00 47.55 ? 56  SER A O   1 
ATOM   409  C CB  . SER A 1 55  ? 18.903  -5.878  0.793   1.00 47.99 ? 56  SER A CB  1 
ATOM   410  N N   . ILE A 1 56  ? 16.388  -4.087  0.614   1.00 46.78 ? 57  ILE A N   1 
ATOM   411  C CA  . ILE A 1 56  ? 14.927  -3.932  0.575   1.00 46.53 ? 57  ILE A CA  1 
ATOM   412  C C   . ILE A 1 56  ? 14.545  -2.434  0.528   1.00 46.16 ? 57  ILE A C   1 
ATOM   413  O O   . ILE A 1 56  ? 15.157  -1.601  1.205   1.00 44.77 ? 57  ILE A O   1 
ATOM   414  C CB  . ILE A 1 56  ? 14.241  -4.656  1.790   1.00 46.77 ? 57  ILE A CB  1 
ATOM   415  C CG1 . ILE A 1 56  ? 14.878  -6.048  2.040   1.00 46.50 ? 57  ILE A CG1 1 
ATOM   416  C CG2 . ILE A 1 56  ? 12.730  -4.784  1.582   1.00 46.39 ? 57  ILE A CG2 1 
ATOM   417  C CD1 . ILE A 1 56  ? 14.930  -6.951  0.806   1.00 46.21 ? 57  ILE A CD1 1 
ATOM   418  N N   . GLU A 1 57  ? 13.545  -2.092  -0.286  1.00 45.61 ? 58  GLU A N   1 
ATOM   419  C CA  . GLU A 1 57  ? 13.200  -0.687  -0.471  1.00 45.78 ? 58  GLU A CA  1 
ATOM   420  C C   . GLU A 1 57  ? 12.372  -0.175  0.703   1.00 45.45 ? 58  GLU A C   1 
ATOM   421  O O   . GLU A 1 57  ? 11.589  -0.926  1.303   1.00 45.38 ? 58  GLU A O   1 
ATOM   422  C CB  . GLU A 1 57  ? 12.462  -0.445  -1.789  1.00 46.06 ? 58  GLU A CB  1 
ATOM   423  C CG  . GLU A 1 57  ? 12.040  1.012   -2.057  1.00 48.45 ? 58  GLU A CG  1 
ATOM   424  C CD  . GLU A 1 57  ? 13.224  2.005   -2.102  1.00 52.50 ? 58  GLU A CD  1 
ATOM   425  O OE1 . GLU A 1 57  ? 13.113  3.108   -2.720  1.00 53.67 ? 58  GLU A OE1 1 
ATOM   426  O OE2 . GLU A 1 57  ? 14.292  1.678   -1.530  1.00 56.62 ? 58  GLU A OE2 1 
ATOM   427  N N   . GLY A 1 58  ? 12.567  1.111   1.017   1.00 44.85 ? 59  GLY A N   1 
ATOM   428  C CA  . GLY A 1 58  ? 11.853  1.792   2.086   1.00 44.31 ? 59  GLY A CA  1 
ATOM   429  C C   . GLY A 1 58  ? 10.509  2.371   1.664   1.00 43.86 ? 59  GLY A C   1 
ATOM   430  O O   . GLY A 1 58  ? 9.798   1.821   0.775   1.00 43.89 ? 59  GLY A O   1 
ATOM   431  N N   . ARG A 1 59  ? 10.143  3.475   2.319   1.00 42.55 ? 60  ARG A N   1 
ATOM   432  C CA  . ARG A 1 59  ? 8.741   3.916   2.340   1.00 41.32 ? 60  ARG A CA  1 
ATOM   433  C C   . ARG A 1 59  ? 8.599   5.444   2.353   1.00 39.52 ? 60  ARG A C   1 
ATOM   434  O O   . ARG A 1 59  ? 7.525   5.957   2.689   1.00 39.30 ? 60  ARG A O   1 
ATOM   435  C CB  . ARG A 1 59  ? 8.084   3.343   3.597   1.00 42.06 ? 60  ARG A CB  1 
ATOM   436  C CG  . ARG A 1 59  ? 6.677   2.860   3.415   1.00 44.23 ? 60  ARG A CG  1 
ATOM   437  C CD  . ARG A 1 59  ? 6.609   1.350   3.372   1.00 47.46 ? 60  ARG A CD  1 
ATOM   438  N NE  . ARG A 1 59  ? 5.228   0.954   3.613   1.00 51.23 ? 60  ARG A NE  1 
ATOM   439  C CZ  . ARG A 1 59  ? 4.318   0.698   2.665   1.00 52.50 ? 60  ARG A CZ  1 
ATOM   440  N NH1 . ARG A 1 59  ? 4.631   0.753   1.357   1.00 50.29 ? 60  ARG A NH1 1 
ATOM   441  N NH2 . ARG A 1 59  ? 3.079   0.377   3.045   1.00 51.84 ? 60  ARG A NH2 1 
ATOM   442  N N   . ILE A 1 60  ? 9.671   6.141   1.977   1.00 37.42 ? 61  ILE A N   1 
ATOM   443  C CA  . ILE A 1 60  ? 9.782   7.604   2.075   1.00 36.87 ? 61  ILE A CA  1 
ATOM   444  C C   . ILE A 1 60  ? 8.733   8.382   1.264   1.00 34.87 ? 61  ILE A C   1 
ATOM   445  O O   . ILE A 1 60  ? 8.137   9.337   1.756   1.00 34.27 ? 61  ILE A O   1 
ATOM   446  C CB  . ILE A 1 60  ? 11.173  8.100   1.613   1.00 36.98 ? 61  ILE A CB  1 
ATOM   447  C CG1 . ILE A 1 60  ? 12.285  7.515   2.508   1.00 38.65 ? 61  ILE A CG1 1 
ATOM   448  C CG2 . ILE A 1 60  ? 11.220  9.599   1.639   1.00 36.62 ? 61  ILE A CG2 1 
ATOM   449  C CD1 . ILE A 1 60  ? 13.525  7.126   1.712   1.00 39.80 ? 61  ILE A CD1 1 
ATOM   450  N N   . GLN A 1 61  ? 8.547   7.998   0.012   1.00 32.26 ? 62  GLN A N   1 
ATOM   451  C CA  . GLN A 1 61  ? 7.595   8.716   -0.841  1.00 31.10 ? 62  GLN A CA  1 
ATOM   452  C C   . GLN A 1 61  ? 6.191   8.319   -0.422  1.00 30.10 ? 62  GLN A C   1 
ATOM   453  O O   . GLN A 1 61  ? 5.273   9.114   -0.498  1.00 27.82 ? 62  GLN A O   1 
ATOM   454  C CB  . GLN A 1 61  ? 7.834   8.403   -2.322  1.00 30.86 ? 62  GLN A CB  1 
ATOM   455  C CG  . GLN A 1 61  ? 9.190   8.871   -2.832  1.00 31.25 ? 62  GLN A CG  1 
ATOM   456  C CD  . GLN A 1 61  ? 9.472   10.326  -2.522  1.00 34.36 ? 62  GLN A CD  1 
ATOM   457  O OE1 . GLN A 1 61  ? 8.615   11.210  -2.719  1.00 35.63 ? 62  GLN A OE1 1 
ATOM   458  N NE2 . GLN A 1 61  ? 10.683  10.592  -2.019  1.00 34.95 ? 62  GLN A NE2 1 
ATOM   459  N N   . PHE A 1 62  ? 6.036   7.069   0.018   1.00 29.62 ? 63  PHE A N   1 
ATOM   460  C CA  . PHE A 1 62  ? 4.767   6.656   0.577   1.00 29.69 ? 63  PHE A CA  1 
ATOM   461  C C   . PHE A 1 62  ? 4.412   7.525   1.787   1.00 29.10 ? 63  PHE A C   1 
ATOM   462  O O   . PHE A 1 62  ? 3.264   7.944   1.944   1.00 27.81 ? 63  PHE A O   1 
ATOM   463  C CB  . PHE A 1 62  ? 4.806   5.183   0.950   1.00 29.83 ? 63  PHE A CB  1 
ATOM   464  C CG  . PHE A 1 62  ? 3.624   4.744   1.699   1.00 31.33 ? 63  PHE A CG  1 
ATOM   465  C CD1 . PHE A 1 62  ? 2.519   4.260   1.041   1.00 33.28 ? 63  PHE A CD1 1 
ATOM   466  C CD2 . PHE A 1 62  ? 3.593   4.862   3.087   1.00 33.09 ? 63  PHE A CD2 1 
ATOM   467  C CE1 . PHE A 1 62  ? 1.411   3.864   1.759   1.00 37.42 ? 63  PHE A CE1 1 
ATOM   468  C CE2 . PHE A 1 62  ? 2.479   4.465   3.815   1.00 35.68 ? 63  PHE A CE2 1 
ATOM   469  C CZ  . PHE A 1 62  ? 1.394   3.961   3.153   1.00 36.78 ? 63  PHE A CZ  1 
ATOM   470  N N   . ASN A 1 63  ? 5.402   7.820   2.624   1.00 30.06 ? 64  ASN A N   1 
ATOM   471  C CA  . ASN A 1 63  ? 5.170   8.662   3.798   1.00 30.99 ? 64  ASN A CA  1 
ATOM   472  C C   . ASN A 1 63  ? 4.908   10.116  3.357   1.00 30.67 ? 64  ASN A C   1 
ATOM   473  O O   . ASN A 1 63  ? 3.993   10.734  3.864   1.00 30.19 ? 64  ASN A O   1 
ATOM   474  C CB  . ASN A 1 63  ? 6.322   8.580   4.804   1.00 31.39 ? 64  ASN A CB  1 
ATOM   475  C CG  . ASN A 1 63  ? 6.482   7.183   5.414   1.00 33.90 ? 64  ASN A CG  1 
ATOM   476  O OD1 . ASN A 1 63  ? 5.517   6.436   5.577   1.00 37.79 ? 64  ASN A OD1 1 
ATOM   477  N ND2 . ASN A 1 63  ? 7.719   6.828   5.741   1.00 36.74 ? 64  ASN A ND2 1 
ATOM   478  N N   . ARG A 1 64  ? 5.672   10.649  2.405   1.00 30.90 ? 65  ARG A N   1 
ATOM   479  C CA  . ARG A 1 64  ? 5.322   11.956  1.851   1.00 31.68 ? 65  ARG A CA  1 
ATOM   480  C C   . ARG A 1 64  ? 3.860   11.962  1.355   1.00 31.07 ? 65  ARG A C   1 
ATOM   481  O O   . ARG A 1 64  ? 3.131   12.909  1.638   1.00 31.12 ? 65  ARG A O   1 
ATOM   482  C CB  . ARG A 1 64  ? 6.252   12.445  0.724   1.00 32.49 ? 65  ARG A CB  1 
ATOM   483  C CG  . ARG A 1 64  ? 5.577   13.702  0.014   1.00 37.20 ? 65  ARG A CG  1 
ATOM   484  C CD  . ARG A 1 64  ? 6.416   14.627  -0.852  1.00 42.80 ? 65  ARG A CD  1 
ATOM   485  N NE  . ARG A 1 64  ? 7.303   13.917  -1.775  1.00 46.88 ? 65  ARG A NE  1 
ATOM   486  C CZ  . ARG A 1 64  ? 7.659   14.356  -2.978  1.00 50.25 ? 65  ARG A CZ  1 
ATOM   487  N NH1 . ARG A 1 64  ? 8.508   13.640  -3.710  1.00 51.57 ? 65  ARG A NH1 1 
ATOM   488  N NH2 . ARG A 1 64  ? 7.193   15.509  -3.457  1.00 51.21 ? 65  ARG A NH2 1 
ATOM   489  N N   . MET A 1 65  ? 3.433   10.909  0.634   1.00 30.12 ? 66  MET A N   1 
ATOM   490  C CA  . MET A 1 65  ? 2.063   10.840  0.097   1.00 29.27 ? 66  MET A CA  1 
ATOM   491  C C   . MET A 1 65  ? 1.028   10.944  1.225   1.00 28.68 ? 66  MET A C   1 
ATOM   492  O O   . MET A 1 65  ? 0.090   11.737  1.138   1.00 27.97 ? 66  MET A O   1 
ATOM   493  C CB  . MET A 1 65  ? 1.849   9.568   -0.743  1.00 28.42 ? 66  MET A CB  1 
ATOM   494  C CG  . MET A 1 65  ? 0.517   9.487   -1.542  1.00 26.52 ? 66  MET A CG  1 
ATOM   495  S SD  . MET A 1 65  ? 0.238   8.001   -2.574  1.00 13.36 ? 66  MET A SD  1 
ATOM   496  C CE  . MET A 1 65  ? 0.063   6.747   -1.269  1.00 19.76 ? 66  MET A CE  1 
ATOM   497  N N   . MET A 1 66  ? 1.212   10.159  2.277   1.00 28.70 ? 67  MET A N   1 
ATOM   498  C CA  . MET A 1 66  ? 0.291   10.173  3.410   1.00 29.08 ? 67  MET A CA  1 
ATOM   499  C C   . MET A 1 66  ? 0.190   11.552  4.125   1.00 30.00 ? 67  MET A C   1 
ATOM   500  O O   . MET A 1 66  ? -0.891  11.927  4.517   1.00 29.33 ? 67  MET A O   1 
ATOM   501  C CB  . MET A 1 66  ? 0.595   9.025   4.411   1.00 29.09 ? 67  MET A CB  1 
ATOM   502  C CG  . MET A 1 66  ? 0.398   7.587   3.883   1.00 26.73 ? 67  MET A CG  1 
ATOM   503  S SD  . MET A 1 66  ? -1.257  7.156   3.329   1.00 25.32 ? 67  MET A SD  1 
ATOM   504  C CE  . MET A 1 66  ? -1.985  6.876   4.920   1.00 30.32 ? 67  MET A CE  1 
ATOM   505  N N   . GLU A 1 67  ? 1.282   12.300  4.258   1.00 31.53 ? 68  GLU A N   1 
ATOM   506  C CA  . GLU A 1 67  ? 1.196   13.698  4.745   1.00 33.71 ? 68  GLU A CA  1 
ATOM   507  C C   . GLU A 1 67  ? 0.392   14.620  3.791   1.00 33.51 ? 68  GLU A C   1 
ATOM   508  O O   . GLU A 1 67  ? -0.382  15.506  4.218   1.00 33.35 ? 68  GLU A O   1 
ATOM   509  C CB  . GLU A 1 67  ? 2.606   14.300  4.983   1.00 34.65 ? 68  GLU A CB  1 
ATOM   510  C CG  . GLU A 1 67  ? 3.574   13.465  5.926   1.00 39.23 ? 68  GLU A CG  1 
ATOM   511  C CD  . GLU A 1 67  ? 2.862   12.539  6.957   1.00 45.49 ? 68  GLU A CD  1 
ATOM   512  O OE1 . GLU A 1 67  ? 2.089   13.050  7.823   1.00 47.63 ? 68  GLU A OE1 1 
ATOM   513  O OE2 . GLU A 1 67  ? 3.106   11.292  6.915   1.00 48.53 ? 68  GLU A OE2 1 
ATOM   514  N N   . ASP A 1 68  ? 0.579   14.422  2.492   1.00 33.26 ? 69  ASP A N   1 
ATOM   515  C CA  . ASP A 1 68  ? -0.160  15.203  1.501   1.00 33.04 ? 69  ASP A CA  1 
ATOM   516  C C   . ASP A 1 68  ? -1.676  14.868  1.571   1.00 32.80 ? 69  ASP A C   1 
ATOM   517  O O   . ASP A 1 68  ? -2.523  15.697  1.283   1.00 30.94 ? 69  ASP A O   1 
ATOM   518  C CB  . ASP A 1 68  ? 0.446   14.972  0.102   1.00 33.57 ? 69  ASP A CB  1 
ATOM   519  C CG  . ASP A 1 68  ? 1.869   15.594  -0.059  1.00 35.37 ? 69  ASP A CG  1 
ATOM   520  O OD1 . ASP A 1 68  ? 2.284   16.455  0.766   1.00 37.50 ? 69  ASP A OD1 1 
ATOM   521  O OD2 . ASP A 1 68  ? 2.567   15.256  -1.050  1.00 34.33 ? 69  ASP A OD2 1 
ATOM   522  N N   . ILE A 1 69  ? -1.996  13.633  1.987   1.00 33.27 ? 70  ILE A N   1 
ATOM   523  C CA  . ILE A 1 69  ? -3.386  13.160  2.094   1.00 33.19 ? 70  ILE A CA  1 
ATOM   524  C C   . ILE A 1 69  ? -4.021  13.786  3.342   1.00 34.73 ? 70  ILE A C   1 
ATOM   525  O O   . ILE A 1 69  ? -5.151  14.312  3.292   1.00 33.99 ? 70  ILE A O   1 
ATOM   526  C CB  . ILE A 1 69  ? -3.475  11.574  2.152   1.00 32.93 ? 70  ILE A CB  1 
ATOM   527  C CG1 . ILE A 1 69  ? -3.290  10.961  0.736   1.00 31.29 ? 70  ILE A CG1 1 
ATOM   528  C CG2 . ILE A 1 69  ? -4.791  11.135  2.798   1.00 30.32 ? 70  ILE A CG2 1 
ATOM   529  C CD1 . ILE A 1 69  ? -3.165  9.421   0.682   1.00 26.76 ? 70  ILE A CD1 1 
ATOM   530  N N   . LYS A 1 70  ? -3.261  13.735  4.439   1.00 35.84 ? 71  LYS A N   1 
ATOM   531  C CA  . LYS A 1 70  ? -3.692  14.255  5.717   1.00 37.51 ? 71  LYS A CA  1 
ATOM   532  C C   . LYS A 1 70  ? -3.990  15.762  5.562   1.00 37.68 ? 71  LYS A C   1 
ATOM   533  O O   . LYS A 1 70  ? -5.023  16.245  6.035   1.00 37.58 ? 71  LYS A O   1 
ATOM   534  C CB  . LYS A 1 70  ? -2.641  13.976  6.822   1.00 38.00 ? 71  LYS A CB  1 
ATOM   535  C CG  . LYS A 1 70  ? -2.285  12.468  7.018   1.00 40.07 ? 71  LYS A CG  1 
ATOM   536  C CD  . LYS A 1 70  ? -2.207  12.010  8.487   1.00 43.60 ? 71  LYS A CD  1 
ATOM   537  C CE  . LYS A 1 70  ? -0.850  12.313  9.154   1.00 45.21 ? 71  LYS A CE  1 
ATOM   538  N NZ  . LYS A 1 70  ? -0.004  11.090  9.340   1.00 47.20 ? 71  LYS A NZ  1 
ATOM   539  N N   . SER A 1 71  ? -3.113  16.458  4.838   1.00 38.26 ? 72  SER A N   1 
ATOM   540  C CA  . SER A 1 71  ? -3.230  17.895  4.608   1.00 38.26 ? 72  SER A CA  1 
ATOM   541  C C   . SER A 1 71  ? -4.347  18.328  3.646   1.00 38.87 ? 72  SER A C   1 
ATOM   542  O O   . SER A 1 71  ? -4.678  19.507  3.596   1.00 39.47 ? 72  SER A O   1 
ATOM   543  C CB  . SER A 1 71  ? -1.917  18.439  4.069   1.00 38.48 ? 72  SER A CB  1 
ATOM   544  O OG  . SER A 1 71  ? -1.889  18.337  2.649   1.00 38.16 ? 72  SER A OG  1 
ATOM   545  N N   . GLY A 1 72  ? -4.900  17.420  2.849   1.00 39.24 ? 73  GLY A N   1 
ATOM   546  C CA  . GLY A 1 72  ? -5.993  17.787  1.939   1.00 39.21 ? 73  GLY A CA  1 
ATOM   547  C C   . GLY A 1 72  ? -5.554  18.605  0.736   1.00 39.52 ? 73  GLY A C   1 
ATOM   548  O O   . GLY A 1 72  ? -6.361  18.896  -0.131  1.00 39.50 ? 73  GLY A O   1 
ATOM   549  N N   . LYS A 1 73  ? -4.277  18.975  0.710   1.00 39.83 ? 74  LYS A N   1 
ATOM   550  C CA  . LYS A 1 73  ? -3.587  19.637  -0.404  1.00 40.47 ? 74  LYS A CA  1 
ATOM   551  C C   . LYS A 1 73  ? -4.320  19.630  -1.764  1.00 40.12 ? 74  LYS A C   1 
ATOM   552  O O   . LYS A 1 73  ? -4.663  20.693  -2.312  1.00 40.31 ? 74  LYS A O   1 
ATOM   553  C CB  . LYS A 1 73  ? -2.214  18.932  -0.547  1.00 41.25 ? 74  LYS A CB  1 
ATOM   554  C CG  . LYS A 1 73  ? -1.161  19.587  -1.418  1.00 42.92 ? 74  LYS A CG  1 
ATOM   555  C CD  . LYS A 1 73  ? 0.237   19.257  -0.867  1.00 45.42 ? 74  LYS A CD  1 
ATOM   556  C CE  . LYS A 1 73  ? 1.298   19.103  -1.942  1.00 46.46 ? 74  LYS A CE  1 
ATOM   557  N NZ  . LYS A 1 73  ? 1.136   20.135  -3.004  1.00 47.66 ? 74  LYS A NZ  1 
ATOM   558  N N   . ASP A 1 74  ? -4.550  18.422  -2.302  1.00 38.36 ? 75  ASP A N   1 
ATOM   559  C CA  . ASP A 1 74  ? -4.935  18.256  -3.705  1.00 37.04 ? 75  ASP A CA  1 
ATOM   560  C C   . ASP A 1 74  ? -6.354  17.803  -3.877  1.00 35.41 ? 75  ASP A C   1 
ATOM   561  O O   . ASP A 1 74  ? -6.817  17.680  -5.004  1.00 35.86 ? 75  ASP A O   1 
ATOM   562  C CB  . ASP A 1 74  ? -4.023  17.233  -4.386  1.00 36.97 ? 75  ASP A CB  1 
ATOM   563  C CG  . ASP A 1 74  ? -2.606  17.708  -4.486  1.00 37.24 ? 75  ASP A CG  1 
ATOM   564  O OD1 . ASP A 1 74  ? -1.678  17.122  -3.882  1.00 35.17 ? 75  ASP A OD1 1 
ATOM   565  O OD2 . ASP A 1 74  ? -2.431  18.714  -5.171  1.00 40.43 ? 75  ASP A OD2 1 
ATOM   566  N N   . GLY A 1 75  ? -7.038  17.536  -2.777  1.00 34.20 ? 76  GLY A N   1 
ATOM   567  C CA  . GLY A 1 75  ? -8.411  17.037  -2.832  1.00 33.41 ? 76  GLY A CA  1 
ATOM   568  C C   . GLY A 1 75  ? -8.611  15.717  -3.557  1.00 32.14 ? 76  GLY A C   1 
ATOM   569  O O   . GLY A 1 75  ? -9.570  15.569  -4.331  1.00 31.22 ? 76  GLY A O   1 
ATOM   570  N N   . VAL A 1 76  ? -7.730  14.750  -3.282  1.00 31.74 ? 77  VAL A N   1 
ATOM   571  C CA  . VAL A 1 76  ? -7.812  13.414  -3.900  1.00 30.69 ? 77  VAL A CA  1 
ATOM   572  C C   . VAL A 1 76  ? -8.915  12.521  -3.293  1.00 30.30 ? 77  VAL A C   1 
ATOM   573  O O   . VAL A 1 76  ? -9.106  12.496  -2.087  1.00 29.87 ? 77  VAL A O   1 
ATOM   574  C CB  . VAL A 1 76  ? -6.442  12.686  -3.854  1.00 31.60 ? 77  VAL A CB  1 
ATOM   575  C CG1 . VAL A 1 76  ? -5.396  13.460  -4.705  1.00 29.24 ? 77  VAL A CG1 1 
ATOM   576  C CG2 . VAL A 1 76  ? -5.972  12.499  -2.431  1.00 31.29 ? 77  VAL A CG2 1 
ATOM   577  N N   . SER A 1 77  ? -9.649  11.811  -4.152  1.00 29.46 ? 78  SER A N   1 
ATOM   578  C CA  . SER A 1 77  ? -10.605 10.777  -3.737  1.00 29.22 ? 78  SER A CA  1 
ATOM   579  C C   . SER A 1 77  ? -10.007 9.347   -3.646  1.00 28.49 ? 78  SER A C   1 
ATOM   580  O O   . SER A 1 77  ? -10.485 8.514   -2.861  1.00 27.86 ? 78  SER A O   1 
ATOM   581  C CB  . SER A 1 77  ? -11.763 10.727  -4.738  1.00 29.59 ? 78  SER A CB  1 
ATOM   582  O OG  . SER A 1 77  ? -12.642 11.822  -4.546  1.00 29.62 ? 78  SER A OG  1 
ATOM   583  N N   . PHE A 1 78  ? -8.992  9.051   -4.468  1.00 27.44 ? 79  PHE A N   1 
ATOM   584  C CA  . PHE A 1 78  ? -8.330  7.707   -4.452  1.00 26.67 ? 79  PHE A CA  1 
ATOM   585  C C   . PHE A 1 78  ? -6.784  7.741   -4.512  1.00 25.41 ? 79  PHE A C   1 
ATOM   586  O O   . PHE A 1 78  ? -6.175  8.704   -5.050  1.00 24.01 ? 79  PHE A O   1 
ATOM   587  C CB  . PHE A 1 78  ? -8.839  6.859   -5.620  1.00 26.62 ? 79  PHE A CB  1 
ATOM   588  C CG  . PHE A 1 78  ? -10.299 6.562   -5.590  1.00 28.80 ? 79  PHE A CG  1 
ATOM   589  C CD1 . PHE A 1 78  ? -10.777 5.463   -4.894  1.00 32.47 ? 79  PHE A CD1 1 
ATOM   590  C CD2 . PHE A 1 78  ? -11.202 7.341   -6.309  1.00 30.48 ? 79  PHE A CD2 1 
ATOM   591  C CE1 . PHE A 1 78  ? -12.132 5.160   -4.865  1.00 30.42 ? 79  PHE A CE1 1 
ATOM   592  C CE2 . PHE A 1 78  ? -12.559 7.057   -6.281  1.00 32.09 ? 79  PHE A CE2 1 
ATOM   593  C CZ  . PHE A 1 78  ? -13.017 5.931   -5.565  1.00 32.71 ? 79  PHE A CZ  1 
ATOM   594  N N   . VAL A 1 79  ? -6.149  6.720   -3.918  1.00 24.15 ? 80  VAL A N   1 
ATOM   595  C CA  . VAL A 1 79  ? -4.790  6.282   -4.320  1.00 24.34 ? 80  VAL A CA  1 
ATOM   596  C C   . VAL A 1 79  ? -4.917  5.023   -5.164  1.00 25.13 ? 80  VAL A C   1 
ATOM   597  O O   . VAL A 1 79  ? -5.586  4.031   -4.743  1.00 26.21 ? 80  VAL A O   1 
ATOM   598  C CB  . VAL A 1 79  ? -3.869  5.911   -3.143  1.00 25.26 ? 80  VAL A CB  1 
ATOM   599  C CG1 . VAL A 1 79  ? -2.538  5.348   -3.657  1.00 22.97 ? 80  VAL A CG1 1 
ATOM   600  C CG2 . VAL A 1 79  ? -3.670  7.098   -2.177  1.00 23.00 ? 80  VAL A CG2 1 
ATOM   601  N N   . LEU A 1 80  ? -4.312  5.055   -6.348  1.00 24.69 ? 81  LEU A N   1 
ATOM   602  C CA  . LEU A 1 80  ? -4.182  3.886   -7.180  1.00 24.84 ? 81  LEU A CA  1 
ATOM   603  C C   . LEU A 1 80  ? -2.820  3.248   -6.926  1.00 24.60 ? 81  LEU A C   1 
ATOM   604  O O   . LEU A 1 80  ? -1.795  3.917   -7.020  1.00 24.45 ? 81  LEU A O   1 
ATOM   605  C CB  . LEU A 1 80  ? -4.301  4.249   -8.664  1.00 25.50 ? 81  LEU A CB  1 
ATOM   606  C CG  . LEU A 1 80  ? -5.666  4.562   -9.299  1.00 26.53 ? 81  LEU A CG  1 
ATOM   607  C CD1 . LEU A 1 80  ? -6.530  5.586   -8.569  1.00 23.65 ? 81  LEU A CD1 1 
ATOM   608  C CD2 . LEU A 1 80  ? -5.370  5.021   -10.755 1.00 28.21 ? 81  LEU A CD2 1 
ATOM   609  N N   . VAL A 1 81  ? -2.845  1.959   -6.591  1.00 23.90 ? 82  VAL A N   1 
ATOM   610  C CA  . VAL A 1 81  ? -1.679  1.057   -6.558  1.00 22.26 ? 82  VAL A CA  1 
ATOM   611  C C   . VAL A 1 81  ? -1.850  -0.044  -7.623  1.00 23.18 ? 82  VAL A C   1 
ATOM   612  O O   . VAL A 1 81  ? -2.973  -0.249  -8.173  1.00 22.15 ? 82  VAL A O   1 
ATOM   613  C CB  . VAL A 1 81  ? -1.478  0.473   -5.156  1.00 22.35 ? 82  VAL A CB  1 
ATOM   614  C CG1 . VAL A 1 81  ? -1.344  1.600   -4.155  1.00 22.50 ? 82  VAL A CG1 1 
ATOM   615  C CG2 . VAL A 1 81  ? -2.632  -0.453  -4.749  1.00 20.81 ? 82  VAL A CG2 1 
ATOM   616  N N   . PHE A 1 82  ? -0.741  -0.702  -8.008  1.00 23.60 ? 83  PHE A N   1 
ATOM   617  C CA  . PHE A 1 82  ? -0.827  -1.793  -8.983  1.00 24.85 ? 83  PHE A CA  1 
ATOM   618  C C   . PHE A 1 82  ? -1.537  -3.007  -8.353  1.00 25.59 ? 83  PHE A C   1 
ATOM   619  O O   . PHE A 1 82  ? -2.515  -3.528  -8.892  1.00 26.01 ? 83  PHE A O   1 
ATOM   620  C CB  . PHE A 1 82  ? 0.576   -2.182  -9.517  1.00 25.72 ? 83  PHE A CB  1 
ATOM   621  C CG  . PHE A 1 82  ? 0.526   -3.174  -10.669 1.00 24.11 ? 83  PHE A CG  1 
ATOM   622  C CD1 . PHE A 1 82  ? -0.005  -2.797  -11.889 1.00 23.08 ? 83  PHE A CD1 1 
ATOM   623  C CD2 . PHE A 1 82  ? 0.974   -4.475  -10.505 1.00 26.03 ? 83  PHE A CD2 1 
ATOM   624  C CE1 . PHE A 1 82  ? -0.064  -3.663  -12.940 1.00 24.62 ? 83  PHE A CE1 1 
ATOM   625  C CE2 . PHE A 1 82  ? 0.912   -5.386  -11.562 1.00 27.48 ? 83  PHE A CE2 1 
ATOM   626  C CZ  . PHE A 1 82  ? 0.402   -4.972  -12.788 1.00 27.98 ? 83  PHE A CZ  1 
ATOM   627  N N   . LYS A 1 83  ? -1.078  -3.389  -7.175  1.00 27.28 ? 84  LYS A N   1 
ATOM   628  C CA  . LYS A 1 83  ? -1.717  -4.409  -6.334  1.00 28.94 ? 84  LYS A CA  1 
ATOM   629  C C   . LYS A 1 83  ? -1.275  -4.215  -4.871  1.00 29.77 ? 84  LYS A C   1 
ATOM   630  O O   . LYS A 1 83  ? -0.319  -3.464  -4.603  1.00 30.12 ? 84  LYS A O   1 
ATOM   631  C CB  . LYS A 1 83  ? -1.345  -5.792  -6.860  1.00 29.80 ? 84  LYS A CB  1 
ATOM   632  C CG  . LYS A 1 83  ? 0.109   -6.009  -6.919  1.00 32.01 ? 84  LYS A CG  1 
ATOM   633  C CD  . LYS A 1 83  ? 0.465   -7.252  -7.705  1.00 36.03 ? 84  LYS A CD  1 
ATOM   634  C CE  . LYS A 1 83  ? 1.992   -7.266  -7.840  1.00 38.70 ? 84  LYS A CE  1 
ATOM   635  N NZ  . LYS A 1 83  ? 2.546   -8.569  -8.312  1.00 42.63 ? 84  LYS A NZ  1 
ATOM   636  N N   . LEU A 1 84  ? -1.964  -4.855  -3.930  1.00 30.67 ? 85  LEU A N   1 
ATOM   637  C CA  . LEU A 1 84  ? -1.684  -4.687  -2.483  1.00 32.01 ? 85  LEU A CA  1 
ATOM   638  C C   . LEU A 1 84  ? -0.241  -4.964  -2.061  1.00 33.65 ? 85  LEU A C   1 
ATOM   639  O O   . LEU A 1 84  ? 0.317   -4.256  -1.208  1.00 33.22 ? 85  LEU A O   1 
ATOM   640  C CB  . LEU A 1 84  ? -2.601  -5.575  -1.609  1.00 31.65 ? 85  LEU A CB  1 
ATOM   641  C CG  . LEU A 1 84  ? -4.025  -5.117  -1.354  1.00 31.39 ? 85  LEU A CG  1 
ATOM   642  C CD1 . LEU A 1 84  ? -4.800  -6.073  -0.369  1.00 27.76 ? 85  LEU A CD1 1 
ATOM   643  C CD2 . LEU A 1 84  ? -3.997  -3.680  -0.809  1.00 30.01 ? 85  LEU A CD2 1 
ATOM   644  N N   . SER A 1 85  ? 0.352   -6.021  -2.612  1.00 35.68 ? 86  SER A N   1 
ATOM   645  C CA  . SER A 1 85  ? 1.757   -6.299  -2.361  1.00 37.22 ? 86  SER A CA  1 
ATOM   646  C C   . SER A 1 85  ? 2.699   -5.236  -2.951  1.00 38.76 ? 86  SER A C   1 
ATOM   647  O O   . SER A 1 85  ? 3.904   -5.388  -2.862  1.00 39.49 ? 86  SER A O   1 
ATOM   648  C CB  . SER A 1 85  ? 2.127   -7.640  -2.955  1.00 36.85 ? 86  SER A CB  1 
ATOM   649  O OG  . SER A 1 85  ? 1.861   -7.619  -4.339  1.00 39.85 ? 86  SER A OG  1 
ATOM   650  N N   . ARG A 1 86  ? 2.161   -4.210  -3.606  1.00 39.76 ? 87  ARG A N   1 
ATOM   651  C CA  . ARG A 1 86  ? 2.980   -3.091  -4.081  1.00 40.35 ? 87  ARG A CA  1 
ATOM   652  C C   . ARG A 1 86  ? 2.431   -1.839  -3.418  1.00 40.80 ? 87  ARG A C   1 
ATOM   653  O O   . ARG A 1 86  ? 2.204   -0.794  -4.065  1.00 39.99 ? 87  ARG A O   1 
ATOM   654  C CB  . ARG A 1 86  ? 2.954   -3.005  -5.605  1.00 40.43 ? 87  ARG A CB  1 
ATOM   655  C CG  . ARG A 1 86  ? 3.731   -4.115  -6.287  1.00 40.54 ? 87  ARG A CG  1 
ATOM   656  C CD  . ARG A 1 86  ? 5.210   -4.003  -5.936  1.00 42.08 ? 87  ARG A CD  1 
ATOM   657  N NE  . ARG A 1 86  ? 6.018   -4.945  -6.682  1.00 42.74 ? 87  ARG A NE  1 
ATOM   658  C CZ  . ARG A 1 86  ? 6.085   -6.251  -6.435  1.00 44.84 ? 87  ARG A CZ  1 
ATOM   659  N NH1 . ARG A 1 86  ? 5.360   -6.814  -5.476  1.00 45.91 ? 87  ARG A NH1 1 
ATOM   660  N NH2 . ARG A 1 86  ? 6.864   -7.013  -7.174  1.00 46.35 ? 87  ARG A NH2 1 
ATOM   661  N N   . PHE A 1 87  ? 2.255   -1.983  -2.092  1.00 40.95 ? 88  PHE A N   1 
ATOM   662  C CA  . PHE A 1 87  ? 1.577   -1.011  -1.268  1.00 40.66 ? 88  PHE A CA  1 
ATOM   663  C C   . PHE A 1 87  ? 1.834   -1.277  0.214   1.00 39.90 ? 88  PHE A C   1 
ATOM   664  O O   . PHE A 1 87  ? 2.204   -0.372  0.933   1.00 39.98 ? 88  PHE A O   1 
ATOM   665  C CB  . PHE A 1 87  ? 0.084   -1.024  -1.603  1.00 40.44 ? 88  PHE A CB  1 
ATOM   666  C CG  . PHE A 1 87  ? -0.751  -0.194  -0.687  1.00 41.93 ? 88  PHE A CG  1 
ATOM   667  C CD1 . PHE A 1 87  ? -0.624  1.188   -0.669  1.00 43.91 ? 88  PHE A CD1 1 
ATOM   668  C CD2 . PHE A 1 87  ? -1.677  -0.784  0.138   1.00 44.79 ? 88  PHE A CD2 1 
ATOM   669  C CE1 . PHE A 1 87  ? -1.398  1.972   0.164   1.00 44.59 ? 88  PHE A CE1 1 
ATOM   670  C CE2 . PHE A 1 87  ? -2.451  -0.011  0.996   1.00 46.60 ? 88  PHE A CE2 1 
ATOM   671  C CZ  . PHE A 1 87  ? -2.310  1.384   1.001   1.00 45.46 ? 88  PHE A CZ  1 
ATOM   672  N N   . ALA A 1 88  ? 1.607   -2.508  0.678   1.00 39.56 ? 89  ALA A N   1 
ATOM   673  C CA  . ALA A 1 88  ? 1.747   -2.856  2.108   1.00 38.14 ? 89  ALA A CA  1 
ATOM   674  C C   . ALA A 1 88  ? 2.646   -4.073  2.289   1.00 36.80 ? 89  ALA A C   1 
ATOM   675  O O   . ALA A 1 88  ? 2.914   -4.812  1.342   1.00 37.27 ? 89  ALA A O   1 
ATOM   676  C CB  . ALA A 1 88  ? 0.377   -3.110  2.720   1.00 38.48 ? 89  ALA A CB  1 
ATOM   677  N N   . ARG A 1 89  ? 3.101   -4.275  3.519   1.00 35.46 ? 90  ARG A N   1 
ATOM   678  C CA  . ARG A 1 89  ? 4.071   -5.306  3.853   1.00 34.40 ? 90  ARG A CA  1 
ATOM   679  C C   . ARG A 1 89  ? 3.420   -6.561  4.532   1.00 32.88 ? 90  ARG A C   1 
ATOM   680  O O   . ARG A 1 89  ? 3.994   -7.644  4.594   1.00 31.97 ? 90  ARG A O   1 
ATOM   681  C CB  . ARG A 1 89  ? 5.133   -4.657  4.750   1.00 34.98 ? 90  ARG A CB  1 
ATOM   682  N N   . ASN A 1 90  ? 2.204   -6.381  5.024   1.00 31.32 ? 91  ASN A N   1 
ATOM   683  C CA  . ASN A 1 90  ? 1.438   -7.430  5.665   1.00 30.15 ? 91  ASN A CA  1 
ATOM   684  C C   . ASN A 1 90  ? 0.003   -6.911  5.799   1.00 29.86 ? 91  ASN A C   1 
ATOM   685  O O   . ASN A 1 90  ? -0.281  -5.770  5.386   1.00 28.86 ? 91  ASN A O   1 
ATOM   686  C CB  . ASN A 1 90  ? 2.048   -7.806  7.020   1.00 30.17 ? 91  ASN A CB  1 
ATOM   687  C CG  . ASN A 1 90  ? 2.309   -6.589  7.930   1.00 31.23 ? 91  ASN A CG  1 
ATOM   688  O OD1 . ASN A 1 90  ? 1.387   -5.904  8.346   1.00 29.55 ? 91  ASN A OD1 1 
ATOM   689  N ND2 . ASN A 1 90  ? 3.572   -6.363  8.270   1.00 31.77 ? 91  ASN A ND2 1 
ATOM   690  N N   . ALA A 1 91  ? -0.898  -7.746  6.333   1.00 28.84 ? 92  ALA A N   1 
ATOM   691  C CA  . ALA A 1 91  ? -2.310  -7.404  6.446   1.00 28.31 ? 92  ALA A CA  1 
ATOM   692  C C   . ALA A 1 91  ? -2.560  -6.277  7.460   1.00 28.05 ? 92  ALA A C   1 
ATOM   693  O O   . ALA A 1 91  ? -3.452  -5.421  7.241   1.00 27.81 ? 92  ALA A O   1 
ATOM   694  C CB  . ALA A 1 91  ? -3.140  -8.673  6.815   1.00 27.96 ? 92  ALA A CB  1 
ATOM   695  N N   . ALA A 1 92  ? -1.802  -6.278  8.568   1.00 27.62 ? 93  ALA A N   1 
ATOM   696  C CA  . ALA A 1 92  ? -1.974  -5.249  9.608   1.00 27.71 ? 93  ALA A CA  1 
ATOM   697  C C   . ALA A 1 92  ? -1.601  -3.867  9.065   1.00 27.65 ? 93  ALA A C   1 
ATOM   698  O O   . ALA A 1 92  ? -2.267  -2.893  9.359   1.00 27.62 ? 93  ALA A O   1 
ATOM   699  C CB  . ALA A 1 92  ? -1.196  -5.588  10.888  1.00 26.96 ? 93  ALA A CB  1 
ATOM   700  N N   . ASP A 1 93  ? -0.549  -3.824  8.253   1.00 28.51 ? 94  ASP A N   1 
ATOM   701  C CA  . ASP A 1 93  ? -0.191  -2.675  7.423   1.00 29.81 ? 94  ASP A CA  1 
ATOM   702  C C   . ASP A 1 93  ? -1.243  -2.177  6.429   1.00 29.13 ? 94  ASP A C   1 
ATOM   703  O O   . ASP A 1 93  ? -1.470  -0.971  6.265   1.00 28.34 ? 94  ASP A O   1 
ATOM   704  C CB  . ASP A 1 93  ? 0.994   -3.071  6.569   1.00 31.60 ? 94  ASP A CB  1 
ATOM   705  C CG  . ASP A 1 93  ? 2.215   -2.326  6.915   1.00 35.82 ? 94  ASP A CG  1 
ATOM   706  O OD1 . ASP A 1 93  ? 2.481   -1.345  6.167   1.00 40.89 ? 94  ASP A OD1 1 
ATOM   707  O OD2 . ASP A 1 93  ? 2.882   -2.721  7.912   1.00 38.40 ? 94  ASP A OD2 1 
ATOM   708  N N   . VAL A 1 94  ? -1.834  -3.106  5.697   1.00 28.56 ? 95  VAL A N   1 
ATOM   709  C CA  . VAL A 1 94  ? -2.819  -2.719  4.718   1.00 28.23 ? 95  VAL A CA  1 
ATOM   710  C C   . VAL A 1 94  ? -3.959  -2.087  5.483   1.00 28.51 ? 95  VAL A C   1 
ATOM   711  O O   . VAL A 1 94  ? -4.507  -1.076  5.060   1.00 28.93 ? 95  VAL A O   1 
ATOM   712  C CB  . VAL A 1 94  ? -3.399  -3.905  3.951   1.00 28.58 ? 95  VAL A CB  1 
ATOM   713  C CG1 . VAL A 1 94  ? -4.444  -3.379  2.980   1.00 28.69 ? 95  VAL A CG1 1 
ATOM   714  C CG2 . VAL A 1 94  ? -2.304  -4.722  3.230   1.00 26.57 ? 95  VAL A CG2 1 
ATOM   715  N N   . LEU A 1 95  ? -4.304  -2.679  6.625   1.00 28.10 ? 96  LEU A N   1 
ATOM   716  C CA  . LEU A 1 95  ? -5.472  -2.254  7.379   1.00 28.25 ? 96  LEU A CA  1 
ATOM   717  C C   . LEU A 1 95  ? -5.276  -0.870  7.980   1.00 28.72 ? 96  LEU A C   1 
ATOM   718  O O   . LEU A 1 95  ? -6.141  -0.038  7.830   1.00 28.52 ? 96  LEU A O   1 
ATOM   719  C CB  . LEU A 1 95  ? -5.817  -3.262  8.494   1.00 27.65 ? 96  LEU A CB  1 
ATOM   720  C CG  . LEU A 1 95  ? -6.831  -2.776  9.523   1.00 27.28 ? 96  LEU A CG  1 
ATOM   721  C CD1 . LEU A 1 95  ? -8.163  -2.522  8.856   1.00 26.78 ? 96  LEU A CD1 1 
ATOM   722  C CD2 . LEU A 1 95  ? -6.971  -3.793  10.692  1.00 29.16 ? 96  LEU A CD2 1 
ATOM   723  N N   . SER A 1 96  ? -4.170  -0.642  8.682   1.00 29.51 ? 97  SER A N   1 
ATOM   724  C CA  . SER A 1 96  ? -3.997  0.631   9.363   1.00 31.29 ? 97  SER A CA  1 
ATOM   725  C C   . SER A 1 96  ? -3.872  1.757   8.334   1.00 32.10 ? 97  SER A C   1 
ATOM   726  O O   . SER A 1 96  ? -4.518  2.805   8.503   1.00 32.10 ? 97  SER A O   1 
ATOM   727  C CB  . SER A 1 96  ? -2.835  0.619   10.396  1.00 31.40 ? 97  SER A CB  1 
ATOM   728  O OG  . SER A 1 96  ? -1.624  0.122   9.848   1.00 33.78 ? 97  SER A OG  1 
ATOM   729  N N   . THR A 1 97  ? -3.115  1.512   7.246   1.00 32.51 ? 98  THR A N   1 
ATOM   730  C CA  . THR A 1 97  ? -2.976  2.494   6.146   1.00 32.46 ? 98  THR A CA  1 
ATOM   731  C C   . THR A 1 97  ? -4.326  2.825   5.531   1.00 31.98 ? 98  THR A C   1 
ATOM   732  O O   . THR A 1 97  ? -4.661  3.979   5.353   1.00 32.64 ? 98  THR A O   1 
ATOM   733  C CB  . THR A 1 97  ? -2.073  1.981   4.984   1.00 32.79 ? 98  THR A CB  1 
ATOM   734  O OG1 . THR A 1 97  ? -0.781  1.640   5.483   1.00 32.89 ? 98  THR A OG1 1 
ATOM   735  C CG2 . THR A 1 97  ? -1.946  3.058   3.921   1.00 32.49 ? 98  THR A CG2 1 
ATOM   736  N N   . LEU A 1 98  ? -5.101  1.806   5.202   1.00 31.91 ? 99  LEU A N   1 
ATOM   737  C CA  . LEU A 1 98  ? -6.438  2.018   4.654   1.00 32.61 ? 99  LEU A CA  1 
ATOM   738  C C   . LEU A 1 98  ? -7.347  2.797   5.602   1.00 32.84 ? 99  LEU A C   1 
ATOM   739  O O   . LEU A 1 98  ? -8.185  3.539   5.154   1.00 32.71 ? 99  LEU A O   1 
ATOM   740  C CB  . LEU A 1 98  ? -7.126  0.683   4.301   1.00 32.23 ? 99  LEU A CB  1 
ATOM   741  C CG  . LEU A 1 98  ? -8.478  0.802   3.574   1.00 32.25 ? 99  LEU A CG  1 
ATOM   742  C CD1 . LEU A 1 98  ? -8.429  1.779   2.353   1.00 31.84 ? 99  LEU A CD1 1 
ATOM   743  C CD2 . LEU A 1 98  ? -8.885  -0.554  3.103   1.00 30.62 ? 99  LEU A CD2 1 
ATOM   744  N N   . GLN A 1 99  ? -7.212  2.574   6.908   1.00 34.02 ? 100 GLN A N   1 
ATOM   745  C CA  . GLN A 1 99  ? -8.084  3.247   7.887   1.00 34.45 ? 100 GLN A CA  1 
ATOM   746  C C   . GLN A 1 99  ? -7.754  4.728   7.995   1.00 34.50 ? 100 GLN A C   1 
ATOM   747  O O   . GLN A 1 99  ? -8.671  5.549   8.011   1.00 34.68 ? 100 GLN A O   1 
ATOM   748  C CB  . GLN A 1 99  ? -8.006  2.583   9.256   1.00 34.26 ? 100 GLN A CB  1 
ATOM   749  C CG  . GLN A 1 99  ? -8.816  1.279   9.316   1.00 35.69 ? 100 GLN A CG  1 
ATOM   750  C CD  . GLN A 1 99  ? -8.592  0.474   10.581  1.00 35.24 ? 100 GLN A CD  1 
ATOM   751  O OE1 . GLN A 1 99  ? -7.464  0.338   11.082  1.00 35.63 ? 100 GLN A OE1 1 
ATOM   752  N NE2 . GLN A 1 99  ? -9.667  -0.089  11.091  1.00 37.44 ? 100 GLN A NE2 1 
ATOM   753  N N   . ILE A 1 100 ? -6.453  5.051   8.038   1.00 34.68 ? 101 ILE A N   1 
ATOM   754  C CA  . ILE A 1 100 ? -5.969  6.444   8.035   1.00 34.70 ? 101 ILE A CA  1 
ATOM   755  C C   . ILE A 1 100 ? -6.407  7.188   6.754   1.00 34.77 ? 101 ILE A C   1 
ATOM   756  O O   . ILE A 1 100 ? -6.940  8.283   6.830   1.00 34.66 ? 101 ILE A O   1 
ATOM   757  C CB  . ILE A 1 100 ? -4.424  6.515   8.193   1.00 34.70 ? 101 ILE A CB  1 
ATOM   758  C CG1 . ILE A 1 100 ? -3.985  5.928   9.548   1.00 33.21 ? 101 ILE A CG1 1 
ATOM   759  C CG2 . ILE A 1 100 ? -3.929  7.977   8.059   1.00 35.24 ? 101 ILE A CG2 1 
ATOM   760  C CD1 . ILE A 1 100 ? -2.526  5.535   9.605   1.00 32.63 ? 101 ILE A CD1 1 
ATOM   761  N N   . MET A 1 101 ? -6.171  6.579   5.595   1.00 34.25 ? 102 MET A N   1 
ATOM   762  C CA  . MET A 1 101 ? -6.628  7.107   4.306   1.00 34.06 ? 102 MET A CA  1 
ATOM   763  C C   . MET A 1 101 ? -8.128  7.456   4.340   1.00 34.25 ? 102 MET A C   1 
ATOM   764  O O   . MET A 1 101 ? -8.527  8.582   3.982   1.00 33.42 ? 102 MET A O   1 
ATOM   765  C CB  . MET A 1 101 ? -6.398  6.089   3.160   1.00 32.79 ? 102 MET A CB  1 
ATOM   766  C CG  . MET A 1 101 ? -5.005  6.029   2.540   1.00 32.66 ? 102 MET A CG  1 
ATOM   767  S SD  . MET A 1 101 ? -4.781  4.699   1.307   1.00 25.66 ? 102 MET A SD  1 
ATOM   768  C CE  . MET A 1 101 ? -6.103  4.924   0.171   1.00 26.87 ? 102 MET A CE  1 
ATOM   769  N N   . GLN A 1 102 ? -8.963  6.482   4.713   1.00 34.45 ? 103 GLN A N   1 
ATOM   770  C CA  . GLN A 1 102 ? -10.413 6.711   4.719   1.00 34.93 ? 103 GLN A CA  1 
ATOM   771  C C   . GLN A 1 102 ? -10.819 7.753   5.786   1.00 34.99 ? 103 GLN A C   1 
ATOM   772  O O   . GLN A 1 102 ? -11.755 8.514   5.549   1.00 33.68 ? 103 GLN A O   1 
ATOM   773  C CB  . GLN A 1 102 ? -11.198 5.413   4.908   1.00 35.45 ? 103 GLN A CB  1 
ATOM   774  C CG  . GLN A 1 102 ? -11.045 4.409   3.779   1.00 37.18 ? 103 GLN A CG  1 
ATOM   775  C CD  . GLN A 1 102 ? -11.875 3.143   3.990   1.00 39.13 ? 103 GLN A CD  1 
ATOM   776  O OE1 . GLN A 1 102 ? -11.779 2.481   5.025   1.00 39.37 ? 103 GLN A OE1 1 
ATOM   777  N NE2 . GLN A 1 102 ? -12.687 2.799   2.992   1.00 39.96 ? 103 GLN A NE2 1 
ATOM   778  N N   . ASP A 1 103 ? -10.100 7.782   6.921   1.00 35.37 ? 104 ASP A N   1 
ATOM   779  C CA  . ASP A 1 103 ? -10.234 8.837   7.958   1.00 36.24 ? 104 ASP A CA  1 
ATOM   780  C C   . ASP A 1 103 ? -10.184 10.192  7.273   1.00 36.13 ? 104 ASP A C   1 
ATOM   781  O O   . ASP A 1 103 ? -10.995 11.084  7.553   1.00 36.46 ? 104 ASP A O   1 
ATOM   782  C CB  . ASP A 1 103 ? -9.076  8.772   8.984   1.00 36.67 ? 104 ASP A CB  1 
ATOM   783  C CG  . ASP A 1 103 ? -9.535  8.944   10.431  1.00 40.24 ? 104 ASP A CG  1 
ATOM   784  O OD1 . ASP A 1 103 ? -9.382  10.043  11.049  1.00 41.91 ? 104 ASP A OD1 1 
ATOM   785  O OD2 . ASP A 1 103 ? -10.059 7.941   10.968  1.00 48.50 ? 104 ASP A OD2 1 
ATOM   786  N N   . TYR A 1 104 ? -9.226  10.331  6.346   1.00 35.40 ? 105 TYR A N   1 
ATOM   787  C CA  . TYR A 1 104 ? -9.021  11.571  5.617   1.00 34.75 ? 105 TYR A CA  1 
ATOM   788  C C   . TYR A 1 104 ? -9.732  11.630  4.267   1.00 34.13 ? 105 TYR A C   1 
ATOM   789  O O   . TYR A 1 104 ? -9.312  12.378  3.391   1.00 33.76 ? 105 TYR A O   1 
ATOM   790  C CB  . TYR A 1 104 ? -7.524  11.848  5.452   1.00 35.08 ? 105 TYR A CB  1 
ATOM   791  C CG  . TYR A 1 104 ? -6.840  12.182  6.745   1.00 35.14 ? 105 TYR A CG  1 
ATOM   792  C CD1 . TYR A 1 104 ? -6.787  13.487  7.207   1.00 37.09 ? 105 TYR A CD1 1 
ATOM   793  C CD2 . TYR A 1 104 ? -6.276  11.201  7.514   1.00 37.95 ? 105 TYR A CD2 1 
ATOM   794  C CE1 . TYR A 1 104 ? -6.156  13.798  8.412   1.00 37.60 ? 105 TYR A CE1 1 
ATOM   795  C CE2 . TYR A 1 104 ? -5.656  11.489  8.729   1.00 39.46 ? 105 TYR A CE2 1 
ATOM   796  C CZ  . TYR A 1 104 ? -5.599  12.793  9.168   1.00 38.43 ? 105 TYR A CZ  1 
ATOM   797  O OH  . TYR A 1 104 ? -4.967  13.067  10.356  1.00 38.63 ? 105 TYR A OH  1 
ATOM   798  N N   . GLY A 1 105 ? -10.831 10.886  4.119   1.00 33.72 ? 106 GLY A N   1 
ATOM   799  C CA  . GLY A 1 105 ? -11.642 10.897  2.867   1.00 33.67 ? 106 GLY A CA  1 
ATOM   800  C C   . GLY A 1 105 ? -11.147 10.113  1.628   1.00 33.18 ? 106 GLY A C   1 
ATOM   801  O O   . GLY A 1 105 ? -11.770 10.202  0.560   1.00 33.51 ? 106 GLY A O   1 
ATOM   802  N N   . VAL A 1 106 ? -10.066 9.327   1.766   1.00 31.98 ? 107 VAL A N   1 
ATOM   803  C CA  . VAL A 1 106 ? -9.370  8.721   0.604   1.00 30.54 ? 107 VAL A CA  1 
ATOM   804  C C   . VAL A 1 106 ? -9.533  7.174   0.573   1.00 29.84 ? 107 VAL A C   1 
ATOM   805  O O   . VAL A 1 106 ? -9.325  6.483   1.589   1.00 28.84 ? 107 VAL A O   1 
ATOM   806  C CB  . VAL A 1 106 ? -7.882  9.160   0.581   1.00 30.61 ? 107 VAL A CB  1 
ATOM   807  C CG1 . VAL A 1 106 ? -7.096  8.508   -0.595  1.00 30.98 ? 107 VAL A CG1 1 
ATOM   808  C CG2 . VAL A 1 106 ? -7.762  10.732  0.513   1.00 30.23 ? 107 VAL A CG2 1 
ATOM   809  N N   . ASN A 1 107 ? -9.951  6.662   -0.592  1.00 28.79 ? 108 ASN A N   1 
ATOM   810  C CA  . ASN A 1 107 ? -10.066 5.228   -0.846  1.00 27.90 ? 108 ASN A CA  1 
ATOM   811  C C   . ASN A 1 107 ? -8.938  4.641   -1.725  1.00 27.93 ? 108 ASN A C   1 
ATOM   812  O O   . ASN A 1 107 ? -8.139  5.370   -2.332  1.00 27.83 ? 108 ASN A O   1 
ATOM   813  C CB  . ASN A 1 107 ? -11.446 4.924   -1.423  1.00 27.76 ? 108 ASN A CB  1 
ATOM   814  C CG  . ASN A 1 107 ? -12.517 4.820   -0.334  1.00 27.34 ? 108 ASN A CG  1 
ATOM   815  O OD1 . ASN A 1 107 ? -12.578 3.841   0.408   1.00 24.26 ? 108 ASN A OD1 1 
ATOM   816  N ND2 . ASN A 1 107 ? -13.339 5.848   -0.228  1.00 25.97 ? 108 ASN A ND2 1 
ATOM   817  N N   . LEU A 1 108 ? -8.865  3.318   -1.752  1.00 27.25 ? 109 LEU A N   1 
ATOM   818  C CA  . LEU A 1 108 ? -7.788  2.582   -2.405  1.00 26.65 ? 109 LEU A CA  1 
ATOM   819  C C   . LEU A 1 108 ? -8.313  1.760   -3.569  1.00 26.11 ? 109 LEU A C   1 
ATOM   820  O O   . LEU A 1 108 ? -9.317  1.030   -3.415  1.00 25.75 ? 109 LEU A O   1 
ATOM   821  C CB  . LEU A 1 108 ? -7.082  1.664   -1.418  1.00 26.90 ? 109 LEU A CB  1 
ATOM   822  C CG  . LEU A 1 108 ? -5.844  0.923   -1.976  1.00 27.75 ? 109 LEU A CG  1 
ATOM   823  C CD1 . LEU A 1 108 ? -4.634  1.897   -2.165  1.00 19.99 ? 109 LEU A CD1 1 
ATOM   824  C CD2 . LEU A 1 108 ? -5.523  -0.236  -0.983  1.00 29.08 ? 109 LEU A CD2 1 
ATOM   825  N N   . ILE A 1 109 ? -7.640  1.915   -4.712  1.00 25.82 ? 110 ILE A N   1 
ATOM   826  C CA  . ILE A 1 109 ? -7.873  1.122   -5.918  1.00 27.05 ? 110 ILE A CA  1 
ATOM   827  C C   . ILE A 1 109 ? -6.582  0.389   -6.202  1.00 27.95 ? 110 ILE A C   1 
ATOM   828  O O   . ILE A 1 109 ? -5.501  0.991   -6.172  1.00 28.74 ? 110 ILE A O   1 
ATOM   829  C CB  . ILE A 1 109 ? -8.340  1.972   -7.144  1.00 26.85 ? 110 ILE A CB  1 
ATOM   830  C CG1 . ILE A 1 109 ? -9.655  2.682   -6.811  1.00 26.79 ? 110 ILE A CG1 1 
ATOM   831  C CG2 . ILE A 1 109 ? -8.544  1.077   -8.418  1.00 26.36 ? 110 ILE A CG2 1 
ATOM   832  C CD1 . ILE A 1 109 ? -10.267 3.531   -7.971  1.00 23.46 ? 110 ILE A CD1 1 
ATOM   833  N N   . CYS A 1 110 ? -6.702  -0.936  -6.322  1.00 28.81 ? 111 CYS A N   1 
ATOM   834  C CA  . CYS A 1 110 ? -5.647  -1.840  -6.745  1.00 28.94 ? 111 CYS A CA  1 
ATOM   835  C C   . CYS A 1 110 ? -6.022  -2.223  -8.127  1.00 29.92 ? 111 CYS A C   1 
ATOM   836  O O   . CYS A 1 110 ? -6.985  -2.957  -8.343  1.00 29.28 ? 111 CYS A O   1 
ATOM   837  C CB  . CYS A 1 110 ? -5.595  -3.092  -5.892  1.00 29.64 ? 111 CYS A CB  1 
ATOM   838  S SG  . CYS A 1 110 ? -5.425  -2.712  -4.162  1.00 33.35 ? 111 CYS A SG  1 
ATOM   839  N N   . VAL A 1 111 ? -5.267  -1.694  -9.067  1.00 30.11 ? 112 VAL A N   1 
ATOM   840  C CA  . VAL A 1 111 ? -5.531  -1.877  -10.459 1.00 31.23 ? 112 VAL A CA  1 
ATOM   841  C C   . VAL A 1 111 ? -5.500  -3.352  -10.906 1.00 33.38 ? 112 VAL A C   1 
ATOM   842  O O   . VAL A 1 111 ? -6.428  -3.810  -11.572 1.00 34.04 ? 112 VAL A O   1 
ATOM   843  C CB  . VAL A 1 111 ? -4.557  -0.991  -11.298 1.00 30.39 ? 112 VAL A CB  1 
ATOM   844  C CG1 . VAL A 1 111 ? -4.545  -1.404  -12.720 1.00 30.18 ? 112 VAL A CG1 1 
ATOM   845  C CG2 . VAL A 1 111 ? -4.962  0.501   -11.141 1.00 29.19 ? 112 VAL A CG2 1 
ATOM   846  N N   . GLU A 1 112 ? -4.465  -4.102  -10.561 1.00 35.51 ? 113 GLU A N   1 
ATOM   847  C CA  . GLU A 1 112 ? -4.403  -5.481  -11.044 1.00 37.49 ? 113 GLU A CA  1 
ATOM   848  C C   . GLU A 1 112 ? -5.398  -6.384  -10.301 1.00 38.47 ? 113 GLU A C   1 
ATOM   849  O O   . GLU A 1 112 ? -6.071  -7.199  -10.929 1.00 39.87 ? 113 GLU A O   1 
ATOM   850  C CB  . GLU A 1 112 ? -2.995  -6.058  -10.937 1.00 37.69 ? 113 GLU A CB  1 
ATOM   851  C CG  . GLU A 1 112 ? -2.823  -7.251  -11.890 1.00 40.67 ? 113 GLU A CG  1 
ATOM   852  C CD  . GLU A 1 112 ? -1.633  -8.126  -11.577 1.00 44.73 ? 113 GLU A CD  1 
ATOM   853  O OE1 . GLU A 1 112 ? -0.971  -8.566  -12.559 1.00 46.89 ? 113 GLU A OE1 1 
ATOM   854  O OE2 . GLU A 1 112 ? -1.362  -8.370  -10.368 1.00 46.15 ? 113 GLU A OE2 1 
ATOM   855  N N   . ASP A 1 113 ? -5.512  -6.215  -8.980  1.00 39.34 ? 114 ASP A N   1 
ATOM   856  C CA  . ASP A 1 113 ? -6.427  -7.040  -8.162  1.00 40.03 ? 114 ASP A CA  1 
ATOM   857  C C   . ASP A 1 113 ? -7.910  -6.734  -8.422  1.00 40.09 ? 114 ASP A C   1 
ATOM   858  O O   . ASP A 1 113 ? -8.778  -7.520  -8.055  1.00 40.82 ? 114 ASP A O   1 
ATOM   859  C CB  . ASP A 1 113 ? -6.144  -6.847  -6.675  1.00 40.06 ? 114 ASP A CB  1 
ATOM   860  C CG  . ASP A 1 113 ? -4.675  -7.121  -6.300  1.00 42.66 ? 114 ASP A CG  1 
ATOM   861  O OD1 . ASP A 1 113 ? -4.067  -8.021  -6.928  1.00 46.41 ? 114 ASP A OD1 1 
ATOM   862  O OD2 . ASP A 1 113 ? -4.129  -6.452  -5.372  1.00 43.76 ? 114 ASP A OD2 1 
ATOM   863  N N   . GLY A 1 114 ? -8.203  -5.598  -9.051  1.00 39.37 ? 115 GLY A N   1 
ATOM   864  C CA  . GLY A 1 114 ? -9.582  -5.153  -9.240  1.00 38.82 ? 115 GLY A CA  1 
ATOM   865  C C   . GLY A 1 114 ? -10.321 -4.754  -7.959  1.00 38.44 ? 115 GLY A C   1 
ATOM   866  O O   . GLY A 1 114 ? -11.548 -4.791  -7.923  1.00 38.94 ? 115 GLY A O   1 
ATOM   867  N N   . ILE A 1 115 ? -9.581  -4.386  -6.917  1.00 37.57 ? 116 ILE A N   1 
ATOM   868  C CA  . ILE A 1 115 ? -10.152 -4.074  -5.613  1.00 37.01 ? 116 ILE A CA  1 
ATOM   869  C C   . ILE A 1 115 ? -10.337 -2.559  -5.544  1.00 36.70 ? 116 ILE A C   1 
ATOM   870  O O   . ILE A 1 115 ? -9.462  -1.812  -5.955  1.00 35.26 ? 116 ILE A O   1 
ATOM   871  C CB  . ILE A 1 115 ? -9.206  -4.492  -4.450  1.00 37.27 ? 116 ILE A CB  1 
ATOM   872  C CG1 . ILE A 1 115 ? -9.150  -6.020  -4.259  1.00 37.34 ? 116 ILE A CG1 1 
ATOM   873  C CG2 . ILE A 1 115 ? -9.648  -3.832  -3.165  1.00 38.06 ? 116 ILE A CG2 1 
ATOM   874  C CD1 . ILE A 1 115 ? -8.098  -6.474  -3.196  1.00 36.58 ? 116 ILE A CD1 1 
ATOM   875  N N   . ASP A 1 116 ? -11.493 -2.128  -5.053  1.00 35.91 ? 117 ASP A N   1 
ATOM   876  C CA  . ASP A 1 116 ? -11.819 -0.715  -4.897  1.00 36.31 ? 117 ASP A CA  1 
ATOM   877  C C   . ASP A 1 116 ? -12.549 -0.600  -3.556  1.00 36.10 ? 117 ASP A C   1 
ATOM   878  O O   . ASP A 1 116 ? -13.697 -1.090  -3.419  1.00 36.32 ? 117 ASP A O   1 
ATOM   879  C CB  . ASP A 1 116 ? -12.702 -0.250  -6.071  1.00 36.33 ? 117 ASP A CB  1 
ATOM   880  C CG  . ASP A 1 116 ? -13.255 1.168   -5.896  1.00 38.57 ? 117 ASP A CG  1 
ATOM   881  O OD1 . ASP A 1 116 ? -13.179 1.752   -4.781  1.00 37.20 ? 117 ASP A OD1 1 
ATOM   882  O OD2 . ASP A 1 116 ? -13.780 1.706   -6.904  1.00 41.47 ? 117 ASP A OD2 1 
ATOM   883  N N   . SER A 1 117 ? -11.877 -0.009  -2.564  1.00 35.51 ? 118 SER A N   1 
ATOM   884  C CA  . SER A 1 117 ? -12.417 0.076   -1.225  1.00 35.05 ? 118 SER A CA  1 
ATOM   885  C C   . SER A 1 117 ? -13.677 0.975   -1.078  1.00 36.56 ? 118 SER A C   1 
ATOM   886  O O   . SER A 1 117 ? -14.411 0.822   -0.113  1.00 37.47 ? 118 SER A O   1 
ATOM   887  C CB  . SER A 1 117 ? -11.327 0.480   -0.228  1.00 34.90 ? 118 SER A CB  1 
ATOM   888  O OG  . SER A 1 117 ? -10.922 1.831   -0.364  1.00 32.10 ? 118 SER A OG  1 
ATOM   889  N N   . SER A 1 118 ? -13.945 1.869   -2.025  1.00 37.98 ? 119 SER A N   1 
ATOM   890  C CA  . SER A 1 118 ? -15.149 2.723   -1.980  1.00 39.54 ? 119 SER A CA  1 
ATOM   891  C C   . SER A 1 118 ? -16.436 1.940   -2.315  1.00 41.60 ? 119 SER A C   1 
ATOM   892  O O   . SER A 1 118 ? -17.510 2.329   -1.888  1.00 41.73 ? 119 SER A O   1 
ATOM   893  C CB  . SER A 1 118 ? -15.022 3.905   -2.946  1.00 39.06 ? 119 SER A CB  1 
ATOM   894  O OG  . SER A 1 118 ? -15.212 3.487   -4.293  1.00 37.04 ? 119 SER A OG  1 
ATOM   895  N N   . LYS A 1 119 ? -16.312 0.850   -3.080  1.00 44.09 ? 120 LYS A N   1 
ATOM   896  C CA  . LYS A 1 119 ? -17.445 -0.016  -3.423  1.00 46.43 ? 120 LYS A CA  1 
ATOM   897  C C   . LYS A 1 119 ? -17.796 -1.008  -2.311  1.00 48.29 ? 120 LYS A C   1 
ATOM   898  O O   . LYS A 1 119 ? -18.565 -1.919  -2.542  1.00 48.73 ? 120 LYS A O   1 
ATOM   899  C CB  . LYS A 1 119 ? -17.153 -0.800  -4.703  1.00 46.31 ? 120 LYS A CB  1 
ATOM   900  C CG  . LYS A 1 119 ? -16.921 0.072   -5.916  1.00 47.51 ? 120 LYS A CG  1 
ATOM   901  C CD  . LYS A 1 119 ? -18.160 0.867   -6.272  1.00 49.40 ? 120 LYS A CD  1 
ATOM   902  C CE  . LYS A 1 119 ? -18.189 1.180   -7.758  1.00 51.04 ? 120 LYS A CE  1 
ATOM   903  N NZ  . LYS A 1 119 ? -16.925 1.832   -8.226  1.00 51.21 ? 120 LYS A NZ  1 
ATOM   904  N N   . ASP A 1 120 ? -17.248 -0.819  -1.112  1.00 50.71 ? 121 ASP A N   1 
ATOM   905  C CA  . ASP A 1 120 ? -17.453 -1.749  -0.001  1.00 52.19 ? 121 ASP A CA  1 
ATOM   906  C C   . ASP A 1 120 ? -18.856 -1.597  0.623   1.00 52.50 ? 121 ASP A C   1 
ATOM   907  O O   . ASP A 1 120 ? -19.116 -0.686  1.416   1.00 53.65 ? 121 ASP A O   1 
ATOM   908  C CB  . ASP A 1 120 ? -16.341 -1.543  1.048   1.00 52.77 ? 121 ASP A CB  1 
ATOM   909  C CG  . ASP A 1 120 ? -16.012 -2.815  1.821   1.00 54.38 ? 121 ASP A CG  1 
ATOM   910  O OD1 . ASP A 1 120 ? -16.525 -3.898  1.435   1.00 58.05 ? 121 ASP A OD1 1 
ATOM   911  O OD2 . ASP A 1 120 ? -15.236 -2.725  2.811   1.00 52.45 ? 121 ASP A OD2 1 
ATOM   912  N N   . LYS A 1 123 ? -18.709 -2.551  4.989   1.00 49.42 ? 124 LYS A N   1 
ATOM   913  C CA  . LYS A 1 123 ? -17.260 -2.474  5.223   1.00 48.74 ? 124 LYS A CA  1 
ATOM   914  C C   . LYS A 1 123 ? -16.587 -3.872  5.280   1.00 47.51 ? 124 LYS A C   1 
ATOM   915  O O   . LYS A 1 123 ? -15.833 -4.142  6.205   1.00 47.74 ? 124 LYS A O   1 
ATOM   916  C CB  . LYS A 1 123 ? -16.990 -1.716  6.532   1.00 48.77 ? 124 LYS A CB  1 
ATOM   917  N N   . LEU A 1 124 ? -16.844 -4.740  4.293   1.00 46.07 ? 125 LEU A N   1 
ATOM   918  C CA  . LEU A 1 124 ? -16.329 -6.140  4.309   1.00 44.78 ? 125 LEU A CA  1 
ATOM   919  C C   . LEU A 1 124 ? -14.806 -6.279  4.180   1.00 43.05 ? 125 LEU A C   1 
ATOM   920  O O   . LEU A 1 124 ? -14.196 -7.176  4.793   1.00 43.27 ? 125 LEU A O   1 
ATOM   921  C CB  . LEU A 1 124 ? -16.981 -6.967  3.196   1.00 45.18 ? 125 LEU A CB  1 
ATOM   922  C CG  . LEU A 1 124 ? -16.475 -8.418  3.076   1.00 46.25 ? 125 LEU A CG  1 
ATOM   923  C CD1 . LEU A 1 124 ? -16.796 -9.253  4.342   1.00 46.18 ? 125 LEU A CD1 1 
ATOM   924  C CD2 . LEU A 1 124 ? -17.019 -9.083  1.833   1.00 47.30 ? 125 LEU A CD2 1 
ATOM   925  N N   . MET A 1 125 ? -14.208 -5.418  3.353   1.00 40.52 ? 126 MET A N   1 
ATOM   926  C CA  . MET A 1 125 ? -12.758 -5.349  3.172   1.00 38.58 ? 126 MET A CA  1 
ATOM   927  C C   . MET A 1 125 ? -12.043 -5.144  4.496   1.00 36.95 ? 126 MET A C   1 
ATOM   928  O O   . MET A 1 125 ? -11.080 -5.837  4.780   1.00 36.42 ? 126 MET A O   1 
ATOM   929  C CB  . MET A 1 125 ? -12.387 -4.211  2.201   1.00 38.76 ? 126 MET A CB  1 
ATOM   930  C CG  . MET A 1 125 ? -10.873 -4.048  1.915   1.00 38.47 ? 126 MET A CG  1 
ATOM   931  S SD  . MET A 1 125 ? -10.489 -3.241  0.326   1.00 33.98 ? 126 MET A SD  1 
ATOM   932  C CE  . MET A 1 125 ? -8.706  -3.506  0.249   1.00 34.51 ? 126 MET A CE  1 
ATOM   933  N N   . ILE A 1 126 ? -12.522 -4.193  5.296   1.00 35.71 ? 127 ILE A N   1 
ATOM   934  C CA  . ILE A 1 126 ? -11.936 -3.877  6.606   1.00 34.73 ? 127 ILE A CA  1 
ATOM   935  C C   . ILE A 1 126 ? -12.061 -5.103  7.557   1.00 33.98 ? 127 ILE A C   1 
ATOM   936  O O   . ILE A 1 126 ? -11.100 -5.435  8.260   1.00 32.18 ? 127 ILE A O   1 
ATOM   937  C CB  . ILE A 1 126 ? -12.570 -2.578  7.263   1.00 35.47 ? 127 ILE A CB  1 
ATOM   938  C CG1 . ILE A 1 126 ? -12.124 -1.293  6.513   1.00 36.31 ? 127 ILE A CG1 1 
ATOM   939  C CG2 . ILE A 1 126 ? -12.211 -2.455  8.780   1.00 32.47 ? 127 ILE A CG2 1 
ATOM   940  C CD1 . ILE A 1 126 ? -10.693 -0.765  6.931   1.00 35.81 ? 127 ILE A CD1 1 
ATOM   941  N N   . SER A 1 127 ? -13.208 -5.794  7.520   1.00 33.36 ? 128 SER A N   1 
ATOM   942  C CA  . SER A 1 127 ? -13.452 -6.976  8.394   1.00 32.59 ? 128 SER A CA  1 
ATOM   943  C C   . SER A 1 127 ? -12.509 -8.142  8.106   1.00 32.30 ? 128 SER A C   1 
ATOM   944  O O   . SER A 1 127 ? -11.999 -8.768  9.030   1.00 31.48 ? 128 SER A O   1 
ATOM   945  C CB  . SER A 1 127 ? -14.889 -7.478  8.242   1.00 32.71 ? 128 SER A CB  1 
ATOM   946  O OG  . SER A 1 127 ? -15.822 -6.503  8.676   1.00 33.06 ? 128 SER A OG  1 
ATOM   947  N N   . VAL A 1 128 ? -12.300 -8.432  6.815   1.00 32.12 ? 129 VAL A N   1 
ATOM   948  C CA  . VAL A 1 128 ? -11.436 -9.521  6.405   1.00 31.09 ? 129 VAL A CA  1 
ATOM   949  C C   . VAL A 1 128 ? -10.020 -9.173  6.820   1.00 30.53 ? 129 VAL A C   1 
ATOM   950  O O   . VAL A 1 128 ? -9.322  -9.973  7.454   1.00 30.79 ? 129 VAL A O   1 
ATOM   951  C CB  . VAL A 1 128 ? -11.542 -9.784  4.876   1.00 31.42 ? 129 VAL A CB  1 
ATOM   952  C CG1 . VAL A 1 128 ? -10.541 -10.821 4.439   1.00 31.22 ? 129 VAL A CG1 1 
ATOM   953  C CG2 . VAL A 1 128 ? -12.969 -10.234 4.513   1.00 31.29 ? 129 VAL A CG2 1 
ATOM   954  N N   . LEU A 1 129 ? -9.603  -7.962  6.482   1.00 29.89 ? 130 LEU A N   1 
ATOM   955  C CA  . LEU A 1 129 ? -8.226  -7.514  6.733   1.00 29.26 ? 130 LEU A CA  1 
ATOM   956  C C   . LEU A 1 129 ? -7.917  -7.548  8.249   1.00 29.27 ? 130 LEU A C   1 
ATOM   957  O O   . LEU A 1 129 ? -6.856  -8.031  8.698   1.00 28.67 ? 130 LEU A O   1 
ATOM   958  C CB  . LEU A 1 129 ? -8.004  -6.087  6.168   1.00 28.99 ? 130 LEU A CB  1 
ATOM   959  C CG  . LEU A 1 129 ? -7.594  -5.843  4.698   1.00 28.83 ? 130 LEU A CG  1 
ATOM   960  C CD1 . LEU A 1 129 ? -7.604  -4.341  4.405   1.00 27.64 ? 130 LEU A CD1 1 
ATOM   961  C CD2 . LEU A 1 129 ? -6.239  -6.455  4.338   1.00 25.81 ? 130 LEU A CD2 1 
ATOM   962  N N   . SER A 1 130 ? -8.855  -7.008  9.020   1.00 28.70 ? 131 SER A N   1 
ATOM   963  C CA  . SER A 1 130 ? -8.783  -7.056  10.459  1.00 29.54 ? 131 SER A CA  1 
ATOM   964  C C   . SER A 1 130 ? -8.672  -8.514  10.948  1.00 29.12 ? 131 SER A C   1 
ATOM   965  O O   . SER A 1 130 ? -7.809  -8.817  11.774  1.00 28.53 ? 131 SER A O   1 
ATOM   966  C CB  . SER A 1 130 ? -10.003 -6.361  11.079  1.00 30.26 ? 131 SER A CB  1 
ATOM   967  O OG  . SER A 1 130 ? -9.865  -6.443  12.474  1.00 32.90 ? 131 SER A OG  1 
ATOM   968  N N   . ALA A 1 131 ? -9.479  -9.413  10.366  1.00 28.50 ? 132 ALA A N   1 
ATOM   969  C CA  . ALA A 1 131 ? -9.477  -10.847 10.746  1.00 27.81 ? 132 ALA A CA  1 
ATOM   970  C C   . ALA A 1 131 ? -8.150  -11.504 10.415  1.00 27.89 ? 132 ALA A C   1 
ATOM   971  O O   . ALA A 1 131 ? -7.683  -12.358 11.188  1.00 28.23 ? 132 ALA A O   1 
ATOM   972  C CB  . ALA A 1 131 ? -10.644 -11.599 10.073  1.00 27.02 ? 132 ALA A CB  1 
ATOM   973  N N   . VAL A 1 132 ? -7.520  -11.098 9.293   1.00 26.73 ? 133 VAL A N   1 
ATOM   974  C CA  . VAL A 1 132 ? -6.257  -11.695 8.871   1.00 26.31 ? 133 VAL A CA  1 
ATOM   975  C C   . VAL A 1 132 ? -5.133  -11.079 9.657   1.00 27.03 ? 133 VAL A C   1 
ATOM   976  O O   . VAL A 1 132 ? -4.131  -11.752 9.918   1.00 27.36 ? 133 VAL A O   1 
ATOM   977  C CB  . VAL A 1 132 ? -5.974  -11.561 7.338   1.00 26.08 ? 133 VAL A CB  1 
ATOM   978  C CG1 . VAL A 1 132 ? -4.540  -12.043 6.993   1.00 24.09 ? 133 VAL A CG1 1 
ATOM   979  C CG2 . VAL A 1 132 ? -7.025  -12.313 6.516   1.00 25.75 ? 133 VAL A CG2 1 
ATOM   980  N N   . ALA A 1 133 ? -5.270  -9.804  10.016  1.00 27.15 ? 134 ALA A N   1 
ATOM   981  C CA  . ALA A 1 133 ? -4.288  -9.137  10.902  1.00 27.31 ? 134 ALA A CA  1 
ATOM   982  C C   . ALA A 1 133 ? -4.251  -9.834  12.267  1.00 27.65 ? 134 ALA A C   1 
ATOM   983  O O   . ALA A 1 133 ? -3.170  -10.002 12.849  1.00 28.15 ? 134 ALA A O   1 
ATOM   984  C CB  . ALA A 1 133 ? -4.591  -7.597  11.061  1.00 26.40 ? 134 ALA A CB  1 
ATOM   985  N N   . GLU A 1 134 ? -5.424  -10.242 12.765  1.00 28.32 ? 135 GLU A N   1 
ATOM   986  C CA  . GLU A 1 134 ? -5.517  -11.082 14.018  1.00 28.13 ? 135 GLU A CA  1 
ATOM   987  C C   . GLU A 1 134 ? -4.757  -12.444 13.890  1.00 28.75 ? 135 GLU A C   1 
ATOM   988  O O   . GLU A 1 134 ? -4.039  -12.872 14.827  1.00 29.42 ? 135 GLU A O   1 
ATOM   989  C CB  . GLU A 1 134 ? -6.979  -11.275 14.410  1.00 27.08 ? 135 GLU A CB  1 
ATOM   990  N N   . ILE A 1 135 ? -4.843  -13.083 12.714  1.00 28.54 ? 136 ILE A N   1 
ATOM   991  C CA  . ILE A 1 135 ? -4.030  -14.249 12.450  1.00 28.84 ? 136 ILE A CA  1 
ATOM   992  C C   . ILE A 1 135 ? -2.554  -13.916 12.643  1.00 30.09 ? 136 ILE A C   1 
ATOM   993  O O   . ILE A 1 135 ? -1.876  -14.623 13.372  1.00 31.42 ? 136 ILE A O   1 
ATOM   994  C CB  . ILE A 1 135 ? -4.253  -14.878 11.065  1.00 28.09 ? 136 ILE A CB  1 
ATOM   995  C CG1 . ILE A 1 135 ? -5.701  -15.360 10.912  1.00 27.63 ? 136 ILE A CG1 1 
ATOM   996  C CG2 . ILE A 1 135 ? -3.266  -16.056 10.872  1.00 26.78 ? 136 ILE A CG2 1 
ATOM   997  C CD1 . ILE A 1 135 ? -6.134  -15.728 9.474   1.00 24.98 ? 136 ILE A CD1 1 
ATOM   998  N N   . GLU A 1 136 ? -2.073  -12.826 12.052  1.00 32.04 ? 137 GLU A N   1 
ATOM   999  C CA  . GLU A 1 136 ? -0.641  -12.468 12.084  1.00 32.97 ? 137 GLU A CA  1 
ATOM   1000 C C   . GLU A 1 136 ? -0.171  -12.146 13.497  1.00 33.60 ? 137 GLU A C   1 
ATOM   1001 O O   . GLU A 1 136 ? 0.938   -12.530 13.881  1.00 32.43 ? 137 GLU A O   1 
ATOM   1002 C CB  . GLU A 1 136 ? -0.345  -11.226 11.227  1.00 34.04 ? 137 GLU A CB  1 
ATOM   1003 C CG  . GLU A 1 136 ? -0.821  -11.287 9.757   1.00 36.58 ? 137 GLU A CG  1 
ATOM   1004 C CD  . GLU A 1 136 ? -0.623  -9.962  8.986   1.00 41.17 ? 137 GLU A CD  1 
ATOM   1005 O OE1 . GLU A 1 136 ? -0.748  -8.843  9.601   1.00 41.17 ? 137 GLU A OE1 1 
ATOM   1006 O OE2 . GLU A 1 136 ? -0.363  -10.059 7.743   1.00 41.63 ? 137 GLU A OE2 1 
ATOM   1007 N N   . ARG A 1 137 ? -0.985  -11.380 14.236  1.00 34.25 ? 138 ARG A N   1 
ATOM   1008 C CA  . ARG A 1 137 ? -0.657  -11.012 15.621  1.00 35.87 ? 138 ARG A CA  1 
ATOM   1009 C C   . ARG A 1 137 ? -0.496  -12.262 16.480  1.00 35.06 ? 138 ARG A C   1 
ATOM   1010 O O   . ARG A 1 137 ? 0.461   -12.374 17.208  1.00 34.91 ? 138 ARG A O   1 
ATOM   1011 C CB  . ARG A 1 137 ? -1.726  -10.117 16.255  1.00 36.60 ? 138 ARG A CB  1 
ATOM   1012 C CG  . ARG A 1 137 ? -1.713  -8.659  15.767  1.00 41.29 ? 138 ARG A CG  1 
ATOM   1013 C CD  . ARG A 1 137 ? -2.553  -7.742  16.694  1.00 46.25 ? 138 ARG A CD  1 
ATOM   1014 N NE  . ARG A 1 137 ? -3.953  -7.711  16.287  1.00 50.33 ? 138 ARG A NE  1 
ATOM   1015 C CZ  . ARG A 1 137 ? -4.421  -6.990  15.268  1.00 53.95 ? 138 ARG A CZ  1 
ATOM   1016 N NH1 . ARG A 1 137 ? -3.602  -6.220  14.539  1.00 55.42 ? 138 ARG A NH1 1 
ATOM   1017 N NH2 . ARG A 1 137 ? -5.716  -7.037  14.970  1.00 54.62 ? 138 ARG A NH2 1 
ATOM   1018 N N   . GLU A 1 138 ? -1.427  -13.198 16.350  1.00 34.91 ? 139 GLU A N   1 
ATOM   1019 C CA  . GLU A 1 138 ? -1.384  -14.424 17.108  1.00 36.03 ? 139 GLU A CA  1 
ATOM   1020 C C   . GLU A 1 138 ? -0.214  -15.332 16.731  1.00 35.80 ? 139 GLU A C   1 
ATOM   1021 O O   . GLU A 1 138 ? 0.394   -15.927 17.595  1.00 35.84 ? 139 GLU A O   1 
ATOM   1022 C CB  . GLU A 1 138 ? -2.668  -15.204 16.949  1.00 36.45 ? 139 GLU A CB  1 
ATOM   1023 C CG  . GLU A 1 138 ? -2.784  -16.222 18.011  1.00 40.85 ? 139 GLU A CG  1 
ATOM   1024 C CD  . GLU A 1 138 ? -4.145  -16.799 18.113  1.00 45.81 ? 139 GLU A CD  1 
ATOM   1025 O OE1 . GLU A 1 138 ? -4.929  -16.701 17.132  1.00 49.37 ? 139 GLU A OE1 1 
ATOM   1026 O OE2 . GLU A 1 138 ? -4.424  -17.359 19.187  1.00 47.98 ? 139 GLU A OE2 1 
ATOM   1027 N N   . ASN A 1 139 ? 0.111   -15.435 15.449  1.00 35.21 ? 140 ASN A N   1 
ATOM   1028 C CA  . ASN A 1 139 ? 1.370   -16.037 15.063  1.00 35.24 ? 140 ASN A CA  1 
ATOM   1029 C C   . ASN A 1 139 ? 2.590   -15.425 15.755  1.00 35.03 ? 140 ASN A C   1 
ATOM   1030 O O   . ASN A 1 139 ? 3.498   -16.153 16.136  1.00 35.68 ? 140 ASN A O   1 
ATOM   1031 C CB  . ASN A 1 139 ? 1.538   -16.022 13.548  1.00 35.27 ? 140 ASN A CB  1 
ATOM   1032 C CG  . ASN A 1 139 ? 0.650   -17.036 12.878  1.00 36.28 ? 140 ASN A CG  1 
ATOM   1033 O OD1 . ASN A 1 139 ? 0.168   -17.966 13.522  1.00 38.31 ? 140 ASN A OD1 1 
ATOM   1034 N ND2 . ASN A 1 139 ? 0.413   -16.863 11.597  1.00 36.62 ? 140 ASN A ND2 1 
ATOM   1035 N N   . ILE A 1 140 ? 2.608   -14.114 15.925  1.00 35.44 ? 141 ILE A N   1 
ATOM   1036 C CA  . ILE A 1 140 ? 3.723   -13.419 16.609  1.00 35.84 ? 141 ILE A CA  1 
ATOM   1037 C C   . ILE A 1 140 ? 3.774   -13.782 18.109  1.00 36.08 ? 141 ILE A C   1 
ATOM   1038 O O   . ILE A 1 140 ? 4.851   -14.093 18.637  1.00 35.43 ? 141 ILE A O   1 
ATOM   1039 C CB  . ILE A 1 140 ? 3.673   -11.858 16.393  1.00 35.81 ? 141 ILE A CB  1 
ATOM   1040 C CG1 . ILE A 1 140 ? 4.151   -11.472 14.969  1.00 36.64 ? 141 ILE A CG1 1 
ATOM   1041 C CG2 . ILE A 1 140 ? 4.499   -11.110 17.456  1.00 35.33 ? 141 ILE A CG2 1 
ATOM   1042 C CD1 . ILE A 1 140 ? 5.657   -11.594 14.740  1.00 38.24 ? 141 ILE A CD1 1 
ATOM   1043 N N   . ARG A 1 141 ? 2.625   -13.725 18.786  1.00 36.59 ? 142 ARG A N   1 
ATOM   1044 C CA  . ARG A 1 141 ? 2.512   -14.197 20.197  1.00 37.29 ? 142 ARG A CA  1 
ATOM   1045 C C   . ARG A 1 141 ? 3.018   -15.661 20.387  1.00 36.74 ? 142 ARG A C   1 
ATOM   1046 O O   . ARG A 1 141 ? 3.735   -15.963 21.339  1.00 35.41 ? 142 ARG A O   1 
ATOM   1047 C CB  . ARG A 1 141 ? 1.057   -14.044 20.720  1.00 37.64 ? 142 ARG A CB  1 
ATOM   1048 C CG  . ARG A 1 141 ? 0.572   -12.556 20.769  1.00 41.55 ? 142 ARG A CG  1 
ATOM   1049 C CD  . ARG A 1 141 ? -0.738  -12.321 21.532  1.00 45.46 ? 142 ARG A CD  1 
ATOM   1050 N NE  . ARG A 1 141 ? -1.895  -12.876 20.819  1.00 50.72 ? 142 ARG A NE  1 
ATOM   1051 C CZ  . ARG A 1 141 ? -2.790  -12.187 20.091  1.00 51.79 ? 142 ARG A CZ  1 
ATOM   1052 N NH1 . ARG A 1 141 ? -2.725  -10.865 19.958  1.00 52.22 ? 142 ARG A NH1 1 
ATOM   1053 N NH2 . ARG A 1 141 ? -3.781  -12.842 19.491  1.00 52.29 ? 142 ARG A NH2 1 
ATOM   1054 N N   . ILE A 1 142 ? 2.631   -16.554 19.480  1.00 36.04 ? 143 ILE A N   1 
ATOM   1055 C CA  . ILE A 1 142 ? 3.054   -17.960 19.544  1.00 36.47 ? 143 ILE A CA  1 
ATOM   1056 C C   . ILE A 1 142 ? 4.577   -18.088 19.376  1.00 36.78 ? 143 ILE A C   1 
ATOM   1057 O O   . ILE A 1 142 ? 5.230   -18.829 20.135  1.00 36.67 ? 143 ILE A O   1 
ATOM   1058 C CB  . ILE A 1 142 ? 2.303   -18.838 18.494  1.00 36.32 ? 143 ILE A CB  1 
ATOM   1059 C CG1 . ILE A 1 142 ? 0.836   -19.005 18.898  1.00 35.99 ? 143 ILE A CG1 1 
ATOM   1060 C CG2 . ILE A 1 142 ? 2.984   -20.186 18.300  1.00 36.31 ? 143 ILE A CG2 1 
ATOM   1061 C CD1 . ILE A 1 142 ? 0.000   -19.715 17.853  1.00 37.34 ? 143 ILE A CD1 1 
ATOM   1062 N N   . GLN A 1 143 ? 5.145   -17.341 18.424  1.00 36.25 ? 144 GLN A N   1 
ATOM   1063 C CA  . GLN A 1 143 ? 6.607   -17.327 18.253  1.00 36.57 ? 144 GLN A CA  1 
ATOM   1064 C C   . GLN A 1 143 ? 7.311   -16.759 19.500  1.00 35.20 ? 144 GLN A C   1 
ATOM   1065 O O   . GLN A 1 143 ? 8.320   -17.295 19.935  1.00 34.11 ? 144 GLN A O   1 
ATOM   1066 C CB  . GLN A 1 143 ? 7.022   -16.529 17.015  1.00 36.85 ? 144 GLN A CB  1 
ATOM   1067 C CG  . GLN A 1 143 ? 6.543   -17.137 15.700  1.00 41.15 ? 144 GLN A CG  1 
ATOM   1068 C CD  . GLN A 1 143 ? 6.627   -16.168 14.506  1.00 46.19 ? 144 GLN A CD  1 
ATOM   1069 O OE1 . GLN A 1 143 ? 7.240   -15.093 14.599  1.00 50.72 ? 144 GLN A OE1 1 
ATOM   1070 N NE2 . GLN A 1 143 ? 6.003   -16.551 13.378  1.00 48.39 ? 144 GLN A NE2 1 
ATOM   1071 N N   . THR A 1 144 ? 6.785   -15.676 20.067  1.00 34.75 ? 145 THR A N   1 
ATOM   1072 C CA  . THR A 1 144 ? 7.364   -15.114 21.302  1.00 34.86 ? 145 THR A CA  1 
ATOM   1073 C C   . THR A 1 144 ? 7.266   -16.126 22.460  1.00 34.87 ? 145 THR A C   1 
ATOM   1074 O O   . THR A 1 144 ? 8.227   -16.318 23.175  1.00 33.64 ? 145 THR A O   1 
ATOM   1075 C CB  . THR A 1 144 ? 6.710   -13.779 21.741  1.00 35.12 ? 145 THR A CB  1 
ATOM   1076 O OG1 . THR A 1 144 ? 6.674   -12.850 20.644  1.00 36.03 ? 145 THR A OG1 1 
ATOM   1077 C CG2 . THR A 1 144 ? 7.484   -13.164 22.902  1.00 33.58 ? 145 THR A CG2 1 
ATOM   1078 N N   . MET A 1 145 ? 6.119   -16.789 22.601  1.00 35.26 ? 146 MET A N   1 
ATOM   1079 C CA  . MET A 1 145 ? 5.950   -17.792 23.637  1.00 36.69 ? 146 MET A CA  1 
ATOM   1080 C C   . MET A 1 145 ? 6.956   -18.965 23.480  1.00 37.88 ? 146 MET A C   1 
ATOM   1081 O O   . MET A 1 145 ? 7.601   -19.370 24.462  1.00 37.25 ? 146 MET A O   1 
ATOM   1082 C CB  . MET A 1 145 ? 4.509   -18.294 23.663  1.00 36.75 ? 146 MET A CB  1 
ATOM   1083 C CG  . MET A 1 145 ? 4.118   -19.175 24.889  1.00 37.63 ? 146 MET A CG  1 
ATOM   1084 S SD  . MET A 1 145 ? 2.385   -19.730 24.790  1.00 37.66 ? 146 MET A SD  1 
ATOM   1085 C CE  . MET A 1 145 ? 1.749   -18.207 24.030  1.00 32.33 ? 146 MET A CE  1 
ATOM   1086 N N   . GLU A 1 146 ? 7.095   -19.491 22.257  1.00 39.17 ? 147 GLU A N   1 
ATOM   1087 C CA  . GLU A 1 146 ? 8.083   -20.543 21.963  1.00 39.78 ? 147 GLU A CA  1 
ATOM   1088 C C   . GLU A 1 146 ? 9.488   -20.072 22.245  1.00 39.42 ? 147 GLU A C   1 
ATOM   1089 O O   . GLU A 1 146 ? 10.265  -20.803 22.844  1.00 39.53 ? 147 GLU A O   1 
ATOM   1090 C CB  . GLU A 1 146 ? 7.986   -21.029 20.518  1.00 40.71 ? 147 GLU A CB  1 
ATOM   1091 C CG  . GLU A 1 146 ? 6.850   -22.021 20.281  1.00 44.40 ? 147 GLU A CG  1 
ATOM   1092 C CD  . GLU A 1 146 ? 7.113   -23.451 20.815  1.00 49.68 ? 147 GLU A CD  1 
ATOM   1093 O OE1 . GLU A 1 146 ? 6.620   -24.404 20.140  1.00 53.59 ? 147 GLU A OE1 1 
ATOM   1094 O OE2 . GLU A 1 146 ? 7.784   -23.641 21.881  1.00 50.46 ? 147 GLU A OE2 1 
ATOM   1095 N N   . GLY A 1 147 ? 9.811   -18.844 21.849  1.00 39.09 ? 148 GLY A N   1 
ATOM   1096 C CA  . GLY A 1 147 ? 11.095  -18.228 22.214  1.00 39.09 ? 148 GLY A CA  1 
ATOM   1097 C C   . GLY A 1 147 ? 11.355  -18.083 23.721  1.00 39.61 ? 148 GLY A C   1 
ATOM   1098 O O   . GLY A 1 147 ? 12.511  -18.222 24.168  1.00 40.01 ? 148 GLY A O   1 
ATOM   1099 N N   . CYS A 1 148 ? 10.319  -17.785 24.521  1.00 39.22 ? 149 CYS A N   1 
ATOM   1100 C CA  . CYS A 1 148 ? 10.487  -17.768 25.986  1.00 39.58 ? 149 CYS A CA  1 
ATOM   1101 C C   . CYS A 1 148 ? 10.746  -19.177 26.534  1.00 39.81 ? 149 CYS A C   1 
ATOM   1102 O O   . CYS A 1 148 ? 11.546  -19.333 27.437  1.00 39.48 ? 149 CYS A O   1 
ATOM   1103 C CB  . CYS A 1 148 ? 9.285   -17.172 26.714  1.00 39.29 ? 149 CYS A CB  1 
ATOM   1104 S SG  . CYS A 1 148 ? 8.991   -15.421 26.408  1.00 40.70 ? 149 CYS A SG  1 
ATOM   1105 N N   . ILE A 1 149 ? 10.063  -20.184 26.002  1.00 40.67 ? 150 ILE A N   1 
ATOM   1106 C CA  . ILE A 1 149 ? 10.357  -21.570 26.384  1.00 42.23 ? 150 ILE A CA  1 
ATOM   1107 C C   . ILE A 1 149 ? 11.844  -21.925 26.179  1.00 43.94 ? 150 ILE A C   1 
ATOM   1108 O O   . ILE A 1 149 ? 12.493  -22.501 27.083  1.00 44.34 ? 150 ILE A O   1 
ATOM   1109 C CB  . ILE A 1 149 ? 9.460   -22.580 25.656  1.00 42.09 ? 150 ILE A CB  1 
ATOM   1110 C CG1 . ILE A 1 149 ? 8.026   -22.484 26.213  1.00 41.74 ? 150 ILE A CG1 1 
ATOM   1111 C CG2 . ILE A 1 149 ? 10.034  -23.986 25.834  1.00 40.89 ? 150 ILE A CG2 1 
ATOM   1112 C CD1 . ILE A 1 149 ? 6.935   -22.990 25.276  1.00 42.98 ? 150 ILE A CD1 1 
ATOM   1113 N N   . GLN A 1 150 ? 12.378  -21.526 25.023  1.00 45.08 ? 151 GLN A N   1 
ATOM   1114 C CA  . GLN A 1 150 ? 13.757  -21.800 24.645  1.00 46.47 ? 151 GLN A CA  1 
ATOM   1115 C C   . GLN A 1 150 ? 14.750  -21.041 25.522  1.00 48.03 ? 151 GLN A C   1 
ATOM   1116 O O   . GLN A 1 150 ? 15.689  -21.638 26.029  1.00 48.88 ? 151 GLN A O   1 
ATOM   1117 C CB  . GLN A 1 150 ? 13.989  -21.454 23.159  1.00 46.35 ? 151 GLN A CB  1 
ATOM   1118 N N   . LYS A 1 151 ? 14.559  -19.731 25.705  1.00 49.88 ? 152 LYS A N   1 
ATOM   1119 C CA  . LYS A 1 151 ? 15.462  -18.936 26.547  1.00 51.01 ? 152 LYS A CA  1 
ATOM   1120 C C   . LYS A 1 151 ? 15.469  -19.476 27.991  1.00 52.30 ? 152 LYS A C   1 
ATOM   1121 O O   . LYS A 1 151 ? 16.497  -19.375 28.697  1.00 53.02 ? 152 LYS A O   1 
ATOM   1122 C CB  . LYS A 1 151 ? 15.115  -17.433 26.485  1.00 51.23 ? 152 LYS A CB  1 
ATOM   1123 N N   . ALA A 1 152 ? 14.353  -20.094 28.395  1.00 53.24 ? 153 ALA A N   1 
ATOM   1124 C CA  . ALA A 1 152 ? 14.242  -20.795 29.686  1.00 54.26 ? 153 ALA A CA  1 
ATOM   1125 C C   . ALA A 1 152 ? 15.139  -22.036 29.835  1.00 55.46 ? 153 ALA A C   1 
ATOM   1126 O O   . ALA A 1 152 ? 15.354  -22.476 30.958  1.00 55.90 ? 153 ALA A O   1 
ATOM   1127 C CB  . ALA A 1 152 ? 12.761  -21.186 29.988  1.00 53.20 ? 153 ALA A CB  1 
ATOM   1128 N N   . ARG A 1 153 ? 15.621  -22.638 28.745  1.00 57.13 ? 154 ARG A N   1 
ATOM   1129 C CA  . ARG A 1 153 ? 16.561  -23.797 28.860  1.00 57.86 ? 154 ARG A CA  1 
ATOM   1130 C C   . ARG A 1 153 ? 18.011  -23.292 28.915  1.00 58.41 ? 154 ARG A C   1 
ATOM   1131 O O   . ARG A 1 153 ? 18.874  -23.964 29.483  1.00 59.05 ? 154 ARG A O   1 
ATOM   1132 C CB  . ARG A 1 153 ? 16.374  -24.800 27.714  1.00 58.15 ? 154 ARG A CB  1 
ATOM   1133 C CG  . ARG A 1 153 ? 14.957  -25.361 27.571  1.00 58.85 ? 154 ARG A CG  1 
ATOM   1134 C CD  . ARG A 1 153 ? 14.653  -25.828 26.116  1.00 60.06 ? 154 ARG A CD  1 
ATOM   1135 N NE  . ARG A 1 153 ? 15.122  -27.200 25.819  1.00 61.87 ? 154 ARG A NE  1 
ATOM   1136 C CZ  . ARG A 1 153 ? 15.874  -27.588 24.774  1.00 60.85 ? 154 ARG A CZ  1 
ATOM   1137 N NH1 . ARG A 1 153 ? 16.299  -26.726 23.843  1.00 60.65 ? 154 ARG A NH1 1 
ATOM   1138 N NH2 . ARG A 1 153 ? 16.203  -28.870 24.657  1.00 58.71 ? 154 ARG A NH2 1 
ATOM   1139 N N   . GLU A 1 154 ? 18.241  -22.104 28.330  1.00 59.14 ? 155 GLU A N   1 
ATOM   1140 C CA  . GLU A 1 154 ? 19.522  -21.363 28.347  1.00 59.65 ? 155 GLU A CA  1 
ATOM   1141 C C   . GLU A 1 154 ? 19.476  -20.116 29.259  1.00 60.09 ? 155 GLU A C   1 
ATOM   1142 O O   . GLU A 1 154 ? 18.902  -20.121 30.373  1.00 60.46 ? 155 GLU A O   1 
ATOM   1143 C CB  . GLU A 1 154 ? 19.902  -20.920 26.920  1.00 59.38 ? 155 GLU A CB  1 
HETATM 1144 O O   . HOH B 2 .   ? 3.701   6.443   -9.330  1.00 32.67 ? 1   HOH A O   1 
HETATM 1145 O O   . HOH B 2 .   ? -1.035  -8.097  -3.849  1.00 31.88 ? 169 HOH A O   1 
HETATM 1146 O O   . HOH B 2 .   ? 7.162   -3.449  -8.404  1.00 42.88 ? 170 HOH A O   1 
HETATM 1147 O O   . HOH B 2 .   ? 1.878   0.027   -6.870  1.00 22.06 ? 171 HOH A O   1 
HETATM 1148 O O   . HOH B 2 .   ? -11.394 13.965  -6.009  1.00 27.75 ? 172 HOH A O   1 
HETATM 1149 O O   . HOH B 2 .   ? 4.055   -0.747  -8.085  1.00 24.84 ? 173 HOH A O   1 
HETATM 1150 O O   . HOH B 2 .   ? 12.515  -9.407  -10.417 1.00 36.46 ? 174 HOH A O   1 
HETATM 1151 O O   . HOH B 2 .   ? 8.001   10.080  -5.454  1.00 32.52 ? 175 HOH A O   1 
HETATM 1152 O O   . HOH B 2 .   ? 14.984  5.103   -4.642  1.00 42.28 ? 176 HOH A O   1 
HETATM 1153 O O   . HOH B 2 .   ? -6.413  15.221  -0.547  1.00 48.76 ? 177 HOH A O   1 
HETATM 1154 O O   . HOH B 2 .   ? -3.785  15.607  -0.927  1.00 26.75 ? 178 HOH A O   1 
HETATM 1155 O O   . HOH B 2 .   ? 2.726   -12.907 11.770  1.00 44.16 ? 179 HOH A O   1 
HETATM 1156 O O   . HOH B 2 .   ? -12.892 8.008   -1.773  1.00 33.04 ? 180 HOH A O   1 
HETATM 1157 O O   . HOH B 2 .   ? 15.238  -4.021  -13.218 1.00 24.83 ? 181 HOH A O   1 
HETATM 1158 O O   . HOH B 2 .   ? 9.811   3.748   -14.183 1.00 44.58 ? 182 HOH A O   1 
HETATM 1159 O O   . HOH B 2 .   ? 21.692  4.401   -6.014  1.00 40.25 ? 183 HOH A O   1 
HETATM 1160 O O   . HOH B 2 .   ? -13.142 -8.814  11.469  1.00 39.22 ? 184 HOH A O   1 
HETATM 1161 O O   . HOH B 2 .   ? 1.576   -8.015  10.907  1.00 34.33 ? 185 HOH A O   1 
HETATM 1162 O O   . HOH B 2 .   ? -10.845 -9.005  13.415  1.00 49.51 ? 186 HOH A O   1 
HETATM 1163 O O   . HOH B 2 .   ? 1.663   -12.106 7.083   0.50 20.92 ? 187 HOH A O   1 
HETATM 1164 O O   . HOH B 2 .   ? -11.571 5.097   9.061   1.00 36.15 ? 188 HOH A O   1 
HETATM 1165 O O   . HOH B 2 .   ? -3.422  -2.886  11.919  1.00 40.18 ? 189 HOH A O   1 
HETATM 1166 O O   . HOH B 2 .   ? 1.405   -20.285 14.563  1.00 39.23 ? 190 HOH A O   1 
HETATM 1167 O O   . HOH B 2 .   ? -7.687  17.039  6.368   1.00 43.40 ? 191 HOH A O   1 
HETATM 1168 O O   . HOH B 2 .   ? 12.500  6.355   -5.592  1.00 38.48 ? 192 HOH A O   1 
HETATM 1169 O O   . HOH B 2 .   ? 4.288   -11.351 21.777  1.00 52.18 ? 193 HOH A O   1 
HETATM 1170 O O   . HOH B 2 .   ? -13.854 -4.048  -5.373  1.00 40.77 ? 194 HOH A O   1 
HETATM 1171 O O   . HOH B 2 .   ? 0.472   -4.153  -17.837 1.00 62.08 ? 195 HOH A O   1 
HETATM 1172 O O   . HOH B 2 .   ? 6.731   -9.137  22.683  1.00 53.38 ? 196 HOH A O   1 
HETATM 1173 O O   . HOH B 2 .   ? 9.171   -10.154 22.915  1.00 46.67 ? 197 HOH A O   1 
# 
